data_9HJG
#
_entry.id   9HJG
#
_cell.length_a   93.593
_cell.length_b   84.551
_cell.length_c   124.667
_cell.angle_alpha   90.00
_cell.angle_beta   102.62
_cell.angle_gamma   90.00
#
_symmetry.space_group_name_H-M   'P 1 21 1'
#
loop_
_entity.id
_entity.type
_entity.pdbx_description
1 polymer "5'-nucleotidase"
2 non-polymer 'ZINC ION'
3 non-polymer '[5-[2-chloranyl-6-[methyl-(phenylmethyl)amino]purin-9-yl]pentoxy-oxidanyl-phosphoryl]methylphosphonic acid'
4 non-polymer 'CHLORIDE ION'
5 non-polymer 'CALCIUM ION'
#
_entity_poly.entity_id   1
_entity_poly.type   'polypeptide(L)'
_entity_poly.pdbx_seq_one_letter_code
;WELTILHTNDVHSRLEQTSEDSSKCVDASRCMGGVARLFTKVQQIRRAEPNVLLLDAGDQYQGTIWFTVYKGAEVAHFMN
ALRYDAMALGNHEFDNGVEGLIEPLLKEAKFPILSANIKAKGPLASQISGLYLPYKVLPVGDEVVGIVGYTSKETPFLSN
PGTNLVFEDEITALQPEVDKLKTLNVNKIIALGHSGFEMDKLIAQKVRGVDVVVGGHSNTFLYTGNPPSKEVPAGKYPFI
VTSDDGRKVPVVQAYAFGKYLGYLKIEFDERGNVISSHGNPILLDSSIPEDPSIKADINKWRIKLDDYSTQELGKTIVYL
DGSSQSCRFRECNMGNLICDAMINNNLRHTDEMFWNHVSMCILNGGGIRSPIDERNDGTITWENLAAVLPFGGTFDLVQL
KGSTLKKAFEHSVHRYGQSTGEFLQVGGIHVVYDLSRKPGDRVVKLDVLCTKCRVPSYDPLKMDEVYKVILPNFLANGGD
GFQMIKDELLRHDSGDQDINVVSTYISKMKVIYPAVEGRIKFSGGGGAGGGGGTDDDDKWSHPQFEK
;
_entity_poly.pdbx_strand_id   A,B,C,D
#
loop_
_chem_comp.id
_chem_comp.type
_chem_comp.name
_chem_comp.formula
A1IVH non-polymer '[5-[2-chloranyl-6-[methyl-(phenylmethyl)amino]purin-9-yl]pentoxy-oxidanyl-phosphoryl]methylphosphonic acid' 'C19 H26 Cl N5 O6 P2'
CA non-polymer 'CALCIUM ION' 'Ca 2'
CL non-polymer 'CHLORIDE ION' 'Cl -1'
ZN non-polymer 'ZINC ION' 'Zn 2'
#
# COMPACT_ATOMS: atom_id res chain seq x y z
N TRP A 1 -62.18 -31.42 -35.61
CA TRP A 1 -60.81 -31.82 -35.31
C TRP A 1 -60.18 -30.86 -34.30
N GLU A 2 -59.91 -31.35 -33.09
CA GLU A 2 -59.40 -30.52 -32.01
C GLU A 2 -57.89 -30.63 -31.92
N LEU A 3 -57.21 -29.49 -31.88
CA LEU A 3 -55.76 -29.44 -31.72
C LEU A 3 -55.42 -28.88 -30.34
N THR A 4 -54.45 -29.49 -29.67
CA THR A 4 -53.94 -29.02 -28.40
C THR A 4 -52.51 -28.52 -28.64
N ILE A 5 -52.31 -27.22 -28.42
CA ILE A 5 -51.01 -26.58 -28.59
C ILE A 5 -50.40 -26.37 -27.21
N LEU A 6 -49.20 -26.89 -27.00
CA LEU A 6 -48.41 -26.61 -25.81
C LEU A 6 -47.25 -25.71 -26.23
N HIS A 7 -47.10 -24.59 -25.56
CA HIS A 7 -46.09 -23.64 -25.99
C HIS A 7 -45.35 -23.02 -24.81
N THR A 8 -44.06 -22.82 -25.02
CA THR A 8 -43.17 -22.14 -24.09
C THR A 8 -42.45 -21.02 -24.84
N ASN A 9 -41.98 -20.02 -24.10
CA ASN A 9 -41.26 -18.91 -24.72
C ASN A 9 -40.40 -18.24 -23.67
N ASP A 10 -39.29 -17.67 -24.12
CA ASP A 10 -38.38 -16.95 -23.24
C ASP A 10 -38.02 -17.79 -22.01
N VAL A 11 -37.65 -19.04 -22.26
CA VAL A 11 -37.22 -19.90 -21.17
C VAL A 11 -35.92 -19.41 -20.56
N HIS A 12 -34.96 -19.04 -21.39
CA HIS A 12 -33.71 -18.40 -20.97
C HIS A 12 -32.95 -19.24 -19.96
N SER A 13 -32.54 -20.42 -20.41
CA SER A 13 -31.65 -21.33 -19.70
C SER A 13 -32.19 -21.74 -18.33
N ARG A 14 -33.51 -21.68 -18.14
CA ARG A 14 -34.15 -22.16 -16.91
C ARG A 14 -34.39 -23.68 -17.02
N LEU A 15 -33.28 -24.40 -17.20
CA LEU A 15 -33.39 -25.85 -17.38
C LEU A 15 -33.75 -26.53 -16.07
N GLU A 16 -33.14 -26.11 -14.97
CA GLU A 16 -33.45 -26.67 -13.66
C GLU A 16 -34.65 -25.95 -13.05
N GLN A 17 -35.38 -26.68 -12.21
CA GLN A 17 -36.46 -26.07 -11.44
C GLN A 17 -35.91 -24.88 -10.64
N THR A 18 -36.75 -23.86 -10.49
CA THR A 18 -36.35 -22.60 -9.87
C THR A 18 -37.25 -22.26 -8.68
N SER A 19 -36.85 -21.21 -7.97
CA SER A 19 -37.72 -20.56 -6.99
C SER A 19 -38.91 -19.91 -7.71
N GLU A 20 -39.84 -19.34 -6.95
CA GLU A 20 -41.00 -18.75 -7.63
C GLU A 20 -40.62 -17.46 -8.35
N ASP A 21 -39.49 -16.86 -8.02
CA ASP A 21 -38.98 -15.69 -8.75
C ASP A 21 -38.05 -16.08 -9.89
N SER A 22 -37.94 -17.37 -10.20
CA SER A 22 -37.15 -17.88 -11.32
C SER A 22 -35.64 -17.81 -11.06
N SER A 23 -35.25 -17.66 -9.79
CA SER A 23 -33.87 -17.67 -9.35
C SER A 23 -33.51 -19.07 -8.86
N LYS A 24 -32.29 -19.21 -8.34
CA LYS A 24 -31.81 -20.50 -7.88
C LYS A 24 -32.84 -21.17 -6.97
N CYS A 25 -33.11 -22.44 -7.25
CA CYS A 25 -33.98 -23.22 -6.38
C CYS A 25 -33.21 -23.55 -5.12
N VAL A 26 -33.78 -23.21 -3.97
CA VAL A 26 -33.16 -23.51 -2.68
C VAL A 26 -34.06 -24.50 -1.96
N ASP A 27 -35.23 -24.02 -1.52
CA ASP A 27 -36.23 -24.88 -0.87
C ASP A 27 -36.91 -25.72 -1.94
N ALA A 28 -36.36 -26.91 -2.18
CA ALA A 28 -36.80 -27.74 -3.30
C ALA A 28 -38.28 -28.12 -3.21
N SER A 29 -38.87 -28.08 -2.01
CA SER A 29 -40.28 -28.44 -1.88
C SER A 29 -41.20 -27.38 -2.50
N ARG A 30 -40.71 -26.16 -2.70
CA ARG A 30 -41.52 -25.05 -3.18
C ARG A 30 -41.00 -24.50 -4.50
N CYS A 31 -40.27 -25.32 -5.26
CA CYS A 31 -39.72 -24.93 -6.55
C CYS A 31 -40.66 -25.33 -7.68
N MET A 32 -40.41 -24.74 -8.86
CA MET A 32 -41.32 -24.86 -9.98
C MET A 32 -40.54 -24.89 -11.29
N GLY A 33 -41.25 -25.14 -12.39
CA GLY A 33 -40.65 -25.09 -13.70
C GLY A 33 -39.59 -26.17 -13.89
N GLY A 34 -38.68 -25.91 -14.82
CA GLY A 34 -37.67 -26.87 -15.18
C GLY A 34 -38.10 -27.77 -16.32
N VAL A 35 -37.11 -28.30 -17.03
CA VAL A 35 -37.41 -29.16 -18.16
C VAL A 35 -38.01 -30.48 -17.69
N ALA A 36 -37.50 -31.01 -16.57
CA ALA A 36 -37.98 -32.31 -16.10
C ALA A 36 -39.47 -32.26 -15.79
N ARG A 37 -39.91 -31.22 -15.09
CA ARG A 37 -41.32 -31.09 -14.77
C ARG A 37 -42.14 -30.85 -16.03
N LEU A 38 -41.59 -30.12 -17.00
CA LEU A 38 -42.30 -29.89 -18.24
C LEU A 38 -42.53 -31.19 -19.00
N PHE A 39 -41.52 -32.08 -19.00
CA PHE A 39 -41.65 -33.36 -19.68
C PHE A 39 -42.78 -34.18 -19.09
N THR A 40 -42.92 -34.15 -17.77
CA THR A 40 -44.00 -34.89 -17.12
C THR A 40 -45.35 -34.40 -17.61
N LYS A 41 -45.57 -33.08 -17.56
CA LYS A 41 -46.87 -32.52 -17.94
C LYS A 41 -47.11 -32.71 -19.43
N VAL A 42 -46.07 -32.55 -20.26
CA VAL A 42 -46.26 -32.74 -21.70
C VAL A 42 -46.59 -34.19 -22.00
N GLN A 43 -45.90 -35.12 -21.35
CA GLN A 43 -46.22 -36.53 -21.49
C GLN A 43 -47.63 -36.82 -21.01
N GLN A 44 -48.04 -36.23 -19.88
CA GLN A 44 -49.39 -36.44 -19.39
C GLN A 44 -50.43 -36.05 -20.44
N ILE A 45 -50.22 -34.91 -21.10
CA ILE A 45 -51.19 -34.42 -22.07
C ILE A 45 -51.16 -35.29 -23.33
N ARG A 46 -49.96 -35.69 -23.76
CA ARG A 46 -49.90 -36.55 -24.94
C ARG A 46 -50.55 -37.91 -24.70
N ARG A 47 -50.54 -38.37 -23.46
CA ARG A 47 -51.22 -39.63 -23.14
C ARG A 47 -52.72 -39.44 -23.10
N ALA A 48 -53.20 -38.21 -23.01
CA ALA A 48 -54.63 -37.89 -22.90
C ALA A 48 -55.22 -37.32 -24.20
N GLU A 49 -54.45 -36.55 -24.96
CA GLU A 49 -54.94 -35.89 -26.16
C GLU A 49 -54.42 -36.55 -27.44
N PRO A 50 -55.26 -36.63 -28.47
CA PRO A 50 -54.80 -37.27 -29.71
C PRO A 50 -53.90 -36.38 -30.55
N ASN A 51 -54.24 -35.09 -30.66
CA ASN A 51 -53.54 -34.16 -31.56
C ASN A 51 -52.80 -33.12 -30.73
N VAL A 52 -51.48 -33.30 -30.59
CA VAL A 52 -50.66 -32.49 -29.70
C VAL A 52 -49.49 -31.92 -30.48
N LEU A 53 -49.23 -30.62 -30.29
CA LEU A 53 -48.05 -29.96 -30.80
C LEU A 53 -47.37 -29.23 -29.66
N LEU A 54 -46.05 -29.40 -29.54
CA LEU A 54 -45.25 -28.68 -28.56
C LEU A 54 -44.37 -27.69 -29.31
N LEU A 55 -44.59 -26.39 -29.07
CA LEU A 55 -43.90 -25.34 -29.78
C LEU A 55 -43.20 -24.40 -28.82
N ASP A 56 -42.12 -23.76 -29.29
CA ASP A 56 -41.39 -22.77 -28.52
C ASP A 56 -41.26 -21.52 -29.37
N ALA A 57 -41.51 -20.35 -28.78
CA ALA A 57 -41.54 -19.10 -29.51
C ALA A 57 -40.27 -18.28 -29.35
N GLY A 58 -39.16 -18.91 -28.99
CA GLY A 58 -37.87 -18.28 -29.04
C GLY A 58 -37.31 -17.97 -27.66
N ASP A 59 -36.08 -17.44 -27.69
CA ASP A 59 -35.36 -17.03 -26.49
C ASP A 59 -35.19 -18.20 -25.50
N GLN A 60 -34.69 -19.31 -26.03
CA GLN A 60 -34.15 -20.35 -25.15
C GLN A 60 -32.73 -20.01 -24.73
N TYR A 61 -32.02 -19.26 -25.56
CA TYR A 61 -30.63 -18.90 -25.25
C TYR A 61 -30.57 -17.85 -24.14
N GLN A 62 -29.51 -17.94 -23.34
CA GLN A 62 -29.12 -16.85 -22.45
C GLN A 62 -30.01 -16.70 -21.23
N GLY A 63 -29.41 -16.75 -20.04
CA GLY A 63 -30.18 -16.55 -18.83
C GLY A 63 -29.57 -17.08 -17.56
N THR A 64 -28.80 -18.16 -17.66
CA THR A 64 -28.20 -18.78 -16.48
C THR A 64 -26.82 -19.33 -16.82
N ILE A 65 -26.18 -19.91 -15.79
CA ILE A 65 -24.87 -20.52 -15.97
C ILE A 65 -24.96 -21.72 -16.91
N TRP A 66 -26.17 -22.24 -17.15
CA TRP A 66 -26.31 -23.35 -18.09
C TRP A 66 -25.91 -22.92 -19.50
N PHE A 67 -26.41 -21.77 -19.96
CA PHE A 67 -26.05 -21.31 -21.29
C PHE A 67 -24.67 -20.66 -21.34
N THR A 68 -24.28 -19.97 -20.27
CA THR A 68 -22.93 -19.40 -20.23
C THR A 68 -21.89 -20.48 -20.46
N VAL A 69 -22.10 -21.68 -19.92
CA VAL A 69 -21.15 -22.78 -20.04
C VAL A 69 -21.32 -23.56 -21.33
N TYR A 70 -22.53 -24.08 -21.56
CA TYR A 70 -22.76 -24.99 -22.68
C TYR A 70 -23.13 -24.28 -23.97
N LYS A 71 -23.45 -22.99 -23.92
CA LYS A 71 -23.55 -22.15 -25.11
C LYS A 71 -24.59 -22.63 -26.10
N GLY A 72 -25.61 -23.34 -25.64
CA GLY A 72 -26.70 -23.79 -26.49
C GLY A 72 -26.75 -25.28 -26.71
N ALA A 73 -25.67 -26.01 -26.42
CA ALA A 73 -25.71 -27.46 -26.54
C ALA A 73 -26.70 -28.06 -25.54
N GLU A 74 -26.90 -27.40 -24.40
CA GLU A 74 -27.92 -27.85 -23.46
C GLU A 74 -29.32 -27.60 -24.01
N VAL A 75 -29.49 -26.55 -24.81
CA VAL A 75 -30.80 -26.24 -25.40
C VAL A 75 -31.18 -27.32 -26.41
N ALA A 76 -30.26 -27.63 -27.32
CA ALA A 76 -30.54 -28.66 -28.31
C ALA A 76 -30.77 -30.01 -27.66
N HIS A 77 -29.99 -30.33 -26.63
CA HIS A 77 -30.05 -31.67 -26.05
C HIS A 77 -31.38 -31.92 -25.36
N PHE A 78 -31.81 -31.00 -24.51
CA PHE A 78 -33.03 -31.19 -23.75
C PHE A 78 -34.28 -30.78 -24.51
N MET A 79 -34.17 -29.89 -25.51
CA MET A 79 -35.31 -29.66 -26.38
C MET A 79 -35.61 -30.89 -27.24
N ASN A 80 -34.56 -31.60 -27.66
CA ASN A 80 -34.78 -32.87 -28.33
C ASN A 80 -35.41 -33.88 -27.38
N ALA A 81 -34.88 -33.98 -26.15
CA ALA A 81 -35.41 -34.94 -25.19
C ALA A 81 -36.91 -34.72 -24.97
N LEU A 82 -37.34 -33.46 -24.84
CA LEU A 82 -38.74 -33.13 -24.66
C LEU A 82 -39.54 -33.28 -25.96
N ARG A 83 -38.86 -33.51 -27.11
CA ARG A 83 -39.52 -33.77 -28.40
C ARG A 83 -40.35 -32.55 -28.83
N TYR A 84 -39.72 -31.36 -28.78
CA TYR A 84 -40.34 -30.18 -29.37
C TYR A 84 -40.61 -30.43 -30.84
N ASP A 85 -41.77 -29.98 -31.31
CA ASP A 85 -42.17 -30.19 -32.69
C ASP A 85 -41.72 -29.06 -33.59
N ALA A 86 -41.47 -27.89 -33.02
CA ALA A 86 -40.94 -26.76 -33.79
C ALA A 86 -40.49 -25.69 -32.79
N MET A 87 -39.56 -24.85 -33.26
CA MET A 87 -39.10 -23.69 -32.52
C MET A 87 -38.96 -22.53 -33.49
N ALA A 88 -39.28 -21.33 -33.02
CA ALA A 88 -39.05 -20.11 -33.77
C ALA A 88 -37.80 -19.45 -33.23
N LEU A 89 -37.03 -18.82 -34.11
CA LEU A 89 -35.82 -18.13 -33.68
C LEU A 89 -36.17 -16.83 -32.99
N GLY A 90 -35.54 -16.58 -31.84
CA GLY A 90 -35.66 -15.32 -31.14
C GLY A 90 -34.44 -14.43 -31.37
N ASN A 91 -34.50 -13.24 -30.78
CA ASN A 91 -33.37 -12.32 -30.89
C ASN A 91 -32.17 -12.82 -30.11
N HIS A 92 -32.38 -13.48 -28.95
CA HIS A 92 -31.25 -13.93 -28.15
C HIS A 92 -30.57 -15.18 -28.71
N GLU A 93 -31.20 -15.89 -29.66
CA GLU A 93 -30.49 -16.98 -30.33
C GLU A 93 -29.30 -16.49 -31.13
N PHE A 94 -29.15 -15.17 -31.28
CA PHE A 94 -28.04 -14.57 -32.02
C PHE A 94 -27.02 -13.90 -31.11
N ASP A 95 -27.19 -13.96 -29.78
CA ASP A 95 -26.28 -13.26 -28.89
C ASP A 95 -24.83 -13.68 -29.12
N ASN A 96 -24.60 -14.93 -29.53
CA ASN A 96 -23.27 -15.42 -29.85
C ASN A 96 -23.02 -15.44 -31.35
N GLY A 97 -23.63 -14.51 -32.08
CA GLY A 97 -23.46 -14.45 -33.52
C GLY A 97 -24.18 -15.60 -34.20
N VAL A 98 -24.06 -15.63 -35.53
CA VAL A 98 -24.55 -16.77 -36.28
C VAL A 98 -23.76 -18.03 -35.94
N GLU A 99 -22.45 -17.88 -35.74
CA GLU A 99 -21.64 -19.05 -35.41
C GLU A 99 -22.10 -19.68 -34.11
N GLY A 100 -22.47 -18.86 -33.13
CA GLY A 100 -23.01 -19.35 -31.88
C GLY A 100 -24.41 -19.95 -31.99
N LEU A 101 -25.08 -19.71 -33.10
CA LEU A 101 -26.38 -20.32 -33.36
C LEU A 101 -26.25 -21.57 -34.20
N ILE A 102 -25.41 -21.53 -35.22
CA ILE A 102 -25.25 -22.70 -36.09
C ILE A 102 -24.57 -23.83 -35.33
N GLU A 103 -23.47 -23.54 -34.63
CA GLU A 103 -22.66 -24.62 -34.07
C GLU A 103 -23.42 -25.45 -33.04
N PRO A 104 -23.99 -24.86 -32.00
CA PRO A 104 -24.60 -25.70 -30.95
C PRO A 104 -26.03 -26.11 -31.28
N LEU A 105 -26.84 -25.21 -31.84
CA LEU A 105 -28.28 -25.45 -31.91
C LEU A 105 -28.75 -25.88 -33.29
N LEU A 106 -28.67 -25.00 -34.29
CA LEU A 106 -29.17 -25.35 -35.61
C LEU A 106 -28.54 -26.66 -36.10
N LYS A 107 -27.32 -26.93 -35.63
CA LYS A 107 -26.55 -28.10 -36.04
C LYS A 107 -26.88 -29.35 -35.25
N GLU A 108 -27.55 -29.23 -34.09
CA GLU A 108 -27.85 -30.39 -33.27
C GLU A 108 -29.32 -30.60 -32.95
N ALA A 109 -30.21 -29.73 -33.41
CA ALA A 109 -31.63 -29.87 -33.11
C ALA A 109 -32.29 -30.90 -34.03
N LYS A 110 -33.09 -31.78 -33.44
CA LYS A 110 -33.86 -32.75 -34.19
C LYS A 110 -35.28 -32.28 -34.53
N PHE A 111 -35.53 -30.98 -34.46
CA PHE A 111 -36.82 -30.39 -34.79
C PHE A 111 -36.60 -29.16 -35.65
N PRO A 112 -37.64 -28.72 -36.36
CA PRO A 112 -37.48 -27.56 -37.25
C PRO A 112 -37.40 -26.24 -36.49
N ILE A 113 -36.45 -25.40 -36.89
CA ILE A 113 -36.23 -24.09 -36.30
C ILE A 113 -36.57 -23.05 -37.36
N LEU A 114 -37.56 -22.22 -37.09
CA LEU A 114 -38.26 -21.47 -38.12
C LEU A 114 -38.05 -19.98 -37.97
N SER A 115 -38.07 -19.29 -39.11
CA SER A 115 -38.13 -17.84 -39.17
C SER A 115 -38.27 -17.42 -40.62
N ALA A 116 -39.41 -16.82 -40.98
CA ALA A 116 -39.66 -16.47 -42.36
C ALA A 116 -39.10 -15.11 -42.76
N ASN A 117 -38.87 -14.22 -41.80
CA ASN A 117 -38.44 -12.86 -42.10
C ASN A 117 -36.94 -12.65 -41.87
N ILE A 118 -36.16 -13.72 -41.76
CA ILE A 118 -34.71 -13.64 -41.69
C ILE A 118 -34.19 -14.16 -43.03
N LYS A 119 -33.53 -13.29 -43.77
CA LYS A 119 -33.03 -13.60 -45.10
C LYS A 119 -31.52 -13.45 -45.06
N ALA A 120 -30.82 -14.53 -45.44
CA ALA A 120 -29.37 -14.53 -45.48
C ALA A 120 -28.90 -14.13 -46.89
N LYS A 121 -27.76 -13.46 -46.94
CA LYS A 121 -27.28 -12.89 -48.19
C LYS A 121 -25.77 -13.06 -48.29
N GLY A 122 -25.26 -12.87 -49.51
CA GLY A 122 -23.85 -12.91 -49.78
C GLY A 122 -23.23 -14.25 -49.45
N PRO A 123 -22.11 -14.23 -48.70
CA PRO A 123 -21.43 -15.50 -48.41
C PRO A 123 -22.22 -16.40 -47.45
N LEU A 124 -22.96 -15.83 -46.50
CA LEU A 124 -23.67 -16.63 -45.50
C LEU A 124 -24.84 -17.43 -46.10
N ALA A 125 -25.49 -16.89 -47.13
CA ALA A 125 -26.72 -17.51 -47.63
C ALA A 125 -26.59 -19.01 -47.85
N SER A 126 -25.46 -19.45 -48.41
CA SER A 126 -25.24 -20.89 -48.66
C SER A 126 -24.81 -21.62 -47.39
N GLN A 127 -24.11 -20.94 -46.48
CA GLN A 127 -23.57 -21.62 -45.31
C GLN A 127 -24.69 -22.06 -44.38
N ILE A 128 -25.64 -21.16 -44.12
CA ILE A 128 -26.75 -21.38 -43.20
C ILE A 128 -27.95 -21.89 -43.99
N SER A 129 -27.74 -22.25 -45.24
CA SER A 129 -28.87 -22.68 -46.07
C SER A 129 -29.50 -23.95 -45.54
N GLY A 130 -30.82 -23.92 -45.36
CA GLY A 130 -31.58 -25.06 -44.91
C GLY A 130 -31.45 -25.38 -43.44
N LEU A 131 -30.57 -24.69 -42.71
CA LEU A 131 -30.46 -24.91 -41.26
C LEU A 131 -31.60 -24.27 -40.48
N TYR A 132 -32.33 -23.31 -41.07
CA TYR A 132 -33.57 -22.80 -40.52
C TYR A 132 -34.51 -22.56 -41.69
N LEU A 133 -35.81 -22.69 -41.45
CA LEU A 133 -36.78 -22.67 -42.53
C LEU A 133 -37.88 -21.65 -42.28
N PRO A 134 -38.42 -21.03 -43.33
CA PRO A 134 -39.52 -20.08 -43.12
C PRO A 134 -40.81 -20.74 -42.63
N TYR A 135 -41.04 -21.99 -43.00
CA TYR A 135 -42.26 -22.72 -42.59
C TYR A 135 -41.98 -24.20 -42.49
N LYS A 136 -42.89 -24.95 -41.87
CA LYS A 136 -42.79 -26.40 -41.83
C LYS A 136 -44.18 -27.02 -41.77
N VAL A 137 -44.40 -28.08 -42.55
CA VAL A 137 -45.65 -28.82 -42.54
C VAL A 137 -45.47 -30.06 -41.67
N LEU A 138 -46.20 -30.09 -40.53
CA LEU A 138 -46.07 -31.17 -39.55
C LEU A 138 -47.32 -32.05 -39.50
N PRO A 139 -47.16 -33.38 -39.48
CA PRO A 139 -48.31 -34.24 -39.24
C PRO A 139 -48.78 -34.16 -37.80
N VAL A 140 -50.09 -33.97 -37.63
CA VAL A 140 -50.73 -33.96 -36.33
C VAL A 140 -51.91 -34.91 -36.47
N GLY A 141 -51.78 -36.11 -35.92
CA GLY A 141 -52.80 -37.12 -36.14
C GLY A 141 -52.88 -37.45 -37.62
N ASP A 142 -54.10 -37.62 -38.11
CA ASP A 142 -54.32 -37.88 -39.53
C ASP A 142 -54.55 -36.59 -40.32
N GLU A 143 -54.11 -35.47 -39.77
CA GLU A 143 -54.18 -34.16 -40.41
C GLU A 143 -52.77 -33.60 -40.55
N VAL A 144 -52.67 -32.42 -41.16
CA VAL A 144 -51.39 -31.74 -41.34
C VAL A 144 -51.58 -30.28 -40.94
N VAL A 145 -50.58 -29.74 -40.24
CA VAL A 145 -50.62 -28.39 -39.73
C VAL A 145 -49.38 -27.68 -40.21
N GLY A 146 -49.56 -26.45 -40.67
CA GLY A 146 -48.45 -25.61 -41.12
C GLY A 146 -48.04 -24.64 -40.03
N ILE A 147 -46.74 -24.38 -39.94
CA ILE A 147 -46.18 -23.47 -38.95
C ILE A 147 -45.23 -22.52 -39.67
N VAL A 148 -45.54 -21.23 -39.65
CA VAL A 148 -44.67 -20.18 -40.19
C VAL A 148 -43.98 -19.49 -39.03
N GLY A 149 -42.69 -19.19 -39.20
CA GLY A 149 -41.92 -18.58 -38.14
C GLY A 149 -41.64 -17.11 -38.37
N TYR A 150 -41.36 -16.37 -37.29
CA TYR A 150 -40.97 -14.98 -37.42
C TYR A 150 -40.13 -14.59 -36.22
N THR A 151 -39.18 -13.67 -36.45
CA THR A 151 -38.25 -13.20 -35.43
C THR A 151 -38.23 -11.67 -35.40
N SER A 152 -38.03 -11.11 -34.19
CA SER A 152 -38.12 -9.67 -33.99
C SER A 152 -37.34 -8.90 -35.04
N LYS A 153 -38.01 -7.95 -35.71
CA LYS A 153 -37.37 -7.14 -36.73
C LYS A 153 -36.25 -6.26 -36.17
N GLU A 154 -36.30 -5.92 -34.89
CA GLU A 154 -35.29 -5.09 -34.25
C GLU A 154 -34.16 -5.93 -33.64
N THR A 155 -33.99 -7.18 -34.06
CA THR A 155 -32.91 -8.01 -33.52
C THR A 155 -31.51 -7.49 -33.82
N PRO A 156 -31.23 -6.85 -34.95
CA PRO A 156 -29.88 -6.28 -35.15
C PRO A 156 -29.48 -5.29 -34.07
N PHE A 157 -30.45 -4.66 -33.41
CA PHE A 157 -30.15 -3.75 -32.32
C PHE A 157 -30.12 -4.45 -30.96
N LEU A 158 -30.76 -5.60 -30.83
CA LEU A 158 -30.82 -6.31 -29.56
C LEU A 158 -29.77 -7.42 -29.42
N SER A 159 -29.16 -7.87 -30.51
CA SER A 159 -28.25 -9.01 -30.46
C SER A 159 -27.07 -8.85 -31.41
N ASN A 160 -26.54 -9.96 -31.93
CA ASN A 160 -25.34 -9.94 -32.79
C ASN A 160 -25.54 -10.80 -34.03
N PRO A 161 -26.61 -10.57 -34.80
CA PRO A 161 -26.87 -11.42 -35.97
C PRO A 161 -25.88 -11.23 -37.12
N GLY A 162 -25.06 -10.20 -37.09
CA GLY A 162 -24.11 -9.96 -38.16
C GLY A 162 -24.70 -9.08 -39.25
N THR A 163 -23.85 -8.78 -40.24
CA THR A 163 -24.22 -7.88 -41.32
C THR A 163 -24.89 -8.59 -42.49
N ASN A 164 -24.75 -9.91 -42.60
CA ASN A 164 -25.24 -10.67 -43.74
C ASN A 164 -26.60 -11.33 -43.47
N LEU A 165 -27.34 -10.84 -42.49
CA LEU A 165 -28.70 -11.30 -42.23
C LEU A 165 -29.63 -10.10 -42.28
N VAL A 166 -30.67 -10.18 -43.11
CA VAL A 166 -31.66 -9.12 -43.26
C VAL A 166 -32.94 -9.54 -42.54
N PHE A 167 -33.45 -8.67 -41.69
CA PHE A 167 -34.66 -8.90 -40.91
C PHE A 167 -35.80 -8.10 -41.53
N GLU A 168 -36.70 -8.80 -42.22
CA GLU A 168 -37.80 -8.18 -42.96
C GLU A 168 -39.02 -8.03 -42.08
N ASP A 169 -40.02 -7.33 -42.61
CA ASP A 169 -41.26 -7.15 -41.86
C ASP A 169 -41.91 -8.51 -41.63
N GLU A 170 -42.39 -8.74 -40.41
CA GLU A 170 -43.07 -10.00 -40.13
C GLU A 170 -44.25 -10.16 -41.08
N ILE A 171 -45.09 -9.13 -41.14
CA ILE A 171 -46.29 -9.21 -41.99
C ILE A 171 -45.91 -9.31 -43.46
N THR A 172 -44.97 -8.46 -43.91
CA THR A 172 -44.58 -8.48 -45.31
C THR A 172 -43.98 -9.83 -45.70
N ALA A 173 -43.12 -10.39 -44.84
CA ALA A 173 -42.44 -11.63 -45.15
C ALA A 173 -43.29 -12.86 -44.87
N LEU A 174 -44.29 -12.74 -43.98
CA LEU A 174 -45.09 -13.91 -43.63
C LEU A 174 -46.17 -14.19 -44.66
N GLN A 175 -46.79 -13.14 -45.21
CA GLN A 175 -47.92 -13.32 -46.11
C GLN A 175 -47.59 -14.25 -47.28
N PRO A 176 -46.43 -14.12 -47.95
CA PRO A 176 -46.12 -15.06 -49.04
C PRO A 176 -45.93 -16.49 -48.55
N GLU A 177 -45.35 -16.69 -47.36
CA GLU A 177 -45.11 -18.05 -46.87
C GLU A 177 -46.43 -18.72 -46.50
N VAL A 178 -47.38 -17.96 -45.95
CA VAL A 178 -48.70 -18.50 -45.67
C VAL A 178 -49.44 -18.77 -46.97
N ASP A 179 -49.28 -17.85 -47.94
CA ASP A 179 -49.79 -18.14 -49.29
C ASP A 179 -49.15 -19.41 -49.83
N LYS A 180 -47.92 -19.69 -49.49
CA LYS A 180 -47.27 -20.90 -49.93
C LYS A 180 -47.92 -22.15 -49.35
N LEU A 181 -48.47 -22.05 -48.15
CA LEU A 181 -49.05 -23.22 -47.51
C LEU A 181 -50.43 -23.55 -48.06
N LYS A 182 -51.26 -22.53 -48.30
CA LYS A 182 -52.61 -22.81 -48.80
C LYS A 182 -52.59 -23.37 -50.23
N THR A 183 -51.62 -22.96 -51.06
CA THR A 183 -51.51 -23.59 -52.37
C THR A 183 -51.09 -25.04 -52.24
N LEU A 184 -50.40 -25.39 -51.15
CA LEU A 184 -50.17 -26.78 -50.78
C LEU A 184 -51.36 -27.40 -50.08
N ASN A 185 -52.50 -26.71 -50.05
CA ASN A 185 -53.73 -27.21 -49.44
C ASN A 185 -53.49 -27.64 -47.99
N VAL A 186 -52.73 -26.81 -47.26
CA VAL A 186 -52.64 -26.88 -45.82
C VAL A 186 -53.57 -25.79 -45.27
N ASN A 187 -54.70 -26.20 -44.67
CA ASN A 187 -55.74 -25.28 -44.24
C ASN A 187 -55.66 -24.91 -42.76
N LYS A 188 -54.69 -25.45 -42.04
CA LYS A 188 -54.47 -25.11 -40.64
C LYS A 188 -53.05 -24.57 -40.50
N ILE A 189 -52.94 -23.31 -40.08
CA ILE A 189 -51.66 -22.61 -40.04
C ILE A 189 -51.51 -21.90 -38.70
N ILE A 190 -50.37 -22.13 -38.05
CA ILE A 190 -49.98 -21.48 -36.80
C ILE A 190 -48.86 -20.50 -37.11
N ALA A 191 -48.95 -19.28 -36.57
CA ALA A 191 -47.89 -18.30 -36.68
C ALA A 191 -47.11 -18.30 -35.38
N LEU A 192 -45.88 -18.83 -35.41
CA LEU A 192 -45.08 -19.05 -34.21
C LEU A 192 -43.82 -18.20 -34.29
N GLY A 193 -43.74 -17.17 -33.45
CA GLY A 193 -42.60 -16.26 -33.58
C GLY A 193 -42.35 -15.46 -32.33
N HIS A 194 -41.34 -14.60 -32.43
CA HIS A 194 -40.75 -13.90 -31.30
C HIS A 194 -40.58 -12.42 -31.63
N SER A 195 -41.69 -11.68 -31.54
CA SER A 195 -41.67 -10.25 -31.81
C SER A 195 -42.44 -9.42 -30.79
N GLY A 196 -43.13 -10.04 -29.85
CA GLY A 196 -43.83 -9.27 -28.84
C GLY A 196 -45.34 -9.36 -28.99
N PHE A 197 -46.04 -9.21 -27.88
CA PHE A 197 -47.49 -9.33 -27.88
C PHE A 197 -48.12 -8.31 -28.81
N GLU A 198 -47.54 -7.10 -28.91
CA GLU A 198 -48.17 -6.08 -29.74
C GLU A 198 -48.05 -6.40 -31.22
N MET A 199 -46.90 -6.95 -31.64
CA MET A 199 -46.76 -7.39 -33.02
C MET A 199 -47.55 -8.66 -33.29
N ASP A 200 -47.67 -9.55 -32.31
CA ASP A 200 -48.49 -10.74 -32.50
C ASP A 200 -49.91 -10.34 -32.87
N LYS A 201 -50.42 -9.26 -32.26
CA LYS A 201 -51.79 -8.82 -32.56
C LYS A 201 -51.93 -8.26 -33.96
N LEU A 202 -50.86 -7.65 -34.51
CA LEU A 202 -50.91 -7.19 -35.89
C LEU A 202 -50.81 -8.35 -36.88
N ILE A 203 -50.02 -9.37 -36.56
CA ILE A 203 -49.93 -10.53 -37.42
C ILE A 203 -51.27 -11.25 -37.48
N ALA A 204 -51.94 -11.38 -36.33
CA ALA A 204 -53.25 -11.98 -36.33
C ALA A 204 -54.24 -11.17 -37.16
N GLN A 205 -54.08 -9.84 -37.15
CA GLN A 205 -55.04 -8.98 -37.84
C GLN A 205 -54.76 -8.87 -39.33
N LYS A 206 -53.48 -8.77 -39.71
CA LYS A 206 -53.09 -8.36 -41.05
C LYS A 206 -52.75 -9.51 -41.99
N VAL A 207 -52.25 -10.63 -41.47
CA VAL A 207 -51.83 -11.74 -42.31
C VAL A 207 -53.01 -12.69 -42.50
N ARG A 208 -53.59 -12.68 -43.70
CA ARG A 208 -54.72 -13.56 -44.00
C ARG A 208 -54.30 -15.02 -44.10
N GLY A 209 -55.04 -15.88 -43.42
CA GLY A 209 -54.82 -17.31 -43.45
C GLY A 209 -54.26 -17.88 -42.17
N VAL A 210 -53.78 -17.03 -41.26
CA VAL A 210 -53.26 -17.49 -39.97
C VAL A 210 -54.41 -17.76 -39.03
N ASP A 211 -54.45 -18.97 -38.46
CA ASP A 211 -55.49 -19.35 -37.53
C ASP A 211 -55.12 -19.09 -36.07
N VAL A 212 -53.84 -19.23 -35.70
CA VAL A 212 -53.39 -19.00 -34.33
C VAL A 212 -52.04 -18.29 -34.35
N VAL A 213 -51.77 -17.51 -33.30
CA VAL A 213 -50.50 -16.82 -33.13
C VAL A 213 -49.93 -17.18 -31.77
N VAL A 214 -48.74 -17.77 -31.76
CA VAL A 214 -48.03 -18.14 -30.55
C VAL A 214 -46.78 -17.27 -30.48
N GLY A 215 -46.70 -16.42 -29.46
CA GLY A 215 -45.69 -15.38 -29.40
C GLY A 215 -44.81 -15.44 -28.16
N GLY A 216 -43.95 -14.44 -28.06
CA GLY A 216 -43.03 -14.35 -26.95
C GLY A 216 -42.44 -12.96 -26.91
N HIS A 217 -41.25 -12.86 -26.31
CA HIS A 217 -40.42 -11.65 -26.29
C HIS A 217 -40.88 -10.61 -25.27
N SER A 218 -42.19 -10.44 -25.08
CA SER A 218 -42.71 -9.46 -24.14
C SER A 218 -43.05 -10.07 -22.78
N ASN A 219 -42.78 -11.34 -22.57
CA ASN A 219 -43.08 -12.04 -21.31
C ASN A 219 -44.54 -11.81 -20.91
N THR A 220 -45.42 -11.75 -21.91
CA THR A 220 -46.81 -11.41 -21.66
C THR A 220 -47.47 -12.57 -20.94
N PHE A 221 -48.17 -12.29 -19.85
CA PHE A 221 -48.93 -13.29 -19.13
C PHE A 221 -50.41 -13.08 -19.45
N LEU A 222 -51.03 -14.11 -20.03
CA LEU A 222 -52.46 -14.10 -20.33
C LEU A 222 -53.13 -15.18 -19.51
N TYR A 223 -54.26 -14.84 -18.90
CA TYR A 223 -55.01 -15.80 -18.11
C TYR A 223 -56.48 -15.45 -18.17
N THR A 224 -57.33 -16.48 -18.17
CA THR A 224 -58.78 -16.32 -18.06
C THR A 224 -59.20 -16.89 -16.70
N GLY A 225 -59.63 -16.01 -15.80
CA GLY A 225 -60.01 -16.40 -14.47
C GLY A 225 -59.04 -15.85 -13.44
N ASN A 226 -58.93 -16.51 -12.30
CA ASN A 226 -58.03 -16.05 -11.25
C ASN A 226 -56.66 -16.67 -11.46
N PRO A 227 -55.61 -15.88 -11.63
CA PRO A 227 -54.29 -16.47 -11.88
C PRO A 227 -53.83 -17.29 -10.69
N PRO A 228 -53.05 -18.33 -10.93
CA PRO A 228 -52.62 -19.22 -9.82
C PRO A 228 -51.36 -18.77 -9.10
N SER A 229 -50.61 -17.80 -9.63
CA SER A 229 -49.40 -17.34 -8.97
C SER A 229 -49.34 -15.81 -9.05
N LYS A 230 -48.15 -15.24 -8.80
CA LYS A 230 -48.06 -13.80 -8.59
C LYS A 230 -48.32 -12.99 -9.86
N GLU A 231 -48.14 -13.58 -11.03
CA GLU A 231 -48.17 -12.81 -12.27
C GLU A 231 -49.58 -12.27 -12.53
N VAL A 232 -49.67 -10.99 -12.89
CA VAL A 232 -50.94 -10.33 -13.13
C VAL A 232 -51.25 -10.44 -14.63
N PRO A 233 -52.39 -10.99 -15.02
CA PRO A 233 -52.68 -11.14 -16.44
C PRO A 233 -52.78 -9.79 -17.14
N ALA A 234 -52.29 -9.73 -18.38
CA ALA A 234 -52.47 -8.56 -19.22
C ALA A 234 -53.69 -8.69 -20.12
N GLY A 235 -54.44 -9.78 -19.99
CA GLY A 235 -55.59 -10.02 -20.84
C GLY A 235 -56.02 -11.46 -20.76
N LYS A 236 -57.15 -11.74 -21.39
CA LYS A 236 -57.68 -13.08 -21.38
C LYS A 236 -56.74 -14.03 -22.12
N TYR A 237 -56.87 -15.32 -21.82
CA TYR A 237 -56.20 -16.39 -22.53
C TYR A 237 -57.27 -17.25 -23.18
N PRO A 238 -57.32 -17.38 -24.50
CA PRO A 238 -56.48 -16.72 -25.51
C PRO A 238 -56.95 -15.28 -25.73
N PHE A 239 -56.06 -14.38 -26.16
CA PHE A 239 -56.47 -13.04 -26.52
C PHE A 239 -56.98 -13.03 -27.96
N ILE A 240 -58.26 -12.73 -28.14
CA ILE A 240 -58.90 -12.85 -29.44
C ILE A 240 -58.75 -11.55 -30.23
N VAL A 241 -58.18 -11.65 -31.42
CA VAL A 241 -58.04 -10.53 -32.35
C VAL A 241 -58.94 -10.78 -33.55
N THR A 242 -59.70 -9.76 -33.93
CA THR A 242 -60.56 -9.84 -35.11
C THR A 242 -59.76 -9.40 -36.32
N SER A 243 -59.54 -10.31 -37.27
CA SER A 243 -58.73 -10.02 -38.44
C SER A 243 -59.47 -9.06 -39.36
N ASP A 244 -58.71 -8.45 -40.28
CA ASP A 244 -59.33 -7.57 -41.26
C ASP A 244 -60.35 -8.31 -42.10
N ASP A 245 -60.14 -9.60 -42.36
CA ASP A 245 -61.12 -10.42 -43.06
C ASP A 245 -62.12 -11.11 -42.12
N GLY A 246 -62.33 -10.57 -40.92
CA GLY A 246 -63.48 -10.95 -40.11
C GLY A 246 -63.33 -12.18 -39.24
N ARG A 247 -62.18 -12.85 -39.26
CA ARG A 247 -61.98 -14.08 -38.50
C ARG A 247 -61.51 -13.78 -37.08
N LYS A 248 -62.04 -14.52 -36.12
CA LYS A 248 -61.56 -14.44 -34.75
C LYS A 248 -60.27 -15.24 -34.63
N VAL A 249 -59.18 -14.58 -34.24
CA VAL A 249 -57.86 -15.22 -34.21
C VAL A 249 -57.30 -15.19 -32.79
N PRO A 250 -57.19 -16.33 -32.12
CA PRO A 250 -56.60 -16.33 -30.77
C PRO A 250 -55.11 -16.07 -30.80
N VAL A 251 -54.65 -15.29 -29.83
CA VAL A 251 -53.24 -14.97 -29.64
C VAL A 251 -52.85 -15.40 -28.23
N VAL A 252 -51.77 -16.17 -28.11
CA VAL A 252 -51.37 -16.77 -26.85
C VAL A 252 -49.90 -16.50 -26.58
N GLN A 253 -49.55 -16.57 -25.30
CA GLN A 253 -48.19 -16.40 -24.80
C GLN A 253 -48.20 -16.93 -23.37
N ALA A 254 -47.02 -17.32 -22.88
CA ALA A 254 -46.92 -18.05 -21.62
C ALA A 254 -45.78 -17.50 -20.75
N TYR A 255 -45.87 -16.21 -20.40
CA TYR A 255 -44.93 -15.57 -19.49
C TYR A 255 -43.50 -15.89 -19.93
N ALA A 256 -42.72 -16.55 -19.08
CA ALA A 256 -41.31 -16.75 -19.38
C ALA A 256 -40.70 -17.62 -18.29
N PHE A 257 -39.43 -17.98 -18.50
CA PHE A 257 -38.61 -18.71 -17.53
C PHE A 257 -39.12 -20.11 -17.25
N GLY A 258 -39.90 -20.68 -18.15
CA GLY A 258 -40.38 -22.03 -17.99
C GLY A 258 -41.29 -22.23 -16.79
N LYS A 259 -41.77 -21.15 -16.21
CA LYS A 259 -42.67 -21.27 -15.07
C LYS A 259 -44.02 -21.85 -15.50
N TYR A 260 -44.53 -21.41 -16.66
CA TYR A 260 -45.81 -21.87 -17.16
C TYR A 260 -45.64 -22.67 -18.44
N LEU A 261 -46.60 -23.55 -18.68
CA LEU A 261 -46.74 -24.23 -19.96
C LEU A 261 -48.02 -23.72 -20.61
N GLY A 262 -47.88 -23.02 -21.73
CA GLY A 262 -49.04 -22.66 -22.50
C GLY A 262 -49.85 -23.88 -22.91
N TYR A 263 -51.16 -23.71 -23.00
CA TYR A 263 -52.07 -24.83 -23.24
C TYR A 263 -53.31 -24.26 -23.90
N LEU A 264 -53.53 -24.60 -25.16
CA LEU A 264 -54.67 -24.08 -25.91
C LEU A 264 -55.30 -25.18 -26.73
N LYS A 265 -56.60 -25.35 -26.59
CA LYS A 265 -57.36 -26.28 -27.40
C LYS A 265 -58.15 -25.50 -28.45
N ILE A 266 -57.87 -25.78 -29.72
CA ILE A 266 -58.59 -25.16 -30.84
C ILE A 266 -59.42 -26.25 -31.50
N GLU A 267 -60.71 -25.98 -31.69
CA GLU A 267 -61.59 -26.86 -32.44
C GLU A 267 -61.70 -26.31 -33.86
N PHE A 268 -61.10 -27.02 -34.81
CA PHE A 268 -61.24 -26.69 -36.22
C PHE A 268 -62.39 -27.48 -36.82
N ASP A 269 -62.87 -27.01 -37.96
CA ASP A 269 -63.78 -27.79 -38.78
C ASP A 269 -63.00 -28.38 -39.97
N GLU A 270 -63.71 -29.07 -40.85
CA GLU A 270 -63.05 -29.77 -41.94
C GLU A 270 -62.32 -28.82 -42.87
N ARG A 271 -62.57 -27.52 -42.79
CA ARG A 271 -62.00 -26.55 -43.71
C ARG A 271 -60.88 -25.71 -43.09
N GLY A 272 -60.41 -26.07 -41.91
CA GLY A 272 -59.36 -25.30 -41.26
C GLY A 272 -59.83 -24.01 -40.64
N ASN A 273 -61.15 -23.83 -40.52
CA ASN A 273 -61.70 -22.67 -39.85
C ASN A 273 -61.76 -22.93 -38.35
N VAL A 274 -61.39 -21.94 -37.56
CA VAL A 274 -61.40 -22.07 -36.10
C VAL A 274 -62.83 -21.92 -35.60
N ILE A 275 -63.39 -22.99 -35.05
CA ILE A 275 -64.73 -22.91 -34.47
C ILE A 275 -64.69 -22.22 -33.11
N SER A 276 -63.81 -22.70 -32.22
CA SER A 276 -63.69 -22.14 -30.88
C SER A 276 -62.30 -22.45 -30.35
N SER A 277 -61.98 -21.85 -29.20
CA SER A 277 -60.72 -22.15 -28.54
C SER A 277 -60.82 -21.77 -27.08
N HIS A 278 -60.22 -22.61 -26.23
CA HIS A 278 -60.22 -22.37 -24.80
C HIS A 278 -58.90 -22.90 -24.24
N GLY A 279 -58.56 -22.44 -23.05
CA GLY A 279 -57.37 -22.94 -22.39
C GLY A 279 -56.88 -21.98 -21.32
N ASN A 280 -55.65 -22.24 -20.87
CA ASN A 280 -55.00 -21.45 -19.84
C ASN A 280 -53.60 -22.01 -19.57
N PRO A 281 -52.61 -21.15 -19.31
CA PRO A 281 -51.27 -21.66 -19.00
C PRO A 281 -51.27 -22.49 -17.73
N ILE A 282 -50.50 -23.56 -17.75
CA ILE A 282 -50.43 -24.52 -16.65
C ILE A 282 -49.24 -24.14 -15.79
N LEU A 283 -49.49 -23.81 -14.53
CA LEU A 283 -48.41 -23.49 -13.60
C LEU A 283 -47.63 -24.76 -13.24
N LEU A 284 -46.34 -24.79 -13.57
CA LEU A 284 -45.51 -25.96 -13.30
C LEU A 284 -44.93 -25.85 -11.88
N ASP A 285 -45.75 -26.24 -10.92
CA ASP A 285 -45.38 -26.13 -9.51
C ASP A 285 -45.11 -27.51 -8.93
N SER A 286 -44.82 -27.53 -7.62
CA SER A 286 -44.37 -28.77 -6.97
C SER A 286 -45.34 -29.91 -7.21
N SER A 287 -46.62 -29.62 -7.42
CA SER A 287 -47.61 -30.68 -7.59
C SER A 287 -47.29 -31.61 -8.75
N ILE A 288 -46.61 -31.11 -9.78
CA ILE A 288 -46.20 -31.92 -10.92
C ILE A 288 -44.80 -32.45 -10.64
N PRO A 289 -44.60 -33.76 -10.58
CA PRO A 289 -43.28 -34.30 -10.26
C PRO A 289 -42.34 -34.25 -11.47
N GLU A 290 -41.05 -34.15 -11.17
CA GLU A 290 -40.05 -34.14 -12.23
C GLU A 290 -39.83 -35.52 -12.84
N ASP A 291 -39.78 -35.57 -14.16
CA ASP A 291 -39.53 -36.82 -14.86
C ASP A 291 -38.16 -37.37 -14.46
N PRO A 292 -38.05 -38.65 -14.14
CA PRO A 292 -36.78 -39.18 -13.60
C PRO A 292 -35.68 -39.30 -14.64
N SER A 293 -36.03 -39.55 -15.91
CA SER A 293 -35.02 -39.68 -16.95
C SER A 293 -34.42 -38.33 -17.32
N ILE A 294 -35.26 -37.34 -17.57
CA ILE A 294 -34.75 -36.00 -17.85
C ILE A 294 -34.01 -35.46 -16.63
N LYS A 295 -34.52 -35.76 -15.44
CA LYS A 295 -33.91 -35.20 -14.24
C LYS A 295 -32.53 -35.80 -14.00
N ALA A 296 -32.39 -37.12 -14.15
CA ALA A 296 -31.09 -37.75 -13.98
C ALA A 296 -30.08 -37.24 -14.99
N ASP A 297 -30.53 -37.03 -16.24
CA ASP A 297 -29.65 -36.46 -17.26
C ASP A 297 -29.28 -35.02 -16.91
N ILE A 298 -30.23 -34.27 -16.34
CA ILE A 298 -29.93 -32.92 -15.88
C ILE A 298 -28.84 -32.97 -14.82
N ASN A 299 -28.94 -33.93 -13.88
CA ASN A 299 -27.99 -33.99 -12.79
C ASN A 299 -26.61 -34.40 -13.31
N LYS A 300 -26.53 -35.05 -14.46
CA LYS A 300 -25.23 -35.43 -15.02
C LYS A 300 -24.58 -34.29 -15.80
N TRP A 301 -25.38 -33.34 -16.29
CA TRP A 301 -24.83 -32.12 -16.87
C TRP A 301 -24.49 -31.11 -15.79
N ARG A 302 -25.16 -31.22 -14.64
CA ARG A 302 -24.93 -30.30 -13.53
C ARG A 302 -23.51 -30.41 -12.95
N ILE A 303 -22.85 -31.56 -13.16
CA ILE A 303 -21.56 -31.78 -12.52
C ILE A 303 -20.47 -30.84 -13.04
N LYS A 304 -20.68 -30.22 -14.20
CA LYS A 304 -19.70 -29.30 -14.75
C LYS A 304 -19.98 -27.90 -14.23
N LEU A 305 -21.20 -27.65 -13.77
CA LEU A 305 -21.59 -26.37 -13.20
C LEU A 305 -21.44 -26.33 -11.68
N ASP A 306 -21.68 -27.44 -10.99
CA ASP A 306 -21.65 -27.43 -9.52
C ASP A 306 -20.26 -27.43 -8.92
N ASP A 307 -19.27 -27.91 -9.66
CA ASP A 307 -17.92 -27.98 -9.11
C ASP A 307 -17.15 -26.68 -9.26
N TYR A 308 -17.77 -25.68 -9.86
CA TYR A 308 -17.14 -24.39 -10.06
C TYR A 308 -18.09 -23.21 -9.91
N SER A 309 -19.37 -23.44 -9.64
CA SER A 309 -20.34 -22.36 -9.68
C SER A 309 -21.12 -22.30 -8.37
N THR A 310 -20.62 -22.95 -7.33
CA THR A 310 -21.30 -23.07 -6.04
C THR A 310 -20.55 -22.33 -4.93
N GLN A 311 -19.45 -21.64 -5.26
CA GLN A 311 -18.63 -20.94 -4.26
C GLN A 311 -19.33 -19.68 -3.78
N GLU A 312 -19.19 -19.38 -2.50
CA GLU A 312 -19.71 -18.12 -1.98
C GLU A 312 -18.66 -17.02 -2.16
N LEU A 313 -19.06 -15.95 -2.84
CA LEU A 313 -18.23 -14.75 -2.98
C LEU A 313 -18.44 -13.75 -1.85
N GLY A 314 -19.63 -13.75 -1.25
CA GLY A 314 -19.93 -12.78 -0.23
C GLY A 314 -21.41 -12.81 0.08
N LYS A 315 -21.84 -11.81 0.83
CA LYS A 315 -23.23 -11.70 1.26
C LYS A 315 -23.80 -10.35 0.83
N THR A 316 -25.12 -10.33 0.68
CA THR A 316 -25.89 -9.11 0.49
C THR A 316 -26.97 -9.09 1.55
N ILE A 317 -27.08 -7.98 2.28
CA ILE A 317 -28.14 -7.85 3.29
C ILE A 317 -29.37 -7.14 2.74
N VAL A 318 -29.35 -6.76 1.48
CA VAL A 318 -30.46 -6.07 0.83
C VAL A 318 -30.84 -6.85 -0.43
N TYR A 319 -32.10 -6.72 -0.84
CA TYR A 319 -32.55 -7.31 -2.09
C TYR A 319 -31.85 -6.60 -3.25
N LEU A 320 -31.18 -7.39 -4.10
CA LEU A 320 -30.46 -6.84 -5.26
C LEU A 320 -31.42 -6.81 -6.44
N ASP A 321 -32.06 -5.66 -6.61
CA ASP A 321 -33.12 -5.46 -7.61
C ASP A 321 -32.53 -5.36 -9.01
N GLY A 322 -32.53 -6.48 -9.74
CA GLY A 322 -32.13 -6.47 -11.13
C GLY A 322 -33.31 -6.72 -12.07
N SER A 323 -34.49 -6.32 -11.63
CA SER A 323 -35.71 -6.57 -12.38
C SER A 323 -35.89 -5.51 -13.46
N SER A 324 -36.50 -5.92 -14.57
CA SER A 324 -36.70 -5.00 -15.68
C SER A 324 -37.65 -3.87 -15.30
N GLN A 325 -38.68 -4.17 -14.51
CA GLN A 325 -39.62 -3.14 -14.11
C GLN A 325 -38.96 -2.02 -13.33
N SER A 326 -37.81 -2.28 -12.72
CA SER A 326 -37.07 -1.25 -11.99
C SER A 326 -35.89 -0.70 -12.80
N CYS A 327 -34.98 -1.57 -13.21
CA CYS A 327 -33.75 -1.10 -13.83
C CYS A 327 -33.96 -0.48 -15.20
N ARG A 328 -35.15 -0.61 -15.77
CA ARG A 328 -35.44 -0.06 -17.08
C ARG A 328 -36.33 1.18 -17.02
N PHE A 329 -36.69 1.62 -15.83
CA PHE A 329 -37.58 2.76 -15.61
C PHE A 329 -37.07 3.74 -14.58
N ARG A 330 -36.19 3.33 -13.67
CA ARG A 330 -35.69 4.19 -12.62
C ARG A 330 -34.37 3.62 -12.14
N GLU A 331 -33.70 4.38 -11.28
CA GLU A 331 -32.48 3.92 -10.66
C GLU A 331 -32.78 2.64 -9.88
N CYS A 332 -31.96 1.60 -10.11
CA CYS A 332 -32.09 0.33 -9.38
C CYS A 332 -30.75 -0.03 -8.75
N ASN A 333 -30.80 -0.55 -7.52
CA ASN A 333 -29.56 -0.72 -6.76
C ASN A 333 -28.67 -1.82 -7.32
N MET A 334 -29.22 -2.75 -8.11
CA MET A 334 -28.35 -3.68 -8.81
C MET A 334 -27.46 -2.95 -9.82
N GLY A 335 -28.02 -1.96 -10.52
CA GLY A 335 -27.23 -1.19 -11.45
C GLY A 335 -26.14 -0.38 -10.76
N ASN A 336 -26.47 0.21 -9.60
CA ASN A 336 -25.48 0.96 -8.84
C ASN A 336 -24.34 0.06 -8.39
N LEU A 337 -24.69 -1.16 -7.96
CA LEU A 337 -23.68 -2.14 -7.55
C LEU A 337 -22.73 -2.48 -8.69
N ILE A 338 -23.28 -2.76 -9.87
CA ILE A 338 -22.45 -3.15 -11.00
C ILE A 338 -21.51 -2.00 -11.39
N CYS A 339 -22.05 -0.79 -11.50
CA CYS A 339 -21.23 0.36 -11.87
C CYS A 339 -20.17 0.66 -10.80
N ASP A 340 -20.51 0.47 -9.53
CA ASP A 340 -19.53 0.65 -8.47
C ASP A 340 -18.41 -0.38 -8.59
N ALA A 341 -18.75 -1.60 -8.99
CA ALA A 341 -17.73 -2.62 -9.23
C ALA A 341 -16.87 -2.24 -10.43
N MET A 342 -17.50 -1.79 -11.51
CA MET A 342 -16.74 -1.41 -12.70
C MET A 342 -15.72 -0.32 -12.35
N ILE A 343 -16.15 0.68 -11.56
CA ILE A 343 -15.26 1.77 -11.20
C ILE A 343 -14.17 1.28 -10.28
N ASN A 344 -14.49 0.36 -9.37
CA ASN A 344 -13.49 -0.14 -8.44
C ASN A 344 -12.42 -0.98 -9.13
N ASN A 345 -12.79 -1.70 -10.18
CA ASN A 345 -11.78 -2.45 -10.94
C ASN A 345 -10.84 -1.50 -11.68
N ASN A 346 -11.30 -0.32 -12.04
CA ASN A 346 -10.49 0.66 -12.76
C ASN A 346 -10.12 1.76 -11.76
N LEU A 347 -9.21 1.42 -10.86
CA LEU A 347 -8.71 2.34 -9.82
C LEU A 347 -7.18 2.28 -9.78
N ARG A 348 -6.56 2.61 -10.91
CA ARG A 348 -5.12 2.48 -11.08
C ARG A 348 -4.49 3.85 -11.04
N HIS A 349 -3.30 3.93 -10.44
CA HIS A 349 -2.58 5.20 -10.36
C HIS A 349 -1.99 5.51 -11.73
N THR A 350 -2.52 6.51 -12.41
CA THR A 350 -1.98 6.94 -13.69
C THR A 350 -1.14 8.19 -13.52
N ASP A 351 -1.77 9.31 -13.16
CA ASP A 351 -1.10 10.59 -13.09
C ASP A 351 -1.43 11.26 -11.75
N GLU A 352 -0.53 12.17 -11.33
CA GLU A 352 -0.67 12.88 -10.06
C GLU A 352 -1.62 14.08 -10.19
N MET A 353 -2.38 14.13 -11.28
CA MET A 353 -3.38 15.16 -11.51
C MET A 353 -4.79 14.63 -11.34
N PHE A 354 -4.91 13.32 -11.11
CA PHE A 354 -6.19 12.66 -10.95
C PHE A 354 -6.34 12.02 -9.57
N TRP A 355 -7.53 12.11 -9.00
CA TRP A 355 -7.89 11.19 -7.92
C TRP A 355 -7.93 9.78 -8.45
N ASN A 356 -8.45 9.62 -9.68
CA ASN A 356 -8.37 8.38 -10.44
C ASN A 356 -8.55 8.76 -11.90
N HIS A 357 -8.06 7.91 -12.81
CA HIS A 357 -8.08 8.28 -14.22
C HIS A 357 -9.50 8.31 -14.78
N VAL A 358 -10.37 7.43 -14.31
CA VAL A 358 -11.78 7.40 -14.73
C VAL A 358 -12.66 7.44 -13.49
N SER A 359 -13.82 8.11 -13.60
CA SER A 359 -14.78 8.19 -12.50
C SER A 359 -16.21 7.82 -12.86
N MET A 360 -16.54 7.64 -14.14
CA MET A 360 -17.93 7.51 -14.57
C MET A 360 -18.21 6.14 -15.16
N CYS A 361 -19.50 5.79 -15.20
CA CYS A 361 -19.95 4.48 -15.65
C CYS A 361 -21.36 4.59 -16.19
N ILE A 362 -21.61 3.88 -17.30
CA ILE A 362 -22.96 3.73 -17.83
C ILE A 362 -23.18 2.26 -18.21
N LEU A 363 -24.43 1.81 -18.07
CA LEU A 363 -24.76 0.41 -18.19
C LEU A 363 -26.21 0.27 -18.65
N ASN A 364 -26.42 -0.36 -19.80
CA ASN A 364 -27.76 -0.51 -20.35
C ASN A 364 -28.59 -1.42 -19.45
N GLY A 365 -29.73 -0.92 -18.99
CA GLY A 365 -30.58 -1.69 -18.11
C GLY A 365 -30.96 -3.04 -18.67
N GLY A 366 -31.11 -3.12 -19.99
CA GLY A 366 -31.45 -4.39 -20.61
C GLY A 366 -30.37 -5.43 -20.52
N GLY A 367 -29.18 -5.06 -20.04
CA GLY A 367 -28.11 -5.98 -19.78
C GLY A 367 -28.12 -6.58 -18.39
N ILE A 368 -29.03 -6.14 -17.53
CA ILE A 368 -29.20 -6.69 -16.19
C ILE A 368 -30.36 -7.65 -16.26
N ARG A 369 -30.07 -8.94 -16.16
CA ARG A 369 -31.03 -9.96 -16.54
C ARG A 369 -31.72 -10.66 -15.38
N SER A 370 -31.42 -10.30 -14.14
CA SER A 370 -32.08 -10.95 -13.02
C SER A 370 -31.80 -10.17 -11.74
N PRO A 371 -32.66 -10.32 -10.76
CA PRO A 371 -32.36 -9.86 -9.40
C PRO A 371 -31.66 -10.97 -8.63
N ILE A 372 -31.24 -10.64 -7.41
CA ILE A 372 -30.71 -11.61 -6.46
C ILE A 372 -31.45 -11.40 -5.14
N ASP A 373 -32.05 -12.47 -4.62
CA ASP A 373 -32.83 -12.38 -3.40
C ASP A 373 -31.91 -12.49 -2.20
N GLU A 374 -32.16 -11.66 -1.19
CA GLU A 374 -31.29 -11.67 -0.02
C GLU A 374 -31.79 -12.63 1.05
N ARG A 375 -32.98 -13.20 0.86
CA ARG A 375 -33.53 -14.14 1.84
C ARG A 375 -33.10 -15.56 1.51
N THR A 379 -26.48 -15.07 0.57
CA THR A 379 -25.35 -15.73 -0.08
C THR A 379 -25.31 -15.40 -1.55
N ILE A 380 -24.15 -14.93 -2.03
CA ILE A 380 -23.96 -14.59 -3.43
C ILE A 380 -22.92 -15.53 -4.02
N THR A 381 -23.34 -16.37 -4.95
CA THR A 381 -22.48 -17.33 -5.63
C THR A 381 -22.22 -16.87 -7.05
N TRP A 382 -21.21 -17.49 -7.69
CA TRP A 382 -20.96 -17.22 -9.10
C TRP A 382 -22.16 -17.58 -9.98
N GLU A 383 -23.08 -18.42 -9.50
CA GLU A 383 -24.24 -18.75 -10.31
C GLU A 383 -25.30 -17.66 -10.18
N ASN A 384 -25.62 -17.23 -8.94
CA ASN A 384 -26.55 -16.10 -8.78
C ASN A 384 -26.11 -14.92 -9.63
N LEU A 385 -24.82 -14.63 -9.62
CA LEU A 385 -24.30 -13.58 -10.49
C LEU A 385 -24.43 -13.96 -11.95
N ALA A 386 -24.35 -15.26 -12.27
CA ALA A 386 -24.40 -15.69 -13.66
C ALA A 386 -25.74 -15.34 -14.30
N ALA A 387 -26.81 -15.31 -13.51
CA ALA A 387 -28.12 -14.94 -14.05
C ALA A 387 -28.26 -13.44 -14.20
N VAL A 388 -27.53 -12.67 -13.39
CA VAL A 388 -27.57 -11.21 -13.52
C VAL A 388 -26.78 -10.77 -14.74
N LEU A 389 -25.61 -11.38 -14.97
CA LEU A 389 -24.71 -11.02 -16.07
C LEU A 389 -24.35 -12.26 -16.88
N PRO A 390 -25.29 -12.77 -17.67
CA PRO A 390 -25.09 -14.07 -18.34
C PRO A 390 -24.38 -13.99 -19.68
N PHE A 391 -24.10 -12.80 -20.21
CA PHE A 391 -23.63 -12.70 -21.58
C PHE A 391 -22.16 -12.99 -21.75
N GLY A 392 -21.37 -12.89 -20.68
CA GLY A 392 -19.95 -13.10 -20.81
C GLY A 392 -19.28 -11.97 -21.57
N GLY A 393 -19.74 -10.73 -21.37
CA GLY A 393 -19.12 -9.58 -21.98
C GLY A 393 -18.08 -8.97 -21.07
N THR A 394 -17.47 -7.90 -21.56
CA THR A 394 -16.41 -7.23 -20.82
C THR A 394 -16.87 -5.82 -20.47
N PHE A 395 -16.24 -5.27 -19.44
CA PHE A 395 -16.46 -3.88 -19.02
C PHE A 395 -15.29 -3.07 -19.54
N ASP A 396 -15.50 -2.37 -20.66
CA ASP A 396 -14.45 -1.70 -21.41
C ASP A 396 -14.37 -0.23 -21.00
N LEU A 397 -13.24 0.39 -21.36
CA LEU A 397 -12.98 1.80 -21.09
C LEU A 397 -13.04 2.57 -22.41
N VAL A 398 -13.81 3.65 -22.44
CA VAL A 398 -14.09 4.39 -23.66
C VAL A 398 -13.92 5.88 -23.40
N GLN A 399 -13.52 6.61 -24.44
CA GLN A 399 -13.35 8.06 -24.38
C GLN A 399 -14.45 8.73 -25.17
N LEU A 400 -15.17 9.64 -24.54
CA LEU A 400 -16.31 10.27 -25.16
C LEU A 400 -16.30 11.78 -24.91
N LYS A 401 -16.57 12.55 -25.95
CA LYS A 401 -16.86 13.96 -25.77
C LYS A 401 -18.18 14.11 -25.02
N GLY A 402 -18.31 15.20 -24.27
CA GLY A 402 -19.56 15.43 -23.55
C GLY A 402 -20.77 15.37 -24.44
N SER A 403 -20.65 15.85 -25.68
CA SER A 403 -21.78 15.79 -26.60
C SER A 403 -22.23 14.34 -26.80
N THR A 404 -21.27 13.45 -27.02
CA THR A 404 -21.58 12.03 -27.20
C THR A 404 -22.29 11.46 -25.98
N LEU A 405 -21.85 11.84 -24.77
CA LEU A 405 -22.49 11.36 -23.55
C LEU A 405 -23.90 11.90 -23.43
N LYS A 406 -24.10 13.18 -23.73
CA LYS A 406 -25.44 13.76 -23.66
C LYS A 406 -26.37 13.07 -24.64
N LYS A 407 -25.88 12.77 -25.85
CA LYS A 407 -26.71 12.07 -26.83
C LYS A 407 -27.05 10.66 -26.36
N ALA A 408 -26.11 10.00 -25.68
CA ALA A 408 -26.37 8.66 -25.13
C ALA A 408 -27.43 8.70 -24.04
N PHE A 409 -27.43 9.77 -23.22
CA PHE A 409 -28.46 9.89 -22.18
C PHE A 409 -29.79 10.38 -22.73
N GLU A 410 -29.77 11.15 -23.83
CA GLU A 410 -31.04 11.45 -24.52
C GLU A 410 -31.65 10.18 -25.11
N HIS A 411 -30.83 9.36 -25.77
CA HIS A 411 -31.29 8.08 -26.30
C HIS A 411 -31.81 7.16 -25.21
N SER A 412 -31.24 7.25 -24.01
CA SER A 412 -31.65 6.38 -22.90
C SER A 412 -33.15 6.50 -22.62
N VAL A 413 -33.74 7.65 -22.90
CA VAL A 413 -35.14 7.87 -22.56
C VAL A 413 -35.90 8.48 -23.73
N HIS A 414 -35.39 8.28 -24.95
CA HIS A 414 -36.05 8.85 -26.13
C HIS A 414 -37.41 8.20 -26.36
N ARG A 415 -37.57 6.93 -26.01
CA ARG A 415 -38.85 6.21 -26.09
C ARG A 415 -39.22 5.65 -24.72
N TYR A 416 -39.05 6.46 -23.69
CA TYR A 416 -39.31 6.00 -22.33
C TYR A 416 -40.76 5.55 -22.18
N GLY A 417 -40.95 4.45 -21.46
CA GLY A 417 -42.26 3.94 -21.13
C GLY A 417 -42.62 2.59 -21.73
N GLN A 418 -41.80 2.03 -22.61
CA GLN A 418 -42.09 0.76 -23.25
C GLN A 418 -41.17 -0.37 -22.77
N SER A 419 -40.60 -0.20 -21.58
CA SER A 419 -39.71 -1.21 -20.97
C SER A 419 -38.54 -1.54 -21.87
N THR A 420 -38.06 -0.56 -22.64
CA THR A 420 -36.91 -0.78 -23.51
C THR A 420 -35.63 -0.81 -22.68
N GLY A 421 -34.69 -1.64 -23.12
CA GLY A 421 -33.47 -1.93 -22.41
C GLY A 421 -32.34 -0.95 -22.55
N GLU A 422 -32.55 0.19 -23.22
CA GLU A 422 -31.48 1.18 -23.39
C GLU A 422 -31.42 2.19 -22.24
N PHE A 423 -32.35 2.13 -21.28
CA PHE A 423 -32.32 3.01 -20.12
C PHE A 423 -31.06 2.74 -19.30
N LEU A 424 -30.27 3.79 -19.08
CA LEU A 424 -28.93 3.64 -18.52
C LEU A 424 -28.91 3.69 -17.00
N GLN A 425 -28.30 2.68 -16.39
CA GLN A 425 -27.85 2.75 -15.00
C GLN A 425 -26.46 3.35 -14.98
N VAL A 426 -26.17 4.12 -13.94
CA VAL A 426 -24.99 4.98 -13.92
C VAL A 426 -24.25 4.90 -12.60
N GLY A 427 -22.99 5.29 -12.65
CA GLY A 427 -22.15 5.48 -11.47
C GLY A 427 -21.23 6.67 -11.71
N GLY A 428 -21.05 7.52 -10.72
CA GLY A 428 -20.29 8.73 -10.96
C GLY A 428 -20.96 9.70 -11.89
N ILE A 429 -22.28 9.59 -12.06
CA ILE A 429 -23.05 10.48 -12.90
C ILE A 429 -24.38 10.78 -12.21
N HIS A 430 -24.79 12.05 -12.21
CA HIS A 430 -26.07 12.45 -11.65
C HIS A 430 -26.88 13.08 -12.79
N VAL A 431 -27.89 12.35 -13.27
CA VAL A 431 -28.68 12.79 -14.41
C VAL A 431 -30.13 12.99 -13.96
N VAL A 432 -30.74 14.07 -14.46
CA VAL A 432 -32.14 14.39 -14.19
C VAL A 432 -32.85 14.51 -15.54
N TYR A 433 -33.95 13.78 -15.69
CA TYR A 433 -34.75 13.80 -16.91
C TYR A 433 -36.03 14.58 -16.66
N ASP A 434 -36.55 15.20 -17.73
CA ASP A 434 -37.88 15.82 -17.73
C ASP A 434 -38.63 15.18 -18.88
N LEU A 435 -39.49 14.20 -18.56
CA LEU A 435 -40.13 13.42 -19.61
C LEU A 435 -41.22 14.19 -20.33
N SER A 436 -41.69 15.30 -19.75
CA SER A 436 -42.69 16.12 -20.42
C SER A 436 -42.14 16.81 -21.66
N ARG A 437 -40.82 16.87 -21.81
CA ARG A 437 -40.20 17.52 -22.94
C ARG A 437 -40.18 16.60 -24.16
N LYS A 438 -39.75 17.17 -25.27
CA LYS A 438 -39.66 16.39 -26.51
C LYS A 438 -38.58 15.31 -26.42
N PRO A 439 -38.78 14.20 -27.12
CA PRO A 439 -37.68 13.23 -27.26
C PRO A 439 -36.50 13.90 -27.93
N GLY A 440 -35.31 13.68 -27.37
CA GLY A 440 -34.09 14.35 -27.80
C GLY A 440 -33.74 15.59 -27.01
N ASP A 441 -34.59 16.02 -26.09
CA ASP A 441 -34.38 17.23 -25.29
C ASP A 441 -34.90 17.01 -23.87
N ARG A 442 -34.72 15.80 -23.34
CA ARG A 442 -35.29 15.43 -22.04
C ARG A 442 -34.29 15.48 -20.90
N VAL A 443 -32.98 15.48 -21.19
CA VAL A 443 -31.96 15.63 -20.16
C VAL A 443 -31.87 17.11 -19.77
N VAL A 444 -32.24 17.42 -18.53
CA VAL A 444 -32.25 18.80 -18.04
C VAL A 444 -31.03 19.10 -17.18
N LYS A 445 -30.50 18.09 -16.51
CA LYS A 445 -29.28 18.24 -15.71
C LYS A 445 -28.43 16.99 -15.89
N LEU A 446 -27.12 17.17 -16.06
CA LEU A 446 -26.22 16.03 -16.26
C LEU A 446 -24.87 16.40 -15.62
N ASP A 447 -24.74 16.06 -14.34
CA ASP A 447 -23.53 16.30 -13.57
C ASP A 447 -22.69 15.04 -13.53
N VAL A 448 -21.37 15.20 -13.61
CA VAL A 448 -20.44 14.08 -13.60
C VAL A 448 -19.36 14.32 -12.55
N LEU A 449 -18.75 13.22 -12.11
CA LEU A 449 -17.75 13.26 -11.06
C LEU A 449 -16.39 13.60 -11.67
N CYS A 450 -15.72 14.61 -11.09
CA CYS A 450 -14.47 15.08 -11.66
C CYS A 450 -13.37 14.05 -11.44
N THR A 451 -12.43 14.00 -12.41
CA THR A 451 -11.20 13.24 -12.28
C THR A 451 -9.99 14.12 -12.02
N LYS A 452 -9.82 15.20 -12.79
CA LYS A 452 -8.73 16.16 -12.57
C LYS A 452 -9.12 17.08 -11.41
N CYS A 453 -9.12 16.49 -10.21
CA CYS A 453 -9.52 17.17 -8.99
C CYS A 453 -9.05 16.35 -7.80
N ARG A 454 -8.64 17.03 -6.73
CA ARG A 454 -8.11 16.33 -5.56
C ARG A 454 -9.23 15.77 -4.68
N VAL A 455 -10.33 16.49 -4.56
CA VAL A 455 -11.51 16.02 -3.84
C VAL A 455 -12.62 15.77 -4.86
N PRO A 456 -13.10 14.54 -5.03
CA PRO A 456 -14.08 14.28 -6.08
C PRO A 456 -15.42 14.94 -5.76
N SER A 457 -15.95 15.68 -6.74
CA SER A 457 -17.23 16.35 -6.61
C SER A 457 -17.90 16.39 -7.98
N TYR A 458 -19.21 16.63 -7.97
CA TYR A 458 -20.01 16.61 -9.19
C TYR A 458 -20.09 18.00 -9.82
N ASP A 459 -19.76 18.09 -11.09
CA ASP A 459 -19.78 19.33 -11.85
C ASP A 459 -20.52 19.13 -13.16
N PRO A 460 -21.07 20.21 -13.73
CA PRO A 460 -21.89 20.05 -14.93
C PRO A 460 -21.07 19.46 -16.08
N LEU A 461 -21.71 18.60 -16.85
CA LEU A 461 -21.08 18.00 -18.01
C LEU A 461 -20.79 19.04 -19.07
N LYS A 462 -19.59 18.96 -19.65
CA LYS A 462 -19.16 19.87 -20.69
C LYS A 462 -19.16 19.15 -22.03
N MET A 463 -19.89 19.72 -23.00
CA MET A 463 -20.07 19.05 -24.29
C MET A 463 -18.77 19.05 -25.11
N ASP A 464 -17.88 20.01 -24.85
CA ASP A 464 -16.64 20.14 -25.59
C ASP A 464 -15.49 19.38 -24.94
N GLU A 465 -15.64 18.91 -23.69
CA GLU A 465 -14.59 18.15 -23.02
C GLU A 465 -14.71 16.66 -23.33
N VAL A 466 -13.70 15.90 -22.88
CA VAL A 466 -13.62 14.47 -23.12
C VAL A 466 -13.52 13.75 -21.79
N TYR A 467 -14.37 12.74 -21.60
CA TYR A 467 -14.47 12.02 -20.34
C TYR A 467 -14.24 10.54 -20.61
N LYS A 468 -13.61 9.86 -19.67
CA LYS A 468 -13.46 8.42 -19.76
C LYS A 468 -14.61 7.73 -19.02
N VAL A 469 -15.25 6.78 -19.70
CA VAL A 469 -16.42 6.07 -19.21
C VAL A 469 -16.14 4.58 -19.32
N ILE A 470 -16.56 3.83 -18.31
CA ILE A 470 -16.50 2.38 -18.31
C ILE A 470 -17.88 1.87 -18.67
N LEU A 471 -17.98 1.09 -19.75
CA LEU A 471 -19.27 0.58 -20.19
C LEU A 471 -19.09 -0.82 -20.76
N PRO A 472 -20.17 -1.58 -20.92
CA PRO A 472 -20.05 -2.91 -21.50
C PRO A 472 -19.59 -2.82 -22.94
N ASN A 473 -18.88 -3.87 -23.38
CA ASN A 473 -18.49 -3.94 -24.79
C ASN A 473 -19.68 -3.87 -25.72
N PHE A 474 -20.86 -4.32 -25.25
CA PHE A 474 -22.05 -4.27 -26.08
C PHE A 474 -22.43 -2.84 -26.43
N LEU A 475 -22.25 -1.91 -25.50
CA LEU A 475 -22.58 -0.52 -25.79
C LEU A 475 -21.49 0.15 -26.61
N ALA A 476 -20.23 -0.21 -26.38
CA ALA A 476 -19.14 0.38 -27.14
C ALA A 476 -19.28 0.10 -28.63
N ASN A 477 -19.92 -1.02 -28.99
CA ASN A 477 -20.12 -1.41 -30.37
C ASN A 477 -21.46 -0.96 -30.93
N GLY A 478 -22.10 0.03 -30.33
CA GLY A 478 -23.35 0.56 -30.86
C GLY A 478 -24.58 -0.26 -30.56
N GLY A 479 -24.50 -1.20 -29.63
CA GLY A 479 -25.67 -1.99 -29.28
C GLY A 479 -26.77 -1.16 -28.65
N ASP A 480 -27.98 -1.71 -28.71
CA ASP A 480 -29.16 -1.06 -28.10
C ASP A 480 -29.38 0.33 -28.72
N GLY A 481 -28.96 0.51 -29.97
CA GLY A 481 -29.16 1.76 -30.65
C GLY A 481 -28.20 2.86 -30.25
N PHE A 482 -27.19 2.55 -29.44
CA PHE A 482 -26.22 3.56 -29.01
C PHE A 482 -25.17 3.77 -30.10
N GLN A 483 -25.66 4.12 -31.28
CA GLN A 483 -24.78 4.33 -32.43
C GLN A 483 -23.77 5.46 -32.17
N MET A 484 -24.18 6.50 -31.46
CA MET A 484 -23.30 7.65 -31.27
C MET A 484 -22.05 7.26 -30.49
N ILE A 485 -22.15 6.26 -29.63
CA ILE A 485 -20.98 5.83 -28.87
C ILE A 485 -19.94 5.21 -29.80
N LYS A 486 -20.37 4.26 -30.64
CA LYS A 486 -19.42 3.60 -31.55
C LYS A 486 -18.87 4.58 -32.57
N ASP A 487 -19.73 5.47 -33.09
CA ASP A 487 -19.31 6.35 -34.17
C ASP A 487 -18.46 7.50 -33.69
N GLU A 488 -18.67 7.97 -32.47
CA GLU A 488 -18.06 9.19 -31.97
C GLU A 488 -16.99 8.97 -30.90
N LEU A 489 -16.80 7.76 -30.42
CA LEU A 489 -15.80 7.52 -29.37
C LEU A 489 -14.39 7.73 -29.92
N LEU A 490 -13.54 8.31 -29.08
CA LEU A 490 -12.19 8.69 -29.47
C LEU A 490 -11.13 7.68 -29.04
N ARG A 491 -11.53 6.63 -28.34
CA ARG A 491 -10.58 5.64 -27.83
C ARG A 491 -11.37 4.45 -27.31
N HIS A 492 -10.84 3.25 -27.49
CA HIS A 492 -11.53 2.07 -27.02
C HIS A 492 -10.51 1.03 -26.56
N ASP A 493 -10.65 0.60 -25.31
CA ASP A 493 -9.78 -0.41 -24.72
C ASP A 493 -10.66 -1.48 -24.09
N SER A 494 -10.31 -2.75 -24.32
CA SER A 494 -11.07 -3.86 -23.77
C SER A 494 -10.66 -4.13 -22.32
N GLY A 495 -11.64 -4.44 -21.48
CA GLY A 495 -11.42 -4.65 -20.06
C GLY A 495 -11.67 -6.07 -19.63
N ASP A 496 -11.85 -6.26 -18.32
CA ASP A 496 -12.07 -7.59 -17.79
C ASP A 496 -13.54 -8.00 -17.97
N GLN A 497 -13.78 -9.29 -17.78
CA GLN A 497 -15.11 -9.86 -17.97
C GLN A 497 -16.09 -9.26 -16.96
N ASP A 498 -17.35 -9.12 -17.39
CA ASP A 498 -18.35 -8.49 -16.55
C ASP A 498 -18.51 -9.22 -15.21
N ILE A 499 -18.80 -10.51 -15.26
CA ILE A 499 -19.07 -11.24 -14.02
C ILE A 499 -17.84 -11.29 -13.13
N ASN A 500 -16.64 -11.17 -13.70
CA ASN A 500 -15.43 -11.21 -12.88
C ASN A 500 -15.25 -9.91 -12.10
N VAL A 501 -15.55 -8.78 -12.74
CA VAL A 501 -15.48 -7.49 -12.08
C VAL A 501 -16.50 -7.41 -10.96
N VAL A 502 -17.75 -7.80 -11.25
CA VAL A 502 -18.79 -7.76 -10.22
C VAL A 502 -18.47 -8.75 -9.11
N SER A 503 -17.77 -9.83 -9.45
CA SER A 503 -17.45 -10.85 -8.46
C SER A 503 -16.29 -10.43 -7.57
N THR A 504 -15.22 -9.88 -8.17
CA THR A 504 -14.09 -9.46 -7.36
C THR A 504 -14.50 -8.37 -6.37
N TYR A 505 -15.41 -7.50 -6.78
CA TYR A 505 -15.87 -6.43 -5.92
C TYR A 505 -16.61 -6.97 -4.71
N ILE A 506 -17.54 -7.90 -4.93
CA ILE A 506 -18.29 -8.49 -3.83
C ILE A 506 -17.35 -9.15 -2.84
N SER A 507 -16.30 -9.80 -3.35
CA SER A 507 -15.39 -10.53 -2.46
C SER A 507 -14.65 -9.57 -1.54
N LYS A 508 -14.25 -8.40 -2.04
CA LYS A 508 -13.55 -7.41 -1.22
C LYS A 508 -14.47 -6.83 -0.15
N MET A 509 -15.72 -6.56 -0.51
CA MET A 509 -16.64 -5.91 0.41
C MET A 509 -17.25 -6.88 1.42
N LYS A 510 -17.17 -8.20 1.18
CA LYS A 510 -17.68 -9.17 2.13
C LYS A 510 -19.19 -9.09 2.27
N VAL A 511 -19.70 -7.93 2.71
CA VAL A 511 -21.13 -7.67 2.84
C VAL A 511 -21.44 -6.40 2.07
N ILE A 512 -22.43 -6.46 1.17
CA ILE A 512 -22.82 -5.33 0.35
C ILE A 512 -24.25 -4.92 0.67
N TYR A 513 -24.57 -3.66 0.41
CA TYR A 513 -25.90 -3.14 0.67
C TYR A 513 -26.16 -1.93 -0.22
N PRO A 514 -26.11 -2.10 -1.53
CA PRO A 514 -26.33 -0.95 -2.43
C PRO A 514 -27.72 -0.37 -2.24
N ALA A 515 -27.84 0.94 -2.49
CA ALA A 515 -29.09 1.66 -2.30
C ALA A 515 -29.40 2.47 -3.55
N VAL A 516 -30.65 2.92 -3.64
CA VAL A 516 -31.05 3.91 -4.63
C VAL A 516 -30.77 5.28 -4.02
N GLU A 517 -29.79 6.00 -4.59
CA GLU A 517 -29.24 7.18 -3.96
C GLU A 517 -29.68 8.49 -4.60
N GLY A 518 -30.31 8.46 -5.75
CA GLY A 518 -30.62 9.66 -6.50
C GLY A 518 -29.73 9.88 -7.69
N ARG A 519 -28.99 8.86 -8.13
CA ARG A 519 -28.18 9.00 -9.33
C ARG A 519 -29.02 9.31 -10.55
N ILE A 520 -30.27 8.84 -10.58
CA ILE A 520 -31.22 9.10 -11.68
C ILE A 520 -32.49 9.68 -11.07
N LYS A 521 -32.87 10.87 -11.52
CA LYS A 521 -34.05 11.56 -10.99
C LYS A 521 -34.95 12.01 -12.13
N PHE A 522 -36.23 12.24 -11.81
CA PHE A 522 -37.21 12.67 -12.79
C PHE A 522 -37.91 13.95 -12.37
N SER A 523 -37.90 14.94 -13.25
CA SER A 523 -38.50 16.24 -12.97
C SER A 523 -39.90 16.32 -13.58
N TRP B 1 2.95 57.50 22.94
CA TRP B 1 3.46 56.20 23.34
C TRP B 1 2.75 55.10 22.56
N GLU B 2 3.47 54.42 21.68
CA GLU B 2 2.91 53.41 20.80
C GLU B 2 3.18 52.03 21.36
N LEU B 3 2.15 51.21 21.43
CA LEU B 3 2.26 49.83 21.86
C LEU B 3 2.03 48.92 20.67
N THR B 4 2.81 47.84 20.59
CA THR B 4 2.65 46.83 19.57
C THR B 4 2.16 45.56 20.26
N ILE B 5 0.96 45.12 19.90
CA ILE B 5 0.38 43.90 20.47
C ILE B 5 0.50 42.80 19.43
N LEU B 6 1.15 41.70 19.80
CA LEU B 6 1.20 40.47 19.02
C LEU B 6 0.34 39.44 19.75
N HIS B 7 -0.58 38.81 19.03
CA HIS B 7 -1.52 37.89 19.67
C HIS B 7 -1.78 36.64 18.84
N THR B 8 -1.94 35.52 19.52
CA THR B 8 -2.36 34.26 18.93
C THR B 8 -3.57 33.72 19.68
N ASN B 9 -4.32 32.84 19.02
CA ASN B 9 -5.47 32.22 19.67
C ASN B 9 -5.84 30.93 18.95
N ASP B 10 -6.39 30.00 19.72
CA ASP B 10 -6.84 28.71 19.21
C ASP B 10 -5.73 28.04 18.39
N VAL B 11 -4.53 28.04 18.95
CA VAL B 11 -3.39 27.41 18.28
C VAL B 11 -3.60 25.89 18.20
N HIS B 12 -4.11 25.29 19.27
CA HIS B 12 -4.53 23.90 19.26
C HIS B 12 -3.40 22.96 18.82
N SER B 13 -2.34 22.94 19.61
CA SER B 13 -1.26 21.96 19.49
C SER B 13 -0.64 21.95 18.10
N ARG B 14 -0.76 23.04 17.36
CA ARG B 14 -0.10 23.17 16.07
C ARG B 14 1.34 23.68 16.27
N LEU B 15 2.09 22.88 17.03
CA LEU B 15 3.46 23.25 17.36
C LEU B 15 4.38 23.12 16.15
N GLU B 16 4.20 22.08 15.35
CA GLU B 16 4.99 21.94 14.14
C GLU B 16 4.36 22.71 13.01
N GLN B 17 5.20 23.20 12.11
CA GLN B 17 4.71 23.87 10.91
C GLN B 17 3.75 22.93 10.19
N THR B 18 2.72 23.50 9.59
CA THR B 18 1.64 22.72 9.01
C THR B 18 1.51 23.02 7.52
N SER B 19 0.71 22.21 6.85
CA SER B 19 0.27 22.54 5.51
C SER B 19 -0.60 23.79 5.58
N GLU B 20 -1.05 24.25 4.42
CA GLU B 20 -1.89 25.43 4.36
C GLU B 20 -3.30 25.18 4.90
N ASP B 21 -3.73 23.93 5.02
CA ASP B 21 -5.00 23.58 5.64
C ASP B 21 -4.87 23.26 7.13
N SER B 22 -3.68 23.45 7.70
CA SER B 22 -3.38 23.20 9.11
C SER B 22 -3.26 21.71 9.43
N SER B 23 -3.04 20.87 8.42
CA SER B 23 -2.77 19.47 8.65
C SER B 23 -1.25 19.23 8.65
N LYS B 24 -0.85 17.98 8.87
CA LYS B 24 0.56 17.65 8.98
C LYS B 24 1.32 18.17 7.75
N CYS B 25 2.49 18.75 8.00
CA CYS B 25 3.33 19.25 6.92
C CYS B 25 3.95 18.10 6.13
N VAL B 26 3.76 18.13 4.81
CA VAL B 26 4.34 17.12 3.93
C VAL B 26 5.35 17.81 3.00
N ASP B 27 4.85 18.64 2.09
CA ASP B 27 5.71 19.44 1.20
C ASP B 27 6.29 20.60 2.03
N ALA B 28 7.45 20.38 2.64
CA ALA B 28 8.02 21.35 3.57
C ALA B 28 8.30 22.70 2.93
N SER B 29 8.42 22.77 1.61
CA SER B 29 8.72 24.03 0.94
C SER B 29 7.58 25.04 1.01
N ARG B 30 6.35 24.58 1.26
CA ARG B 30 5.16 25.42 1.29
C ARG B 30 4.40 25.31 2.61
N CYS B 31 5.08 24.94 3.69
CA CYS B 31 4.43 24.77 4.97
C CYS B 31 4.42 26.11 5.72
N MET B 32 3.59 26.17 6.76
CA MET B 32 3.30 27.44 7.42
C MET B 32 3.25 27.23 8.93
N GLY B 33 3.20 28.34 9.65
CA GLY B 33 3.00 28.28 11.07
C GLY B 33 4.09 27.53 11.80
N GLY B 34 3.73 27.09 12.99
CA GLY B 34 4.68 26.48 13.90
C GLY B 34 5.29 27.48 14.86
N VAL B 35 5.70 26.97 16.03
CA VAL B 35 6.29 27.85 17.02
C VAL B 35 7.66 28.33 16.53
N ALA B 36 8.39 27.48 15.82
CA ALA B 36 9.72 27.89 15.35
C ALA B 36 9.62 29.11 14.43
N ARG B 37 8.69 29.05 13.46
CA ARG B 37 8.49 30.21 12.57
C ARG B 37 7.89 31.37 13.33
N LEU B 38 7.04 31.10 14.31
CA LEU B 38 6.47 32.17 15.11
C LEU B 38 7.56 32.89 15.91
N PHE B 39 8.51 32.13 16.44
CA PHE B 39 9.60 32.72 17.21
C PHE B 39 10.38 33.72 16.37
N THR B 40 10.64 33.39 15.12
CA THR B 40 11.39 34.30 14.24
C THR B 40 10.64 35.61 14.07
N LYS B 41 9.35 35.55 13.75
CA LYS B 41 8.62 36.80 13.52
C LYS B 41 8.49 37.60 14.82
N VAL B 42 8.28 36.92 15.94
CA VAL B 42 8.13 37.62 17.22
C VAL B 42 9.43 38.31 17.61
N GLN B 43 10.54 37.60 17.50
CA GLN B 43 11.84 38.20 17.78
C GLN B 43 12.20 39.29 16.78
N GLN B 44 11.69 39.19 15.55
CA GLN B 44 11.87 40.27 14.58
C GLN B 44 11.19 41.54 15.03
N ILE B 45 9.93 41.43 15.47
CA ILE B 45 9.19 42.62 15.86
C ILE B 45 9.78 43.23 17.11
N ARG B 46 10.34 42.41 18.00
CA ARG B 46 10.88 42.93 19.25
C ARG B 46 12.10 43.80 19.02
N ARG B 47 12.90 43.49 18.01
CA ARG B 47 14.06 44.32 17.68
C ARG B 47 13.71 45.58 16.89
N ALA B 48 12.51 45.66 16.34
CA ALA B 48 12.09 46.83 15.57
C ALA B 48 11.23 47.78 16.39
N GLU B 49 10.39 47.23 17.25
CA GLU B 49 9.48 48.04 18.04
C GLU B 49 9.93 48.07 19.49
N PRO B 50 9.82 49.22 20.15
CA PRO B 50 10.29 49.31 21.54
C PRO B 50 9.36 48.63 22.53
N ASN B 51 8.05 48.78 22.35
CA ASN B 51 7.04 48.33 23.30
C ASN B 51 6.23 47.22 22.65
N VAL B 52 6.50 45.98 23.04
CA VAL B 52 5.88 44.81 22.44
C VAL B 52 5.28 43.93 23.52
N LEU B 53 4.05 43.46 23.28
CA LEU B 53 3.42 42.48 24.15
C LEU B 53 2.95 41.32 23.29
N LEU B 54 3.27 40.10 23.71
CA LEU B 54 2.85 38.89 23.04
C LEU B 54 1.82 38.18 23.92
N LEU B 55 0.59 38.07 23.42
CA LEU B 55 -0.53 37.56 24.20
C LEU B 55 -1.15 36.37 23.50
N ASP B 56 -1.78 35.49 24.28
CA ASP B 56 -2.52 34.37 23.71
C ASP B 56 -3.91 34.35 24.33
N ALA B 57 -4.92 34.21 23.48
CA ALA B 57 -6.31 34.32 23.88
C ALA B 57 -6.97 32.96 24.09
N GLY B 58 -6.19 31.93 24.33
CA GLY B 58 -6.73 30.68 24.82
C GLY B 58 -6.74 29.59 23.78
N ASP B 59 -7.14 28.40 24.25
CA ASP B 59 -7.25 27.21 23.43
C ASP B 59 -5.91 26.84 22.78
N GLN B 60 -4.87 26.74 23.62
CA GLN B 60 -3.64 26.09 23.19
C GLN B 60 -3.77 24.57 23.31
N TYR B 61 -4.63 24.11 24.19
CA TYR B 61 -4.84 22.68 24.43
C TYR B 61 -5.59 22.02 23.27
N GLN B 62 -5.29 20.74 23.08
CA GLN B 62 -6.11 19.85 22.26
C GLN B 62 -5.96 20.17 20.78
N GLY B 63 -5.62 19.15 19.98
CA GLY B 63 -5.53 19.36 18.56
C GLY B 63 -4.70 18.40 17.77
N THR B 64 -3.61 17.90 18.36
CA THR B 64 -2.74 16.96 17.65
C THR B 64 -2.20 15.95 18.64
N ILE B 65 -1.36 15.04 18.12
CA ILE B 65 -0.70 14.05 18.97
C ILE B 65 0.26 14.71 19.97
N TRP B 66 0.62 15.98 19.74
CA TRP B 66 1.49 16.68 20.68
C TRP B 66 0.83 16.81 22.05
N PHE B 67 -0.44 17.19 22.08
CA PHE B 67 -1.17 17.29 23.33
C PHE B 67 -1.58 15.92 23.85
N THR B 68 -1.86 14.97 22.95
CA THR B 68 -2.17 13.61 23.38
C THR B 68 -1.03 13.01 24.21
N VAL B 69 0.21 13.24 23.77
CA VAL B 69 1.36 12.64 24.44
C VAL B 69 1.79 13.49 25.63
N TYR B 70 2.04 14.78 25.41
CA TYR B 70 2.61 15.63 26.44
C TYR B 70 1.57 16.30 27.31
N LYS B 71 0.29 16.32 26.91
CA LYS B 71 -0.81 16.71 27.79
C LYS B 71 -0.64 18.11 28.36
N GLY B 72 0.03 19.00 27.64
CA GLY B 72 0.19 20.38 28.03
C GLY B 72 1.59 20.78 28.43
N ALA B 73 2.47 19.81 28.69
CA ALA B 73 3.86 20.15 28.97
C ALA B 73 4.53 20.79 27.77
N GLU B 74 4.08 20.46 26.57
CA GLU B 74 4.61 21.12 25.37
C GLU B 74 4.14 22.56 25.27
N VAL B 75 2.95 22.85 25.79
CA VAL B 75 2.43 24.22 25.76
C VAL B 75 3.25 25.10 26.69
N ALA B 76 3.44 24.66 27.94
CA ALA B 76 4.21 25.43 28.89
C ALA B 76 5.64 25.61 28.42
N HIS B 77 6.22 24.58 27.81
CA HIS B 77 7.63 24.65 27.44
C HIS B 77 7.85 25.65 26.32
N PHE B 78 7.08 25.54 25.24
CA PHE B 78 7.31 26.35 24.06
C PHE B 78 6.64 27.72 24.13
N MET B 79 5.61 27.89 24.96
CA MET B 79 5.14 29.25 25.25
C MET B 79 6.16 30.02 26.07
N ASN B 80 6.87 29.34 26.97
CA ASN B 80 7.97 29.98 27.68
C ASN B 80 9.10 30.33 26.73
N ALA B 81 9.44 29.43 25.80
CA ALA B 81 10.53 29.71 24.88
C ALA B 81 10.28 30.97 24.06
N LEU B 82 9.07 31.11 23.53
CA LEU B 82 8.71 32.35 22.83
C LEU B 82 8.52 33.56 23.72
N ARG B 83 8.56 33.36 25.03
CA ARG B 83 8.47 34.47 25.97
C ARG B 83 7.17 35.23 25.82
N TYR B 84 6.08 34.48 25.89
CA TYR B 84 4.76 35.08 25.92
C TYR B 84 4.63 35.98 27.14
N ASP B 85 3.95 37.12 26.98
CA ASP B 85 3.74 38.06 28.07
C ASP B 85 2.48 37.79 28.89
N ALA B 86 1.47 37.12 28.34
CA ALA B 86 0.28 36.79 29.11
C ALA B 86 -0.52 35.77 28.31
N MET B 87 -1.38 35.04 29.03
CA MET B 87 -2.28 34.10 28.40
C MET B 87 -3.63 34.18 29.10
N ALA B 88 -4.70 34.06 28.32
CA ALA B 88 -6.05 33.90 28.84
C ALA B 88 -6.47 32.43 28.76
N LEU B 89 -7.20 31.98 29.76
CA LEU B 89 -7.65 30.59 29.78
C LEU B 89 -8.80 30.40 28.79
N GLY B 90 -8.71 29.35 27.97
CA GLY B 90 -9.77 28.97 27.08
C GLY B 90 -10.57 27.82 27.64
N ASN B 91 -11.63 27.46 26.91
CA ASN B 91 -12.47 26.35 27.31
C ASN B 91 -11.75 25.02 27.17
N HIS B 92 -10.88 24.87 26.16
CA HIS B 92 -10.18 23.61 25.99
C HIS B 92 -9.02 23.42 26.97
N GLU B 93 -8.58 24.48 27.65
CA GLU B 93 -7.59 24.32 28.71
C GLU B 93 -8.11 23.49 29.87
N PHE B 94 -9.40 23.18 29.89
CA PHE B 94 -10.01 22.36 30.94
C PHE B 94 -10.37 20.96 30.46
N ASP B 95 -10.02 20.59 29.22
CA ASP B 95 -10.42 19.28 28.71
C ASP B 95 -9.90 18.15 29.58
N ASN B 96 -8.75 18.32 30.25
CA ASN B 96 -8.23 17.29 31.13
C ASN B 96 -8.49 17.61 32.61
N GLY B 97 -9.59 18.28 32.90
CA GLY B 97 -9.93 18.67 34.26
C GLY B 97 -9.08 19.82 34.76
N VAL B 98 -9.38 20.24 35.99
CA VAL B 98 -8.55 21.26 36.63
C VAL B 98 -7.14 20.71 36.86
N GLU B 99 -7.04 19.44 37.24
CA GLU B 99 -5.73 18.85 37.50
C GLU B 99 -4.90 18.80 36.22
N GLY B 100 -5.55 18.55 35.09
CA GLY B 100 -4.84 18.59 33.82
C GLY B 100 -4.41 19.98 33.40
N LEU B 101 -4.94 21.02 34.05
CA LEU B 101 -4.56 22.41 33.84
C LEU B 101 -3.55 22.89 34.88
N ILE B 102 -3.76 22.53 36.15
CA ILE B 102 -2.87 23.00 37.21
C ILE B 102 -1.48 22.40 37.03
N GLU B 103 -1.39 21.08 36.94
CA GLU B 103 -0.06 20.46 36.99
C GLU B 103 0.81 20.88 35.80
N PRO B 104 0.39 20.70 34.54
CA PRO B 104 1.33 20.91 33.43
C PRO B 104 1.51 22.37 33.04
N LEU B 105 0.45 23.19 33.13
CA LEU B 105 0.48 24.54 32.59
C LEU B 105 0.62 25.59 33.69
N LEU B 106 -0.38 25.69 34.56
CA LEU B 106 -0.36 26.74 35.58
C LEU B 106 0.89 26.68 36.46
N LYS B 107 1.41 25.49 36.73
CA LYS B 107 2.58 25.37 37.60
C LYS B 107 3.90 25.50 36.86
N GLU B 108 3.90 25.40 35.53
CA GLU B 108 5.15 25.40 34.77
C GLU B 108 5.28 26.61 33.86
N ALA B 109 4.28 27.49 33.82
CA ALA B 109 4.33 28.66 32.96
C ALA B 109 5.11 29.76 33.65
N LYS B 110 6.00 30.41 32.90
CA LYS B 110 6.78 31.55 33.38
C LYS B 110 6.11 32.88 33.01
N PHE B 111 4.82 32.86 32.67
CA PHE B 111 4.05 34.05 32.34
C PHE B 111 2.70 33.98 33.06
N PRO B 112 2.05 35.12 33.27
CA PRO B 112 0.77 35.09 33.99
C PRO B 112 -0.35 34.55 33.11
N ILE B 113 -1.17 33.68 33.69
CA ILE B 113 -2.31 33.07 33.02
C ILE B 113 -3.57 33.59 33.68
N LEU B 114 -4.40 34.28 32.91
CA LEU B 114 -5.41 35.20 33.43
C LEU B 114 -6.82 34.71 33.14
N SER B 115 -7.73 35.05 34.06
CA SER B 115 -9.16 34.87 33.86
C SER B 115 -9.91 35.50 35.04
N ALA B 116 -10.67 36.57 34.77
CA ALA B 116 -11.35 37.34 35.81
C ALA B 116 -12.71 36.77 36.20
N ASN B 117 -13.36 35.99 35.33
CA ASN B 117 -14.70 35.50 35.59
C ASN B 117 -14.73 34.04 36.01
N ILE B 118 -13.59 33.48 36.42
CA ILE B 118 -13.52 32.12 36.97
C ILE B 118 -13.24 32.25 38.46
N LYS B 119 -14.15 31.74 39.28
CA LYS B 119 -14.06 31.83 40.73
C LYS B 119 -14.02 30.43 41.31
N ALA B 120 -12.99 30.14 42.09
CA ALA B 120 -12.84 28.82 42.70
C ALA B 120 -13.46 28.77 44.08
N LYS B 121 -13.99 27.60 44.44
CA LYS B 121 -14.71 27.43 45.69
C LYS B 121 -14.36 26.10 46.32
N GLY B 122 -14.76 25.94 47.58
CA GLY B 122 -14.62 24.71 48.32
C GLY B 122 -13.20 24.22 48.47
N PRO B 123 -12.98 22.92 48.23
CA PRO B 123 -11.63 22.38 48.46
C PRO B 123 -10.61 22.88 47.46
N LEU B 124 -11.02 23.12 46.20
CA LEU B 124 -10.10 23.57 45.16
C LEU B 124 -9.60 24.98 45.43
N ALA B 125 -10.42 25.81 46.07
CA ALA B 125 -10.07 27.21 46.28
C ALA B 125 -8.66 27.37 46.84
N SER B 126 -8.24 26.46 47.72
CA SER B 126 -6.92 26.57 48.33
C SER B 126 -5.81 26.13 47.37
N GLN B 127 -6.08 25.10 46.58
CA GLN B 127 -5.09 24.50 45.69
C GLN B 127 -4.83 25.37 44.45
N ILE B 128 -5.89 25.89 43.85
CA ILE B 128 -5.77 26.64 42.59
C ILE B 128 -5.59 28.13 42.87
N SER B 129 -5.42 28.48 44.14
CA SER B 129 -5.29 29.89 44.51
C SER B 129 -3.99 30.50 43.98
N GLY B 130 -4.11 31.63 43.31
CA GLY B 130 -2.97 32.36 42.79
C GLY B 130 -2.28 31.76 41.59
N LEU B 131 -2.66 30.56 41.16
CA LEU B 131 -2.06 29.98 39.96
C LEU B 131 -2.60 30.61 38.69
N TYR B 132 -3.73 31.32 38.77
CA TYR B 132 -4.25 32.16 37.69
C TYR B 132 -4.80 33.43 38.33
N LEU B 133 -4.75 34.52 37.59
CA LEU B 133 -5.08 35.82 38.15
C LEU B 133 -6.15 36.52 37.32
N PRO B 134 -7.00 37.32 37.96
CA PRO B 134 -8.02 38.06 37.19
C PRO B 134 -7.41 39.12 36.29
N TYR B 135 -6.28 39.70 36.69
CA TYR B 135 -5.60 40.69 35.88
C TYR B 135 -4.12 40.63 36.22
N LYS B 136 -3.33 41.37 35.44
CA LYS B 136 -1.90 41.50 35.69
C LYS B 136 -1.46 42.86 35.19
N VAL B 137 -0.62 43.53 35.97
CA VAL B 137 -0.02 44.80 35.60
C VAL B 137 1.38 44.53 35.09
N LEU B 138 1.62 44.80 33.80
CA LEU B 138 2.89 44.49 33.18
C LEU B 138 3.68 45.75 32.88
N PRO B 139 4.94 45.85 33.31
CA PRO B 139 5.77 46.97 32.87
C PRO B 139 6.17 46.80 31.41
N VAL B 140 5.95 47.85 30.61
CA VAL B 140 6.32 47.87 29.20
C VAL B 140 7.13 49.15 29.02
N GLY B 141 8.46 49.02 28.92
CA GLY B 141 9.29 50.21 28.92
C GLY B 141 9.16 50.93 30.24
N ASP B 142 9.01 52.25 30.18
CA ASP B 142 8.81 53.07 31.37
C ASP B 142 7.32 53.26 31.68
N GLU B 143 6.45 52.44 31.08
CA GLU B 143 5.01 52.51 31.26
C GLU B 143 4.51 51.18 31.82
N VAL B 144 3.21 51.13 32.12
CA VAL B 144 2.59 49.92 32.63
C VAL B 144 1.28 49.71 31.89
N VAL B 145 1.00 48.45 31.56
CA VAL B 145 -0.20 48.07 30.83
C VAL B 145 -0.93 47.01 31.63
N GLY B 146 -2.24 47.18 31.79
CA GLY B 146 -3.05 46.23 32.53
C GLY B 146 -3.74 45.27 31.57
N ILE B 147 -3.82 44.01 31.97
CA ILE B 147 -4.46 42.98 31.15
C ILE B 147 -5.41 42.21 32.06
N VAL B 148 -6.69 42.28 31.75
CA VAL B 148 -7.73 41.52 32.46
C VAL B 148 -8.11 40.35 31.58
N GLY B 149 -8.29 39.19 32.18
CA GLY B 149 -8.60 37.98 31.45
C GLY B 149 -10.06 37.59 31.60
N TYR B 150 -10.54 36.83 30.63
CA TYR B 150 -11.89 36.29 30.69
C TYR B 150 -11.98 35.01 29.86
N THR B 151 -12.79 34.07 30.34
CA THR B 151 -12.96 32.77 29.72
C THR B 151 -14.45 32.52 29.51
N SER B 152 -14.76 31.80 28.44
CA SER B 152 -16.15 31.56 28.08
C SER B 152 -17.00 31.18 29.28
N LYS B 153 -18.14 31.86 29.41
CA LYS B 153 -19.08 31.57 30.48
C LYS B 153 -19.68 30.18 30.34
N GLU B 154 -19.82 29.70 29.10
CA GLU B 154 -20.37 28.39 28.83
C GLU B 154 -19.33 27.30 28.85
N THR B 155 -18.19 27.56 29.50
CA THR B 155 -17.15 26.54 29.55
C THR B 155 -17.58 25.27 30.25
N PRO B 156 -18.40 25.30 31.32
CA PRO B 156 -18.85 24.04 31.92
C PRO B 156 -19.54 23.11 30.95
N PHE B 157 -20.15 23.65 29.89
CA PHE B 157 -20.81 22.84 28.88
C PHE B 157 -19.88 22.42 27.75
N LEU B 158 -18.75 23.11 27.59
CA LEU B 158 -17.81 22.78 26.53
C LEU B 158 -16.66 21.90 26.97
N SER B 159 -16.37 21.83 28.26
CA SER B 159 -15.19 21.11 28.74
C SER B 159 -15.46 20.40 30.06
N ASN B 160 -14.43 20.25 30.90
CA ASN B 160 -14.53 19.46 32.13
C ASN B 160 -13.91 20.20 33.32
N PRO B 161 -14.33 21.45 33.56
CA PRO B 161 -13.69 22.25 34.63
C PRO B 161 -14.04 21.80 36.04
N GLY B 162 -15.04 20.94 36.20
CA GLY B 162 -15.42 20.46 37.51
C GLY B 162 -16.48 21.32 38.15
N THR B 163 -16.90 20.87 39.33
CA THR B 163 -17.98 21.50 40.07
C THR B 163 -17.49 22.63 40.96
N ASN B 164 -16.18 22.72 41.22
CA ASN B 164 -15.63 23.66 42.17
C ASN B 164 -15.10 24.92 41.50
N LEU B 165 -15.54 25.18 40.27
CA LEU B 165 -15.21 26.40 39.53
C LEU B 165 -16.49 27.06 39.07
N VAL B 166 -16.65 28.34 39.41
CA VAL B 166 -17.81 29.13 39.01
C VAL B 166 -17.41 30.04 37.86
N PHE B 167 -18.16 29.99 36.77
CA PHE B 167 -17.90 30.81 35.59
C PHE B 167 -18.94 31.90 35.52
N GLU B 168 -18.54 33.13 35.86
CA GLU B 168 -19.47 34.24 35.95
C GLU B 168 -19.60 34.96 34.61
N ASP B 169 -20.55 35.89 34.56
CA ASP B 169 -20.73 36.73 33.38
C ASP B 169 -19.45 37.50 33.11
N GLU B 170 -19.03 37.50 31.84
CA GLU B 170 -17.78 38.17 31.50
C GLU B 170 -17.85 39.66 31.87
N ILE B 171 -18.90 40.35 31.40
CA ILE B 171 -18.98 41.78 31.63
C ILE B 171 -19.13 42.07 33.12
N THR B 172 -19.98 41.31 33.80
CA THR B 172 -20.20 41.55 35.22
C THR B 172 -18.89 41.44 36.01
N ALA B 173 -18.07 40.44 35.68
CA ALA B 173 -16.85 40.20 36.43
C ALA B 173 -15.69 41.09 35.98
N LEU B 174 -15.72 41.60 34.76
CA LEU B 174 -14.59 42.38 34.25
C LEU B 174 -14.63 43.80 34.77
N GLN B 175 -15.81 44.40 34.85
CA GLN B 175 -15.90 45.81 35.24
C GLN B 175 -15.21 46.08 36.57
N PRO B 176 -15.41 45.27 37.62
CA PRO B 176 -14.71 45.58 38.89
C PRO B 176 -13.21 45.48 38.73
N GLU B 177 -12.72 44.52 37.95
CA GLU B 177 -11.26 44.38 37.78
C GLU B 177 -10.68 45.54 36.98
N VAL B 178 -11.41 46.04 35.99
CA VAL B 178 -10.94 47.21 35.26
C VAL B 178 -10.97 48.45 36.17
N ASP B 179 -11.98 48.58 37.03
CA ASP B 179 -12.03 49.69 37.96
C ASP B 179 -10.89 49.63 38.95
N LYS B 180 -10.51 48.41 39.41
CA LYS B 180 -9.39 48.28 40.36
C LYS B 180 -8.07 48.61 39.68
N LEU B 181 -7.96 48.36 38.38
CA LEU B 181 -6.76 48.78 37.68
C LEU B 181 -6.71 50.29 37.55
N LYS B 182 -7.86 50.90 37.34
CA LYS B 182 -7.90 52.36 37.24
C LYS B 182 -7.59 53.03 38.57
N THR B 183 -7.97 52.40 39.69
CA THR B 183 -7.59 52.96 41.00
C THR B 183 -6.09 52.83 41.22
N LEU B 184 -5.44 51.85 40.59
CA LEU B 184 -3.98 51.76 40.54
C LEU B 184 -3.39 52.67 39.46
N ASN B 185 -4.19 53.58 38.89
CA ASN B 185 -3.70 54.53 37.90
C ASN B 185 -2.97 53.78 36.79
N VAL B 186 -3.59 52.69 36.33
CA VAL B 186 -3.21 52.00 35.11
C VAL B 186 -4.18 52.49 34.03
N ASN B 187 -3.69 53.34 33.13
CA ASN B 187 -4.54 53.99 32.14
C ASN B 187 -4.57 53.26 30.80
N LYS B 188 -3.80 52.18 30.66
CA LYS B 188 -3.77 51.39 29.44
C LYS B 188 -4.19 49.97 29.83
N ILE B 189 -5.33 49.53 29.30
CA ILE B 189 -5.96 48.29 29.73
C ILE B 189 -6.36 47.47 28.51
N ILE B 190 -5.87 46.23 28.46
CA ILE B 190 -6.21 45.29 27.40
C ILE B 190 -7.11 44.22 27.99
N ALA B 191 -8.20 43.92 27.30
CA ALA B 191 -9.11 42.84 27.68
C ALA B 191 -8.73 41.65 26.82
N LEU B 192 -8.13 40.63 27.46
CA LEU B 192 -7.60 39.46 26.77
C LEU B 192 -8.38 38.25 27.27
N GLY B 193 -9.18 37.63 26.40
CA GLY B 193 -10.01 36.53 26.84
C GLY B 193 -10.48 35.66 25.70
N HIS B 194 -11.29 34.64 26.09
CA HIS B 194 -11.69 33.53 25.22
C HIS B 194 -13.20 33.30 25.32
N SER B 195 -13.98 34.12 24.62
CA SER B 195 -15.43 33.99 24.63
C SER B 195 -16.08 34.08 23.25
N GLY B 196 -15.34 34.45 22.22
CA GLY B 196 -15.93 34.54 20.90
C GLY B 196 -16.01 36.00 20.43
N PHE B 197 -16.00 36.18 19.11
CA PHE B 197 -16.00 37.53 18.54
C PHE B 197 -17.24 38.31 18.98
N GLU B 198 -18.38 37.64 19.12
CA GLU B 198 -19.61 38.35 19.49
C GLU B 198 -19.58 38.84 20.94
N MET B 199 -19.01 38.05 21.84
CA MET B 199 -18.83 38.50 23.22
C MET B 199 -17.71 39.51 23.33
N ASP B 200 -16.67 39.40 22.50
CA ASP B 200 -15.63 40.42 22.50
C ASP B 200 -16.19 41.80 22.19
N LYS B 201 -17.15 41.88 21.26
CA LYS B 201 -17.72 43.16 20.88
C LYS B 201 -18.59 43.76 21.99
N LEU B 202 -19.24 42.91 22.79
CA LEU B 202 -20.01 43.43 23.91
C LEU B 202 -19.10 43.94 25.02
N ILE B 203 -17.99 43.25 25.26
CA ILE B 203 -17.03 43.71 26.28
C ILE B 203 -16.45 45.06 25.88
N ALA B 204 -16.11 45.22 24.59
CA ALA B 204 -15.62 46.52 24.15
C ALA B 204 -16.68 47.61 24.33
N GLN B 205 -17.95 47.24 24.16
CA GLN B 205 -19.02 48.23 24.25
C GLN B 205 -19.42 48.51 25.69
N LYS B 206 -19.47 47.49 26.53
CA LYS B 206 -20.11 47.63 27.83
C LYS B 206 -19.13 47.89 28.98
N VAL B 207 -17.91 47.38 28.91
CA VAL B 207 -16.96 47.47 30.03
C VAL B 207 -16.19 48.79 29.92
N ARG B 208 -16.47 49.70 30.85
CA ARG B 208 -15.77 50.99 30.88
C ARG B 208 -14.31 50.79 31.25
N GLY B 209 -13.40 51.39 30.47
CA GLY B 209 -12.00 51.39 30.79
C GLY B 209 -11.16 50.48 29.93
N VAL B 210 -11.77 49.59 29.17
CA VAL B 210 -11.02 48.71 28.29
C VAL B 210 -10.67 49.48 27.02
N ASP B 211 -9.37 49.53 26.71
CA ASP B 211 -8.92 50.24 25.53
C ASP B 211 -8.90 49.34 24.28
N VAL B 212 -8.58 48.05 24.46
CA VAL B 212 -8.47 47.09 23.36
C VAL B 212 -9.07 45.77 23.84
N VAL B 213 -9.56 44.96 22.90
CA VAL B 213 -10.06 43.61 23.19
C VAL B 213 -9.35 42.60 22.29
N VAL B 214 -8.66 41.63 22.89
CA VAL B 214 -7.96 40.58 22.16
C VAL B 214 -8.66 39.27 22.46
N GLY B 215 -9.27 38.65 21.45
CA GLY B 215 -10.17 37.54 21.65
C GLY B 215 -9.82 36.28 20.88
N GLY B 216 -10.71 35.29 21.03
CA GLY B 216 -10.53 34.00 20.41
C GLY B 216 -11.82 33.20 20.45
N HIS B 217 -11.66 31.88 20.40
CA HIS B 217 -12.76 30.92 20.56
C HIS B 217 -13.61 30.78 19.30
N SER B 218 -13.79 31.87 18.56
CA SER B 218 -14.60 31.85 17.35
C SER B 218 -13.79 31.68 16.08
N ASN B 219 -12.47 31.53 16.18
CA ASN B 219 -11.61 31.38 15.01
C ASN B 219 -11.81 32.51 14.01
N THR B 220 -12.08 33.72 14.51
CA THR B 220 -12.43 34.83 13.64
C THR B 220 -11.21 35.34 12.88
N PHE B 221 -11.36 35.52 11.57
CA PHE B 221 -10.32 36.11 10.74
C PHE B 221 -10.75 37.54 10.40
N LEU B 222 -9.92 38.51 10.81
CA LEU B 222 -10.13 39.91 10.49
C LEU B 222 -8.98 40.39 9.62
N TYR B 223 -9.29 41.11 8.55
CA TYR B 223 -8.25 41.63 7.68
C TYR B 223 -8.73 42.94 7.07
N THR B 224 -7.80 43.88 6.93
CA THR B 224 -8.03 45.14 6.23
C THR B 224 -7.19 45.10 4.96
N GLY B 225 -7.85 45.05 3.81
CA GLY B 225 -7.14 44.98 2.55
C GLY B 225 -7.31 43.65 1.87
N ASN B 226 -6.33 43.26 1.06
CA ASN B 226 -6.42 42.02 0.31
C ASN B 226 -5.89 40.88 1.18
N PRO B 227 -6.73 39.93 1.59
CA PRO B 227 -6.21 38.86 2.44
C PRO B 227 -5.17 38.04 1.71
N PRO B 228 -4.18 37.50 2.44
CA PRO B 228 -3.09 36.78 1.77
C PRO B 228 -3.31 35.30 1.53
N SER B 229 -4.29 34.69 2.15
CA SER B 229 -4.55 33.27 1.93
C SER B 229 -6.05 33.04 1.81
N LYS B 230 -6.47 31.78 1.96
CA LYS B 230 -7.83 31.37 1.64
C LYS B 230 -8.85 31.87 2.64
N GLU B 231 -8.45 32.26 3.86
CA GLU B 231 -9.45 32.66 4.84
C GLU B 231 -10.12 33.93 4.36
N VAL B 232 -11.45 33.94 4.46
CA VAL B 232 -12.23 35.10 4.02
C VAL B 232 -12.43 36.01 5.23
N PRO B 233 -12.13 37.30 5.14
CA PRO B 233 -12.32 38.17 6.31
C PRO B 233 -13.79 38.26 6.72
N ALA B 234 -14.01 38.31 8.03
CA ALA B 234 -15.31 38.62 8.60
C ALA B 234 -15.45 40.09 8.96
N GLY B 235 -14.45 40.91 8.64
CA GLY B 235 -14.46 42.31 9.00
C GLY B 235 -13.06 42.89 8.90
N LYS B 236 -13.00 44.21 9.06
CA LYS B 236 -11.72 44.91 9.01
C LYS B 236 -10.87 44.51 10.22
N TYR B 237 -9.57 44.74 10.09
CA TYR B 237 -8.64 44.60 11.21
C TYR B 237 -8.00 45.95 11.49
N PRO B 238 -8.18 46.54 12.69
CA PRO B 238 -9.00 46.04 13.81
C PRO B 238 -10.49 46.29 13.58
N PHE B 239 -11.36 45.49 14.17
CA PHE B 239 -12.79 45.74 14.13
C PHE B 239 -13.14 46.75 15.22
N ILE B 240 -13.62 47.92 14.83
CA ILE B 240 -13.83 49.02 15.77
C ILE B 240 -15.24 48.96 16.34
N VAL B 241 -15.35 48.93 17.66
CA VAL B 241 -16.62 48.98 18.38
C VAL B 241 -16.68 50.32 19.11
N THR B 242 -17.82 51.00 18.97
CA THR B 242 -18.04 52.26 19.68
C THR B 242 -18.70 51.97 21.03
N SER B 243 -18.01 52.30 22.11
CA SER B 243 -18.49 51.98 23.45
C SER B 243 -19.72 52.81 23.81
N ASP B 244 -20.38 52.40 24.89
CA ASP B 244 -21.51 53.16 25.42
C ASP B 244 -21.10 54.57 25.84
N ASP B 245 -19.88 54.74 26.36
CA ASP B 245 -19.35 56.06 26.68
C ASP B 245 -18.59 56.68 25.50
N GLY B 246 -18.87 56.23 24.27
CA GLY B 246 -18.49 56.89 23.04
C GLY B 246 -17.10 56.62 22.50
N ARG B 247 -16.27 55.84 23.19
CA ARG B 247 -14.89 55.66 22.78
C ARG B 247 -14.79 54.56 21.74
N LYS B 248 -13.94 54.78 20.74
CA LYS B 248 -13.65 53.77 19.72
C LYS B 248 -12.71 52.73 20.31
N VAL B 249 -13.16 51.47 20.32
CA VAL B 249 -12.41 50.37 20.94
C VAL B 249 -12.08 49.33 19.88
N PRO B 250 -10.81 49.12 19.52
CA PRO B 250 -10.50 48.07 18.54
C PRO B 250 -10.65 46.67 19.13
N VAL B 251 -11.21 45.77 18.31
CA VAL B 251 -11.40 44.37 18.66
C VAL B 251 -10.67 43.54 17.62
N VAL B 252 -9.81 42.63 18.08
CA VAL B 252 -8.91 41.88 17.21
C VAL B 252 -9.03 40.39 17.51
N GLN B 253 -8.64 39.60 16.52
CA GLN B 253 -8.58 38.15 16.59
C GLN B 253 -7.76 37.70 15.39
N ALA B 254 -7.15 36.51 15.49
CA ALA B 254 -6.18 36.07 14.49
C ALA B 254 -6.43 34.61 14.08
N TYR B 255 -7.64 34.35 13.55
CA TYR B 255 -8.01 33.04 13.03
C TYR B 255 -7.68 31.95 14.05
N ALA B 256 -6.81 31.01 13.71
CA ALA B 256 -6.56 29.85 14.57
C ALA B 256 -5.41 29.03 14.00
N PHE B 257 -5.00 28.02 14.78
CA PHE B 257 -4.01 27.03 14.36
C PHE B 257 -2.65 27.65 14.09
N GLY B 258 -2.37 28.82 14.66
CA GLY B 258 -1.05 29.40 14.54
C GLY B 258 -0.65 29.75 13.14
N LYS B 259 -1.61 29.79 12.21
CA LYS B 259 -1.29 30.16 10.82
C LYS B 259 -0.89 31.63 10.73
N TYR B 260 -1.56 32.49 11.49
CA TYR B 260 -1.29 33.92 11.50
C TYR B 260 -0.84 34.35 12.88
N LEU B 261 -0.09 35.45 12.91
CA LEU B 261 0.26 36.16 14.14
C LEU B 261 -0.44 37.51 14.12
N GLY B 262 -1.39 37.71 15.04
CA GLY B 262 -2.02 39.00 15.17
C GLY B 262 -1.01 40.09 15.42
N TYR B 263 -1.29 41.28 14.88
CA TYR B 263 -0.33 42.38 14.89
C TYR B 263 -1.13 43.68 14.84
N LEU B 264 -1.10 44.43 15.94
CA LEU B 264 -1.83 45.67 16.07
C LEU B 264 -0.95 46.69 16.77
N LYS B 265 -0.84 47.88 16.18
CA LYS B 265 -0.12 49.00 16.78
C LYS B 265 -1.14 50.02 17.28
N ILE B 266 -1.08 50.34 18.56
CA ILE B 266 -1.95 51.33 19.16
C ILE B 266 -1.12 52.56 19.51
N GLU B 267 -1.59 53.73 19.11
CA GLU B 267 -1.01 55.01 19.55
C GLU B 267 -1.85 55.54 20.71
N PHE B 268 -1.28 55.51 21.91
CA PHE B 268 -1.91 56.11 23.08
C PHE B 268 -1.43 57.54 23.28
N ASP B 269 -2.18 58.30 24.06
CA ASP B 269 -1.71 59.59 24.53
C ASP B 269 -1.27 59.45 25.99
N GLU B 270 -0.87 60.57 26.59
CA GLU B 270 -0.27 60.51 27.93
C GLU B 270 -1.25 60.01 28.97
N ARG B 271 -2.56 60.05 28.69
CA ARG B 271 -3.57 59.62 29.64
C ARG B 271 -4.20 58.28 29.28
N GLY B 272 -3.60 57.53 28.35
CA GLY B 272 -4.11 56.22 28.00
C GLY B 272 -5.29 56.18 27.07
N ASN B 273 -5.62 57.28 26.42
CA ASN B 273 -6.66 57.27 25.40
C ASN B 273 -6.09 56.80 24.08
N VAL B 274 -6.86 55.97 23.37
CA VAL B 274 -6.45 55.43 22.09
C VAL B 274 -6.62 56.51 21.03
N ILE B 275 -5.51 56.99 20.48
CA ILE B 275 -5.56 57.98 19.41
C ILE B 275 -5.96 57.31 18.10
N SER B 276 -5.27 56.22 17.76
CA SER B 276 -5.48 55.49 16.52
C SER B 276 -4.99 54.06 16.70
N SER B 277 -5.29 53.23 15.72
CA SER B 277 -4.78 51.87 15.72
C SER B 277 -4.84 51.31 14.30
N HIS B 278 -3.80 50.56 13.92
CA HIS B 278 -3.75 49.95 12.60
C HIS B 278 -3.02 48.63 12.72
N GLY B 279 -3.21 47.78 11.72
CA GLY B 279 -2.50 46.52 11.68
C GLY B 279 -3.16 45.51 10.77
N ASN B 280 -2.70 44.27 10.91
CA ASN B 280 -3.20 43.14 10.12
C ASN B 280 -2.50 41.85 10.57
N PRO B 281 -3.19 40.71 10.60
CA PRO B 281 -2.51 39.47 10.96
C PRO B 281 -1.43 39.13 9.95
N ILE B 282 -0.33 38.58 10.45
CA ILE B 282 0.82 38.25 9.63
C ILE B 282 0.77 36.78 9.27
N LEU B 283 0.65 36.48 7.99
CA LEU B 283 0.67 35.09 7.53
C LEU B 283 2.07 34.53 7.72
N LEU B 284 2.20 33.51 8.55
CA LEU B 284 3.49 32.87 8.83
C LEU B 284 3.72 31.78 7.80
N ASP B 285 4.24 32.18 6.64
CA ASP B 285 4.43 31.27 5.52
C ASP B 285 5.91 30.97 5.32
N SER B 286 6.20 30.19 4.27
CA SER B 286 7.58 29.72 4.04
C SER B 286 8.56 30.88 3.99
N SER B 287 8.12 32.05 3.53
CA SER B 287 9.03 33.18 3.39
C SER B 287 9.71 33.53 4.71
N ILE B 288 9.03 33.29 5.82
CA ILE B 288 9.59 33.51 7.16
C ILE B 288 10.25 32.21 7.59
N PRO B 289 11.55 32.19 7.82
CA PRO B 289 12.21 30.93 8.17
C PRO B 289 11.99 30.53 9.62
N GLU B 290 12.00 29.21 9.82
CA GLU B 290 11.88 28.64 11.16
C GLU B 290 13.15 28.87 11.97
N ASP B 291 12.99 29.32 13.20
CA ASP B 291 14.14 29.50 14.08
C ASP B 291 14.85 28.17 14.29
N PRO B 292 16.16 28.09 14.09
CA PRO B 292 16.82 26.79 14.19
C PRO B 292 16.93 26.27 15.62
N SER B 293 17.01 27.16 16.62
CA SER B 293 17.09 26.70 18.00
C SER B 293 15.76 26.10 18.44
N ILE B 294 14.66 26.80 18.17
CA ILE B 294 13.34 26.26 18.49
C ILE B 294 13.04 25.01 17.66
N LYS B 295 13.48 25.00 16.40
CA LYS B 295 13.22 23.85 15.54
C LYS B 295 13.99 22.62 16.02
N ALA B 296 15.25 22.80 16.42
CA ALA B 296 16.00 21.68 16.97
C ALA B 296 15.33 21.14 18.23
N ASP B 297 14.88 22.03 19.10
CA ASP B 297 14.20 21.59 20.31
C ASP B 297 12.89 20.89 19.97
N ILE B 298 12.17 21.40 18.96
CA ILE B 298 10.94 20.73 18.53
C ILE B 298 11.25 19.32 18.06
N ASN B 299 12.30 19.16 17.26
CA ASN B 299 12.64 17.87 16.69
C ASN B 299 13.13 16.89 17.75
N LYS B 300 13.56 17.37 18.91
CA LYS B 300 13.95 16.47 19.99
C LYS B 300 12.75 15.99 20.79
N TRP B 301 11.66 16.75 20.76
CA TRP B 301 10.41 16.28 21.35
C TRP B 301 9.64 15.40 20.38
N ARG B 302 9.87 15.58 19.08
CA ARG B 302 9.07 14.91 18.06
C ARG B 302 9.25 13.39 18.05
N ILE B 303 10.41 12.89 18.45
CA ILE B 303 10.61 11.44 18.32
C ILE B 303 9.79 10.64 19.31
N LYS B 304 9.21 11.28 20.33
CA LYS B 304 8.31 10.56 21.21
C LYS B 304 6.95 10.38 20.57
N LEU B 305 6.65 11.19 19.56
CA LEU B 305 5.41 11.15 18.82
C LEU B 305 5.46 10.21 17.63
N ASP B 306 6.67 9.89 17.15
CA ASP B 306 6.84 9.15 15.91
C ASP B 306 6.32 7.72 15.98
N ASP B 307 5.95 7.21 17.15
CA ASP B 307 5.37 5.87 17.24
C ASP B 307 3.87 5.87 16.96
N TYR B 308 3.30 7.02 16.64
CA TYR B 308 1.91 7.15 16.24
C TYR B 308 1.78 7.23 14.73
N SER B 309 2.87 6.97 14.01
CA SER B 309 2.90 7.00 12.56
C SER B 309 3.58 5.79 11.95
N THR B 310 4.02 4.82 12.74
CA THR B 310 4.82 3.75 12.13
C THR B 310 3.93 2.83 11.30
N GLN B 311 2.76 2.49 11.81
CA GLN B 311 1.88 1.61 11.08
C GLN B 311 1.04 2.41 10.08
N GLU B 312 0.86 1.85 8.88
CA GLU B 312 -0.08 2.37 7.90
C GLU B 312 -1.41 1.66 8.11
N LEU B 313 -2.48 2.43 8.28
CA LEU B 313 -3.80 1.83 8.42
C LEU B 313 -4.44 1.57 7.06
N GLY B 314 -4.06 2.34 6.04
CA GLY B 314 -4.63 2.21 4.71
C GLY B 314 -4.16 3.36 3.85
N LYS B 315 -4.77 3.47 2.67
CA LYS B 315 -4.44 4.55 1.74
C LYS B 315 -5.70 5.34 1.39
N THR B 316 -5.49 6.62 1.07
CA THR B 316 -6.53 7.47 0.50
C THR B 316 -5.96 8.07 -0.78
N ILE B 317 -6.71 7.97 -1.88
CA ILE B 317 -6.30 8.58 -3.14
C ILE B 317 -6.89 9.96 -3.36
N VAL B 318 -7.69 10.46 -2.40
CA VAL B 318 -8.31 11.78 -2.50
C VAL B 318 -8.00 12.57 -1.23
N TYR B 319 -7.97 13.89 -1.37
CA TYR B 319 -7.81 14.77 -0.23
C TYR B 319 -9.03 14.63 0.69
N LEU B 320 -8.78 14.29 1.95
CA LEU B 320 -9.86 14.13 2.92
C LEU B 320 -10.12 15.48 3.56
N ASP B 321 -11.08 16.22 3.01
CA ASP B 321 -11.33 17.60 3.43
C ASP B 321 -11.98 17.66 4.81
N GLY B 322 -11.13 17.79 5.84
CA GLY B 322 -11.60 17.94 7.20
C GLY B 322 -11.38 19.34 7.73
N SER B 323 -11.43 20.33 6.83
CA SER B 323 -11.23 21.73 7.16
C SER B 323 -12.55 22.38 7.58
N SER B 324 -12.46 23.32 8.52
CA SER B 324 -13.66 23.95 9.04
C SER B 324 -14.38 24.74 7.95
N GLN B 325 -13.61 25.42 7.10
CA GLN B 325 -14.21 26.21 6.02
C GLN B 325 -15.07 25.35 5.12
N SER B 326 -14.87 24.03 5.13
CA SER B 326 -15.67 23.10 4.36
C SER B 326 -16.72 22.40 5.23
N CYS B 327 -16.27 21.67 6.25
CA CYS B 327 -17.17 20.83 7.02
C CYS B 327 -18.15 21.61 7.88
N ARG B 328 -17.96 22.93 8.04
CA ARG B 328 -18.87 23.75 8.82
C ARG B 328 -19.77 24.62 7.96
N PHE B 329 -19.69 24.49 6.63
CA PHE B 329 -20.47 25.33 5.72
C PHE B 329 -21.17 24.52 4.64
N ARG B 330 -20.63 23.36 4.29
CA ARG B 330 -21.26 22.50 3.29
C ARG B 330 -20.75 21.07 3.48
N GLU B 331 -21.30 20.15 2.70
CA GLU B 331 -20.86 18.77 2.73
C GLU B 331 -19.36 18.68 2.45
N CYS B 332 -18.66 17.92 3.30
CA CYS B 332 -17.24 17.66 3.14
C CYS B 332 -17.02 16.15 3.13
N ASN B 333 -16.10 15.69 2.28
CA ASN B 333 -15.94 14.25 2.09
C ASN B 333 -15.32 13.57 3.32
N MET B 334 -14.65 14.33 4.19
CA MET B 334 -14.23 13.77 5.46
C MET B 334 -15.43 13.36 6.29
N GLY B 335 -16.47 14.19 6.32
CA GLY B 335 -17.66 13.85 7.08
C GLY B 335 -18.36 12.63 6.52
N ASN B 336 -18.44 12.53 5.19
CA ASN B 336 -19.06 11.36 4.57
C ASN B 336 -18.30 10.10 4.90
N LEU B 337 -16.97 10.18 4.94
CA LEU B 337 -16.17 9.01 5.29
C LEU B 337 -16.49 8.56 6.72
N ILE B 338 -16.50 9.51 7.65
CA ILE B 338 -16.72 9.17 9.06
C ILE B 338 -18.11 8.58 9.24
N CYS B 339 -19.13 9.22 8.67
CA CYS B 339 -20.49 8.69 8.78
C CYS B 339 -20.66 7.37 8.06
N ASP B 340 -19.97 7.17 6.94
CA ASP B 340 -19.99 5.87 6.30
C ASP B 340 -19.35 4.82 7.20
N ALA B 341 -18.29 5.20 7.92
CA ALA B 341 -17.67 4.28 8.87
C ALA B 341 -18.59 4.01 10.06
N MET B 342 -19.23 5.05 10.60
CA MET B 342 -20.13 4.85 11.73
C MET B 342 -21.23 3.85 11.42
N ILE B 343 -21.84 3.95 10.24
CA ILE B 343 -22.94 3.04 9.88
C ILE B 343 -22.39 1.63 9.61
N ASN B 344 -21.19 1.53 9.05
CA ASN B 344 -20.62 0.21 8.76
C ASN B 344 -20.29 -0.59 10.02
N ASN B 345 -19.81 0.07 11.07
CA ASN B 345 -19.54 -0.62 12.33
C ASN B 345 -20.81 -1.15 12.98
N ASN B 346 -21.96 -0.59 12.63
CA ASN B 346 -23.27 -0.96 13.20
C ASN B 346 -24.09 -1.85 12.27
N LEU B 347 -23.47 -2.85 11.65
CA LEU B 347 -24.15 -3.81 10.77
C LEU B 347 -24.61 -5.03 11.58
N ARG B 348 -25.85 -5.02 12.05
CA ARG B 348 -26.42 -6.13 12.83
C ARG B 348 -27.69 -6.69 12.18
N HIS B 349 -28.18 -7.80 12.74
CA HIS B 349 -29.38 -8.48 12.23
C HIS B 349 -30.58 -8.18 13.11
N THR B 350 -31.67 -7.73 12.48
CA THR B 350 -32.90 -7.35 13.18
C THR B 350 -34.06 -8.25 12.70
N PHE B 354 -34.49 -5.79 9.71
CA PHE B 354 -34.96 -5.74 8.32
C PHE B 354 -33.75 -5.93 7.38
N TRP B 355 -33.18 -4.84 6.86
CA TRP B 355 -31.92 -4.91 6.10
C TRP B 355 -30.73 -4.54 6.96
N ASN B 356 -30.88 -3.55 7.84
CA ASN B 356 -29.91 -3.27 8.88
C ASN B 356 -30.64 -2.46 9.95
N HIS B 357 -30.13 -2.53 11.17
CA HIS B 357 -30.86 -1.89 12.27
C HIS B 357 -30.74 -0.36 12.21
N VAL B 358 -29.60 0.16 11.75
CA VAL B 358 -29.38 1.60 11.60
C VAL B 358 -29.04 1.90 10.15
N SER B 359 -29.54 3.03 9.65
CA SER B 359 -29.23 3.51 8.31
C SER B 359 -28.76 4.95 8.29
N MET B 360 -28.93 5.72 9.37
CA MET B 360 -28.68 7.15 9.37
C MET B 360 -27.57 7.50 10.35
N CYS B 361 -26.95 8.67 10.10
CA CYS B 361 -25.79 9.15 10.84
C CYS B 361 -25.81 10.66 10.78
N ILE B 362 -25.48 11.30 11.90
CA ILE B 362 -25.26 12.75 11.92
C ILE B 362 -23.99 13.03 12.71
N LEU B 363 -23.30 14.09 12.32
CA LEU B 363 -21.98 14.37 12.85
C LEU B 363 -21.74 15.87 12.77
N ASN B 364 -21.53 16.50 13.93
CA ASN B 364 -21.32 17.94 13.96
C ASN B 364 -20.00 18.28 13.27
N GLY B 365 -20.06 19.22 12.32
CA GLY B 365 -18.84 19.63 11.64
C GLY B 365 -17.76 20.06 12.60
N GLY B 366 -18.15 20.64 13.74
CA GLY B 366 -17.20 21.04 14.76
C GLY B 366 -16.51 19.89 15.47
N GLY B 367 -16.92 18.65 15.18
CA GLY B 367 -16.23 17.48 15.69
C GLY B 367 -15.13 16.96 14.81
N ILE B 368 -14.99 17.50 13.59
CA ILE B 368 -13.92 17.16 12.66
C ILE B 368 -12.86 18.25 12.77
N ARG B 369 -11.71 17.90 13.34
CA ARG B 369 -10.75 18.89 13.81
C ARG B 369 -9.53 19.07 12.91
N SER B 370 -9.46 18.39 11.78
CA SER B 370 -8.33 18.52 10.87
C SER B 370 -8.67 17.83 9.56
N PRO B 371 -7.98 18.20 8.48
CA PRO B 371 -8.00 17.38 7.25
C PRO B 371 -6.87 16.36 7.26
N ILE B 372 -6.88 15.49 6.25
CA ILE B 372 -5.79 14.54 6.03
C ILE B 372 -5.32 14.64 4.57
N ASP B 373 -4.03 14.85 4.39
CA ASP B 373 -3.45 15.04 3.06
C ASP B 373 -3.14 13.71 2.39
N GLU B 374 -3.38 13.65 1.09
CA GLU B 374 -3.17 12.44 0.30
C GLU B 374 -1.81 12.43 -0.42
N ARG B 375 -1.04 13.51 -0.35
CA ARG B 375 0.24 13.58 -1.05
C ARG B 375 1.38 12.91 -0.29
N ASN B 376 1.08 12.30 0.84
CA ASN B 376 2.06 11.55 1.64
C ASN B 376 2.08 10.07 1.22
N ASP B 377 2.20 9.83 -0.09
CA ASP B 377 2.06 8.49 -0.65
C ASP B 377 0.69 7.89 -0.36
N GLY B 378 -0.28 8.73 0.02
CA GLY B 378 -1.59 8.28 0.40
C GLY B 378 -1.68 7.71 1.80
N THR B 379 -0.58 7.66 2.53
CA THR B 379 -0.55 6.94 3.79
C THR B 379 -1.41 7.63 4.84
N ILE B 380 -2.27 6.85 5.48
CA ILE B 380 -3.10 7.30 6.60
C ILE B 380 -2.60 6.56 7.83
N THR B 381 -2.06 7.30 8.79
CA THR B 381 -1.55 6.72 10.02
C THR B 381 -2.47 7.05 11.19
N TRP B 382 -2.26 6.34 12.30
CA TRP B 382 -3.00 6.65 13.51
C TRP B 382 -2.84 8.12 13.89
N GLU B 383 -1.67 8.70 13.60
CA GLU B 383 -1.42 10.11 13.92
C GLU B 383 -2.34 11.02 13.10
N ASN B 384 -2.39 10.80 11.79
CA ASN B 384 -3.29 11.58 10.95
C ASN B 384 -4.69 11.55 11.54
N LEU B 385 -5.16 10.35 11.89
CA LEU B 385 -6.51 10.23 12.45
C LEU B 385 -6.60 10.90 13.81
N ALA B 386 -5.51 10.90 14.58
CA ALA B 386 -5.56 11.46 15.94
C ALA B 386 -5.86 12.95 15.92
N ALA B 387 -5.45 13.65 14.86
CA ALA B 387 -5.72 15.07 14.74
C ALA B 387 -7.14 15.37 14.26
N VAL B 388 -7.76 14.42 13.54
CA VAL B 388 -9.13 14.58 13.09
C VAL B 388 -10.10 14.35 14.24
N LEU B 389 -9.85 13.32 15.05
CA LEU B 389 -10.74 12.92 16.14
C LEU B 389 -9.93 12.87 17.43
N PRO B 390 -9.55 14.03 17.98
CA PRO B 390 -8.61 14.07 19.09
C PRO B 390 -9.23 13.94 20.48
N PHE B 391 -10.55 13.95 20.59
CA PHE B 391 -11.19 14.03 21.90
C PHE B 391 -11.32 12.67 22.56
N GLY B 392 -11.26 11.59 21.81
CA GLY B 392 -11.46 10.26 22.38
C GLY B 392 -12.88 9.95 22.80
N GLY B 393 -13.86 10.41 22.02
CA GLY B 393 -15.25 10.13 22.30
C GLY B 393 -15.72 8.88 21.57
N THR B 394 -17.01 8.60 21.72
CA THR B 394 -17.60 7.41 21.13
C THR B 394 -18.67 7.77 20.11
N PHE B 395 -18.95 6.83 19.21
CA PHE B 395 -20.03 6.92 18.22
C PHE B 395 -21.17 6.04 18.69
N ASP B 396 -22.20 6.65 19.27
CA ASP B 396 -23.26 5.95 19.97
C ASP B 396 -24.47 5.69 19.06
N LEU B 397 -25.40 4.88 19.56
CA LEU B 397 -26.65 4.58 18.87
C LEU B 397 -27.83 5.20 19.62
N VAL B 398 -28.69 5.93 18.90
CA VAL B 398 -29.75 6.73 19.49
C VAL B 398 -31.05 6.51 18.73
N GLN B 399 -32.16 6.63 19.44
CA GLN B 399 -33.48 6.64 18.82
C GLN B 399 -34.14 8.00 18.98
N LEU B 400 -34.58 8.57 17.86
CA LEU B 400 -35.16 9.92 17.82
C LEU B 400 -36.44 9.91 17.00
N LYS B 401 -37.48 10.56 17.51
CA LYS B 401 -38.62 10.80 16.65
C LYS B 401 -38.23 11.75 15.51
N GLY B 402 -38.92 11.61 14.39
CA GLY B 402 -38.66 12.51 13.27
C GLY B 402 -38.72 13.97 13.67
N SER B 403 -39.62 14.31 14.60
CA SER B 403 -39.71 15.69 15.04
C SER B 403 -38.37 16.16 15.60
N THR B 404 -37.77 15.36 16.46
CA THR B 404 -36.47 15.70 17.04
C THR B 404 -35.40 15.86 15.98
N LEU B 405 -35.40 14.99 14.96
CA LEU B 405 -34.41 15.07 13.90
C LEU B 405 -34.57 16.33 13.07
N LYS B 406 -35.81 16.71 12.75
CA LYS B 406 -36.03 17.96 12.02
C LYS B 406 -35.54 19.15 12.83
N LYS B 407 -35.77 19.14 14.14
CA LYS B 407 -35.31 20.22 14.98
C LYS B 407 -33.79 20.29 15.02
N ALA B 408 -33.12 19.14 15.00
CA ALA B 408 -31.66 19.14 15.01
C ALA B 408 -31.12 19.73 13.72
N PHE B 409 -31.78 19.45 12.59
CA PHE B 409 -31.32 19.98 11.30
C PHE B 409 -31.69 21.45 11.13
N GLU B 410 -32.77 21.91 11.75
CA GLU B 410 -33.01 23.34 11.79
C GLU B 410 -31.90 24.03 12.57
N HIS B 411 -31.55 23.49 13.72
CA HIS B 411 -30.43 24.03 14.51
C HIS B 411 -29.14 24.02 13.71
N SER B 412 -28.98 23.04 12.82
CA SER B 412 -27.74 22.92 12.05
C SER B 412 -27.42 24.21 11.30
N VAL B 413 -28.43 24.99 10.94
CA VAL B 413 -28.21 26.18 10.13
C VAL B 413 -28.99 27.37 10.67
N HIS B 414 -29.35 27.32 11.96
CA HIS B 414 -30.13 28.42 12.51
C HIS B 414 -29.33 29.72 12.57
N ARG B 415 -28.01 29.64 12.74
CA ARG B 415 -27.15 30.82 12.69
C ARG B 415 -26.07 30.64 11.63
N TYR B 416 -26.46 30.09 10.48
CA TYR B 416 -25.53 29.78 9.41
C TYR B 416 -24.73 31.02 9.02
N GLY B 417 -23.44 30.83 8.75
CA GLY B 417 -22.56 31.87 8.27
C GLY B 417 -21.49 32.30 9.24
N GLN B 418 -21.47 31.75 10.46
CA GLN B 418 -20.52 32.19 11.49
C GLN B 418 -19.46 31.12 11.79
N SER B 419 -19.28 30.15 10.88
CA SER B 419 -18.34 29.05 11.07
C SER B 419 -18.58 28.31 12.39
N THR B 420 -19.84 28.26 12.83
CA THR B 420 -20.21 27.55 14.05
C THR B 420 -20.20 26.05 13.83
N GLY B 421 -19.81 25.32 14.86
CA GLY B 421 -19.53 23.90 14.71
C GLY B 421 -20.73 22.97 14.72
N GLU B 422 -21.95 23.48 14.75
CA GLU B 422 -23.12 22.62 14.80
C GLU B 422 -23.60 22.19 13.42
N PHE B 423 -22.98 22.67 12.35
CA PHE B 423 -23.38 22.23 11.01
C PHE B 423 -23.14 20.73 10.86
N LEU B 424 -24.18 20.00 10.48
CA LEU B 424 -24.17 18.55 10.53
C LEU B 424 -23.70 17.94 9.22
N GLN B 425 -22.70 17.08 9.32
CA GLN B 425 -22.40 16.10 8.28
C GLN B 425 -23.25 14.87 8.54
N VAL B 426 -23.64 14.17 7.48
CA VAL B 426 -24.67 13.15 7.59
C VAL B 426 -24.27 11.91 6.81
N GLY B 427 -24.96 10.82 7.13
CA GLY B 427 -24.88 9.58 6.36
C GLY B 427 -26.24 8.94 6.28
N GLY B 428 -26.62 8.44 5.11
CA GLY B 428 -27.97 7.92 4.95
C GLY B 428 -29.04 8.97 5.05
N ILE B 429 -28.70 10.24 4.83
CA ILE B 429 -29.64 11.35 4.93
C ILE B 429 -29.39 12.32 3.78
N HIS B 430 -30.47 12.76 3.13
CA HIS B 430 -30.41 13.75 2.06
C HIS B 430 -31.19 14.96 2.53
N VAL B 431 -30.49 16.04 2.88
CA VAL B 431 -31.10 17.24 3.42
C VAL B 431 -30.85 18.41 2.50
N VAL B 432 -31.87 19.23 2.29
CA VAL B 432 -31.77 20.45 1.49
C VAL B 432 -32.21 21.62 2.35
N TYR B 433 -31.38 22.65 2.41
CA TYR B 433 -31.68 23.85 3.17
C TYR B 433 -32.06 24.99 2.23
N ASP B 434 -32.89 25.89 2.72
CA ASP B 434 -33.20 27.14 2.03
C ASP B 434 -32.86 28.24 3.03
N LEU B 435 -31.68 28.85 2.87
CA LEU B 435 -31.19 29.81 3.85
C LEU B 435 -31.91 31.14 3.76
N SER B 436 -32.59 31.41 2.65
CA SER B 436 -33.39 32.62 2.53
C SER B 436 -34.60 32.62 3.45
N ARG B 437 -34.98 31.45 3.97
CA ARG B 437 -36.13 31.32 4.86
C ARG B 437 -35.72 31.65 6.30
N LYS B 438 -36.72 31.74 7.16
CA LYS B 438 -36.45 32.14 8.54
C LYS B 438 -35.66 31.05 9.27
N PRO B 439 -34.85 31.44 10.25
CA PRO B 439 -34.26 30.41 11.14
C PRO B 439 -35.35 29.63 11.85
N GLY B 440 -35.19 28.31 11.85
CA GLY B 440 -36.23 27.43 12.33
C GLY B 440 -37.15 26.92 11.25
N ASP B 441 -37.02 27.41 10.02
CA ASP B 441 -37.87 27.03 8.90
C ASP B 441 -37.04 26.92 7.64
N ARG B 442 -35.80 26.46 7.76
CA ARG B 442 -34.87 26.42 6.62
C ARG B 442 -34.73 25.05 5.97
N VAL B 443 -35.07 23.97 6.67
CA VAL B 443 -35.02 22.64 6.07
C VAL B 443 -36.25 22.48 5.18
N VAL B 444 -36.03 22.36 3.87
CA VAL B 444 -37.10 22.27 2.88
C VAL B 444 -37.30 20.83 2.41
N LYS B 445 -36.23 20.04 2.43
CA LYS B 445 -36.31 18.62 2.13
C LYS B 445 -35.45 17.84 3.12
N LEU B 446 -35.98 16.71 3.58
CA LEU B 446 -35.26 15.87 4.53
C LEU B 446 -35.73 14.43 4.28
N ASP B 447 -35.02 13.75 3.38
CA ASP B 447 -35.25 12.34 3.06
C ASP B 447 -34.22 11.50 3.79
N VAL B 448 -34.65 10.33 4.27
CA VAL B 448 -33.79 9.43 5.02
C VAL B 448 -33.85 8.03 4.44
N LEU B 449 -32.79 7.26 4.69
CA LEU B 449 -32.67 5.92 4.16
C LEU B 449 -33.46 4.93 4.99
N CYS B 450 -34.34 4.18 4.34
CA CYS B 450 -35.24 3.31 5.07
C CYS B 450 -34.50 2.13 5.67
N THR B 451 -34.99 1.67 6.82
CA THR B 451 -34.55 0.42 7.42
C THR B 451 -35.59 -0.68 7.25
N LYS B 452 -36.87 -0.39 7.54
CA LYS B 452 -37.96 -1.35 7.36
C LYS B 452 -38.32 -1.45 5.89
N CYS B 453 -37.39 -2.03 5.13
CA CYS B 453 -37.51 -2.10 3.69
C CYS B 453 -36.48 -3.10 3.18
N ARG B 454 -36.85 -3.82 2.13
CA ARG B 454 -35.94 -4.83 1.59
C ARG B 454 -34.87 -4.22 0.70
N VAL B 455 -35.21 -3.19 -0.06
CA VAL B 455 -34.25 -2.44 -0.87
C VAL B 455 -34.11 -1.04 -0.28
N PRO B 456 -32.94 -0.64 0.21
CA PRO B 456 -32.84 0.67 0.85
C PRO B 456 -32.98 1.79 -0.17
N SER B 457 -33.86 2.73 0.14
CA SER B 457 -34.13 3.89 -0.69
C SER B 457 -34.51 5.05 0.22
N TYR B 458 -34.44 6.26 -0.34
CA TYR B 458 -34.66 7.47 0.44
C TYR B 458 -36.13 7.88 0.40
N ASP B 459 -36.70 8.13 1.57
CA ASP B 459 -38.09 8.52 1.70
C ASP B 459 -38.24 9.73 2.62
N PRO B 460 -39.29 10.51 2.45
CA PRO B 460 -39.43 11.71 3.27
C PRO B 460 -39.51 11.35 4.74
N LEU B 461 -38.81 12.14 5.56
CA LEU B 461 -38.87 11.98 7.00
C LEU B 461 -40.28 12.26 7.51
N LYS B 462 -40.76 11.37 8.36
CA LYS B 462 -42.06 11.52 8.98
C LYS B 462 -41.85 11.77 10.47
N MET B 463 -42.45 12.84 10.99
CA MET B 463 -42.13 13.32 12.33
C MET B 463 -42.65 12.38 13.42
N ASP B 464 -43.67 11.57 13.13
CA ASP B 464 -44.22 10.71 14.16
C ASP B 464 -43.47 9.40 14.24
N GLU B 465 -42.60 9.12 13.28
CA GLU B 465 -41.86 7.88 13.25
C GLU B 465 -40.64 8.02 14.15
N VAL B 466 -39.99 6.89 14.39
CA VAL B 466 -38.83 6.81 15.25
C VAL B 466 -37.69 6.21 14.45
N TYR B 467 -36.54 6.87 14.47
CA TYR B 467 -35.40 6.49 13.66
C TYR B 467 -34.20 6.24 14.56
N LYS B 468 -33.39 5.26 14.15
CA LYS B 468 -32.11 4.98 14.82
C LYS B 468 -31.03 5.75 14.09
N VAL B 469 -30.24 6.51 14.86
CA VAL B 469 -29.19 7.36 14.31
C VAL B 469 -27.91 7.07 15.08
N ILE B 470 -26.80 7.04 14.36
CA ILE B 470 -25.48 6.95 14.97
C ILE B 470 -24.90 8.35 15.00
N LEU B 471 -24.54 8.83 16.18
CA LEU B 471 -24.00 10.16 16.37
C LEU B 471 -22.96 10.12 17.46
N PRO B 472 -22.11 11.15 17.56
CA PRO B 472 -21.11 11.18 18.64
C PRO B 472 -21.77 11.33 20.00
N ASN B 473 -21.11 10.77 21.02
CA ASN B 473 -21.60 10.96 22.38
C ASN B 473 -21.69 12.44 22.73
N PHE B 474 -20.84 13.27 22.13
CA PHE B 474 -20.90 14.69 22.43
C PHE B 474 -22.27 15.25 22.03
N LEU B 475 -22.84 14.77 20.92
CA LEU B 475 -24.16 15.25 20.51
C LEU B 475 -25.28 14.62 21.35
N ALA B 476 -25.10 13.37 21.78
CA ALA B 476 -26.11 12.73 22.59
C ALA B 476 -26.30 13.47 23.90
N ASN B 477 -25.24 14.15 24.39
CA ASN B 477 -25.32 14.91 25.62
C ASN B 477 -25.66 16.38 25.39
N GLY B 478 -26.23 16.71 24.23
CA GLY B 478 -26.67 18.08 23.99
C GLY B 478 -25.56 19.04 23.66
N GLY B 479 -24.37 18.53 23.30
CA GLY B 479 -23.28 19.41 22.93
C GLY B 479 -23.57 20.20 21.67
N ASP B 480 -22.87 21.35 21.55
CA ASP B 480 -23.00 22.24 20.40
C ASP B 480 -24.42 22.77 20.25
N GLY B 481 -25.13 22.88 21.36
CA GLY B 481 -26.47 23.42 21.39
C GLY B 481 -27.56 22.46 20.96
N PHE B 482 -27.24 21.18 20.75
CA PHE B 482 -28.26 20.20 20.36
C PHE B 482 -28.96 19.67 21.61
N GLN B 483 -29.52 20.59 22.39
CA GLN B 483 -30.20 20.17 23.61
C GLN B 483 -31.39 19.27 23.28
N MET B 484 -32.04 19.49 22.14
CA MET B 484 -33.24 18.74 21.78
C MET B 484 -32.95 17.25 21.63
N ILE B 485 -31.73 16.90 21.22
CA ILE B 485 -31.36 15.49 21.13
C ILE B 485 -31.31 14.89 22.53
N LYS B 486 -30.66 15.57 23.46
CA LYS B 486 -30.55 15.05 24.82
C LYS B 486 -31.91 14.95 25.49
N ASP B 487 -32.76 15.96 25.31
CA ASP B 487 -34.03 16.02 26.03
C ASP B 487 -35.09 15.15 25.41
N GLU B 488 -35.04 14.91 24.10
CA GLU B 488 -36.11 14.20 23.41
C GLU B 488 -35.74 12.80 22.93
N LEU B 489 -34.49 12.39 23.04
CA LEU B 489 -34.13 11.05 22.57
C LEU B 489 -34.82 9.99 23.42
N LEU B 490 -35.23 8.90 22.77
CA LEU B 490 -36.04 7.87 23.40
C LEU B 490 -35.23 6.64 23.83
N ARG B 491 -33.92 6.60 23.56
CA ARG B 491 -33.07 5.46 23.88
C ARG B 491 -31.64 5.89 23.60
N HIS B 492 -30.70 5.40 24.42
CA HIS B 492 -29.29 5.73 24.24
C HIS B 492 -28.43 4.51 24.59
N ASP B 493 -27.60 4.07 23.65
CA ASP B 493 -26.61 3.05 23.91
C ASP B 493 -25.22 3.54 23.49
N SER B 494 -24.23 3.27 24.33
CA SER B 494 -22.86 3.72 24.07
C SER B 494 -22.15 2.78 23.12
N GLY B 495 -21.36 3.34 22.21
CA GLY B 495 -20.71 2.60 21.17
C GLY B 495 -19.20 2.59 21.28
N ASP B 496 -18.54 2.26 20.17
CA ASP B 496 -17.10 2.13 20.16
C ASP B 496 -16.42 3.50 20.08
N GLN B 497 -15.13 3.50 20.36
CA GLN B 497 -14.34 4.73 20.30
C GLN B 497 -14.36 5.29 18.88
N ASP B 498 -14.37 6.62 18.77
CA ASP B 498 -14.47 7.25 17.45
C ASP B 498 -13.31 6.86 16.56
N ILE B 499 -12.08 7.08 17.02
CA ILE B 499 -10.92 6.86 16.16
C ILE B 499 -10.76 5.38 15.79
N ASN B 500 -11.26 4.46 16.62
CA ASN B 500 -11.19 3.04 16.30
C ASN B 500 -12.22 2.66 15.25
N VAL B 501 -13.39 3.29 15.29
CA VAL B 501 -14.41 3.06 14.27
C VAL B 501 -13.89 3.50 12.90
N VAL B 502 -13.30 4.70 12.83
CA VAL B 502 -12.80 5.19 11.55
C VAL B 502 -11.57 4.41 11.13
N SER B 503 -10.78 3.93 12.08
CA SER B 503 -9.57 3.18 11.74
C SER B 503 -9.89 1.79 11.22
N THR B 504 -10.84 1.12 11.86
CA THR B 504 -11.24 -0.21 11.39
C THR B 504 -11.79 -0.15 9.98
N TYR B 505 -12.55 0.90 9.66
CA TYR B 505 -13.15 1.03 8.33
C TYR B 505 -12.08 1.27 7.28
N ILE B 506 -11.15 2.16 7.55
CA ILE B 506 -10.07 2.43 6.60
C ILE B 506 -9.31 1.14 6.32
N SER B 507 -9.05 0.35 7.36
CA SER B 507 -8.32 -0.90 7.18
C SER B 507 -9.11 -1.89 6.33
N LYS B 508 -10.44 -1.92 6.50
CA LYS B 508 -11.27 -2.81 5.69
C LYS B 508 -11.27 -2.41 4.22
N MET B 509 -11.38 -1.13 3.95
CA MET B 509 -11.48 -0.68 2.56
C MET B 509 -10.12 -0.61 1.89
N LYS B 510 -9.02 -0.62 2.65
CA LYS B 510 -7.67 -0.61 2.10
C LYS B 510 -7.40 0.71 1.38
N VAL B 511 -8.20 1.03 0.37
CA VAL B 511 -8.10 2.29 -0.36
C VAL B 511 -9.47 2.94 -0.35
N ILE B 512 -9.54 4.20 0.08
CA ILE B 512 -10.80 4.93 0.19
C ILE B 512 -10.77 6.13 -0.75
N TYR B 513 -11.96 6.57 -1.13
CA TYR B 513 -12.11 7.74 -2.01
C TYR B 513 -13.47 8.37 -1.81
N PRO B 514 -13.81 8.78 -0.59
CA PRO B 514 -15.11 9.41 -0.36
C PRO B 514 -15.24 10.70 -1.16
N ALA B 515 -16.45 10.98 -1.62
CA ALA B 515 -16.70 12.12 -2.49
C ALA B 515 -17.83 12.96 -1.90
N VAL B 516 -17.94 14.18 -2.43
CA VAL B 516 -19.10 15.03 -2.16
C VAL B 516 -20.18 14.64 -3.15
N GLU B 517 -21.25 14.02 -2.64
CA GLU B 517 -22.24 13.34 -3.48
C GLU B 517 -23.57 14.07 -3.59
N GLY B 518 -23.81 15.08 -2.76
CA GLY B 518 -25.11 15.73 -2.69
C GLY B 518 -25.95 15.40 -1.48
N ARG B 519 -25.37 14.80 -0.44
CA ARG B 519 -26.13 14.55 0.77
C ARG B 519 -26.68 15.84 1.36
N ILE B 520 -25.98 16.96 1.17
CA ILE B 520 -26.41 18.27 1.66
C ILE B 520 -26.47 19.23 0.49
N LYS B 521 -27.62 19.87 0.30
CA LYS B 521 -27.85 20.80 -0.80
C LYS B 521 -28.47 22.09 -0.27
N PHE B 522 -28.32 23.16 -1.04
CA PHE B 522 -28.80 24.50 -0.68
C PHE B 522 -29.69 25.04 -1.79
N SER B 523 -30.88 25.49 -1.44
CA SER B 523 -31.82 25.97 -2.43
C SER B 523 -31.76 27.49 -2.58
N TRP C 1 6.70 -38.62 -49.00
CA TRP C 1 5.64 -38.30 -48.05
C TRP C 1 6.18 -37.40 -46.94
N GLU C 2 5.74 -36.14 -46.90
CA GLU C 2 6.25 -35.15 -45.97
C GLU C 2 5.31 -35.03 -44.78
N LEU C 3 5.88 -35.11 -43.58
CA LEU C 3 5.15 -34.94 -42.33
C LEU C 3 5.60 -33.65 -41.66
N THR C 4 4.64 -32.92 -41.09
CA THR C 4 4.92 -31.73 -40.30
C THR C 4 4.61 -32.02 -38.84
N ILE C 5 5.62 -31.95 -37.98
CA ILE C 5 5.47 -32.18 -36.56
C ILE C 5 5.47 -30.83 -35.86
N LEU C 6 4.40 -30.56 -35.10
CA LEU C 6 4.31 -29.41 -34.23
C LEU C 6 4.39 -29.92 -32.80
N HIS C 7 5.31 -29.38 -32.00
CA HIS C 7 5.52 -29.90 -30.64
C HIS C 7 5.75 -28.80 -29.62
N THR C 8 5.19 -29.00 -28.42
CA THR C 8 5.37 -28.15 -27.27
C THR C 8 5.84 -28.98 -26.08
N ASN C 9 6.49 -28.33 -25.14
CA ASN C 9 6.95 -29.06 -23.96
C ASN C 9 7.15 -28.08 -22.81
N ASP C 10 6.96 -28.59 -21.59
CA ASP C 10 7.17 -27.83 -20.37
C ASP C 10 6.42 -26.49 -20.44
N VAL C 11 5.15 -26.58 -20.82
CA VAL C 11 4.30 -25.39 -20.87
C VAL C 11 4.07 -24.86 -19.47
N HIS C 12 3.80 -25.73 -18.51
CA HIS C 12 3.72 -25.36 -17.11
C HIS C 12 2.67 -24.26 -16.89
N SER C 13 1.42 -24.61 -17.17
CA SER C 13 0.26 -23.80 -16.81
C SER C 13 0.36 -22.38 -17.35
N ARG C 14 1.13 -22.20 -18.42
CA ARG C 14 1.18 -20.90 -19.11
C ARG C 14 0.05 -20.81 -20.13
N LEU C 15 -1.18 -20.96 -19.63
CA LEU C 15 -2.34 -20.96 -20.51
C LEU C 15 -2.61 -19.57 -21.07
N GLU C 16 -2.44 -18.54 -20.26
CA GLU C 16 -2.62 -17.18 -20.76
C GLU C 16 -1.32 -16.67 -21.36
N GLN C 17 -1.47 -15.81 -22.37
CA GLN C 17 -0.30 -15.18 -22.96
C GLN C 17 0.51 -14.50 -21.86
N THR C 18 1.83 -14.55 -22.00
CA THR C 18 2.74 -14.09 -20.97
C THR C 18 3.64 -13.00 -21.54
N SER C 19 4.35 -12.32 -20.65
CA SER C 19 5.42 -11.43 -21.08
C SER C 19 6.51 -12.27 -21.73
N GLU C 20 7.52 -11.59 -22.27
CA GLU C 20 8.63 -12.30 -22.90
C GLU C 20 9.54 -12.99 -21.88
N ASP C 21 9.43 -12.66 -20.59
CA ASP C 21 10.13 -13.39 -19.54
C ASP C 21 9.30 -14.54 -18.98
N SER C 22 8.12 -14.79 -19.57
CA SER C 22 7.21 -15.86 -19.18
C SER C 22 6.48 -15.59 -17.87
N SER C 23 6.43 -14.33 -17.44
CA SER C 23 5.64 -13.93 -16.28
C SER C 23 4.30 -13.36 -16.73
N LYS C 24 3.45 -13.02 -15.74
CA LYS C 24 2.10 -12.56 -16.05
C LYS C 24 2.15 -11.43 -17.07
N CYS C 25 1.28 -11.52 -18.06
CA CYS C 25 1.21 -10.48 -19.09
C CYS C 25 0.62 -9.21 -18.51
N VAL C 26 1.33 -8.10 -18.71
CA VAL C 26 0.83 -6.81 -18.25
C VAL C 26 0.56 -5.94 -19.47
N ASP C 27 1.62 -5.46 -20.13
CA ASP C 27 1.49 -4.64 -21.34
C ASP C 27 1.15 -5.57 -22.49
N ALA C 28 -0.15 -5.76 -22.73
CA ALA C 28 -0.62 -6.79 -23.67
C ALA C 28 -0.07 -6.63 -25.08
N SER C 29 0.46 -5.47 -25.43
CA SER C 29 0.91 -5.27 -26.80
C SER C 29 2.12 -6.11 -27.17
N ARG C 30 2.92 -6.54 -26.19
CA ARG C 30 4.10 -7.34 -26.48
C ARG C 30 4.08 -8.69 -25.78
N CYS C 31 2.90 -9.22 -25.47
CA CYS C 31 2.83 -10.49 -24.77
C CYS C 31 2.86 -11.63 -25.77
N MET C 32 3.15 -12.82 -25.25
CA MET C 32 3.51 -13.94 -26.11
C MET C 32 2.88 -15.22 -25.58
N GLY C 33 2.95 -16.27 -26.40
CA GLY C 33 2.44 -17.53 -25.95
C GLY C 33 0.94 -17.50 -25.67
N GLY C 34 0.53 -18.46 -24.86
CA GLY C 34 -0.89 -18.67 -24.60
C GLY C 34 -1.48 -19.68 -25.55
N VAL C 35 -2.56 -20.34 -25.08
CA VAL C 35 -3.20 -21.33 -25.95
C VAL C 35 -3.92 -20.64 -27.09
N ALA C 36 -4.50 -19.47 -26.84
CA ALA C 36 -5.24 -18.77 -27.89
C ALA C 36 -4.33 -18.43 -29.06
N ARG C 37 -3.14 -17.89 -28.78
CA ARG C 37 -2.19 -17.61 -29.85
C ARG C 37 -1.66 -18.90 -30.48
N LEU C 38 -1.48 -19.94 -29.68
CA LEU C 38 -1.03 -21.23 -30.20
C LEU C 38 -2.07 -21.86 -31.12
N PHE C 39 -3.36 -21.75 -30.76
CA PHE C 39 -4.40 -22.30 -31.61
C PHE C 39 -4.39 -21.67 -33.00
N THR C 40 -4.14 -20.37 -33.09
CA THR C 40 -4.09 -19.70 -34.37
C THR C 40 -2.97 -20.25 -35.23
N LYS C 41 -1.75 -20.29 -34.70
CA LYS C 41 -0.62 -20.74 -35.51
C LYS C 41 -0.78 -22.21 -35.90
N VAL C 42 -1.34 -23.02 -35.00
CA VAL C 42 -1.58 -24.42 -35.34
C VAL C 42 -2.65 -24.54 -36.42
N GLN C 43 -3.73 -23.76 -36.28
CA GLN C 43 -4.79 -23.73 -37.28
C GLN C 43 -4.24 -23.37 -38.65
N GLN C 44 -3.36 -22.37 -38.72
CA GLN C 44 -2.80 -21.98 -40.01
C GLN C 44 -1.99 -23.12 -40.63
N ILE C 45 -1.18 -23.80 -39.83
CA ILE C 45 -0.31 -24.85 -40.37
C ILE C 45 -1.13 -26.03 -40.84
N ARG C 46 -2.20 -26.38 -40.12
CA ARG C 46 -2.98 -27.55 -40.50
C ARG C 46 -3.72 -27.36 -41.81
N ARG C 47 -4.14 -26.13 -42.08
CA ARG C 47 -4.83 -25.84 -43.32
C ARG C 47 -3.87 -25.68 -44.49
N ALA C 48 -2.59 -25.45 -44.21
CA ALA C 48 -1.59 -25.23 -45.23
C ALA C 48 -0.75 -26.45 -45.55
N GLU C 49 -0.50 -27.31 -44.55
CA GLU C 49 0.31 -28.51 -44.73
C GLU C 49 -0.61 -29.73 -44.74
N PRO C 50 -0.36 -30.74 -45.57
CA PRO C 50 -1.29 -31.88 -45.62
C PRO C 50 -1.18 -32.80 -44.41
N ASN C 51 0.03 -33.11 -43.97
CA ASN C 51 0.27 -34.08 -42.91
C ASN C 51 0.83 -33.38 -41.69
N VAL C 52 -0.02 -33.18 -40.69
CA VAL C 52 0.33 -32.41 -39.49
C VAL C 52 0.04 -33.25 -38.26
N LEU C 53 1.00 -33.26 -37.32
CA LEU C 53 0.80 -33.86 -36.00
C LEU C 53 1.19 -32.83 -34.94
N LEU C 54 0.35 -32.68 -33.93
CA LEU C 54 0.59 -31.78 -32.80
C LEU C 54 0.85 -32.63 -31.57
N LEU C 55 2.05 -32.53 -31.01
CA LEU C 55 2.51 -33.36 -29.91
C LEU C 55 2.94 -32.50 -28.73
N ASP C 56 2.88 -33.08 -27.53
CA ASP C 56 3.38 -32.45 -26.32
C ASP C 56 4.31 -33.42 -25.62
N ALA C 57 5.48 -32.95 -25.18
CA ALA C 57 6.49 -33.80 -24.57
C ALA C 57 6.52 -33.68 -23.06
N GLY C 58 5.41 -33.29 -22.44
CA GLY C 58 5.24 -33.43 -21.01
C GLY C 58 5.31 -32.10 -20.29
N ASP C 59 5.07 -32.20 -18.97
CA ASP C 59 5.12 -31.06 -18.05
C ASP C 59 4.15 -29.96 -18.46
N GLN C 60 2.89 -30.33 -18.64
CA GLN C 60 1.83 -29.33 -18.70
C GLN C 60 1.38 -28.92 -17.30
N TYR C 61 1.53 -29.82 -16.34
CA TYR C 61 1.10 -29.56 -14.97
C TYR C 61 2.04 -28.57 -14.29
N GLN C 62 1.48 -27.81 -13.35
CA GLN C 62 2.29 -27.06 -12.39
C GLN C 62 2.99 -25.84 -13.01
N GLY C 63 2.76 -24.66 -12.44
CA GLY C 63 3.45 -23.48 -12.92
C GLY C 63 2.77 -22.16 -12.62
N THR C 64 1.44 -22.14 -12.59
CA THR C 64 0.72 -20.91 -12.36
C THR C 64 -0.53 -21.19 -11.53
N ILE C 65 -1.27 -20.13 -11.23
CA ILE C 65 -2.51 -20.23 -10.48
C ILE C 65 -3.56 -21.01 -11.25
N TRP C 66 -3.36 -21.20 -12.56
CA TRP C 66 -4.31 -21.99 -13.35
C TRP C 66 -4.35 -23.44 -12.89
N PHE C 67 -3.18 -24.03 -12.65
CA PHE C 67 -3.12 -25.40 -12.16
C PHE C 67 -3.42 -25.47 -10.67
N THR C 68 -3.06 -24.46 -9.90
CA THR C 68 -3.40 -24.45 -8.48
C THR C 68 -4.90 -24.59 -8.27
N VAL C 69 -5.70 -23.89 -9.09
CA VAL C 69 -7.15 -23.90 -8.93
C VAL C 69 -7.77 -25.11 -9.63
N TYR C 70 -7.48 -25.29 -10.92
CA TYR C 70 -8.15 -26.32 -11.71
C TYR C 70 -7.46 -27.67 -11.69
N LYS C 71 -6.22 -27.73 -11.18
CA LYS C 71 -5.55 -28.99 -10.85
C LYS C 71 -5.48 -29.95 -12.03
N GLY C 72 -5.45 -29.43 -13.25
CA GLY C 72 -5.32 -30.27 -14.42
C GLY C 72 -6.55 -30.33 -15.28
N ALA C 73 -7.69 -29.86 -14.79
CA ALA C 73 -8.88 -29.78 -15.63
C ALA C 73 -8.70 -28.75 -16.74
N GLU C 74 -7.87 -27.72 -16.52
CA GLU C 74 -7.58 -26.76 -17.58
C GLU C 74 -6.67 -27.37 -18.64
N VAL C 75 -5.82 -28.31 -18.27
CA VAL C 75 -4.93 -28.93 -19.24
C VAL C 75 -5.72 -29.77 -20.24
N ALA C 76 -6.58 -30.66 -19.74
CA ALA C 76 -7.37 -31.51 -20.62
C ALA C 76 -8.28 -30.68 -21.52
N HIS C 77 -8.87 -29.61 -20.97
CA HIS C 77 -9.87 -28.83 -21.70
C HIS C 77 -9.25 -28.11 -22.89
N PHE C 78 -8.12 -27.44 -22.69
CA PHE C 78 -7.50 -26.64 -23.74
C PHE C 78 -6.54 -27.44 -24.61
N MET C 79 -6.01 -28.56 -24.11
CA MET C 79 -5.27 -29.46 -25.01
C MET C 79 -6.22 -30.13 -25.99
N ASN C 80 -7.43 -30.46 -25.52
CA ASN C 80 -8.45 -30.98 -26.43
C ASN C 80 -8.90 -29.93 -27.42
N ALA C 81 -9.14 -28.70 -26.93
CA ALA C 81 -9.57 -27.61 -27.83
C ALA C 81 -8.55 -27.39 -28.94
N LEU C 82 -7.27 -27.40 -28.60
CA LEU C 82 -6.23 -27.31 -29.62
C LEU C 82 -6.10 -28.59 -30.42
N ARG C 83 -6.78 -29.67 -29.98
CA ARG C 83 -6.81 -30.92 -30.74
C ARG C 83 -5.41 -31.51 -30.85
N TYR C 84 -4.76 -31.68 -29.69
CA TYR C 84 -3.49 -32.39 -29.63
C TYR C 84 -3.66 -33.83 -30.11
N ASP C 85 -2.66 -34.33 -30.85
CA ASP C 85 -2.69 -35.69 -31.36
C ASP C 85 -2.03 -36.70 -30.43
N ALA C 86 -1.12 -36.28 -29.56
CA ALA C 86 -0.53 -37.20 -28.59
C ALA C 86 0.19 -36.38 -27.55
N MET C 87 0.35 -36.98 -26.37
CA MET C 87 1.11 -36.39 -25.29
C MET C 87 1.91 -37.47 -24.57
N ALA C 88 3.12 -37.12 -24.17
CA ALA C 88 3.95 -37.97 -23.33
C ALA C 88 3.86 -37.46 -21.90
N LEU C 89 3.86 -38.39 -20.95
CA LEU C 89 3.77 -38.01 -19.55
C LEU C 89 5.09 -37.42 -19.07
N GLY C 90 5.01 -36.30 -18.35
CA GLY C 90 6.16 -35.70 -17.73
C GLY C 90 6.20 -36.04 -16.25
N ASN C 91 7.30 -35.62 -15.61
CA ASN C 91 7.47 -35.90 -14.19
C ASN C 91 6.48 -35.10 -13.36
N HIS C 92 6.17 -33.87 -13.78
CA HIS C 92 5.28 -33.02 -13.01
C HIS C 92 3.81 -33.44 -13.16
N GLU C 93 3.49 -34.26 -14.15
CA GLU C 93 2.13 -34.79 -14.23
C GLU C 93 1.78 -35.68 -13.05
N PHE C 94 2.76 -36.04 -12.22
CA PHE C 94 2.54 -36.86 -11.05
C PHE C 94 2.65 -36.08 -9.73
N ASP C 95 2.84 -34.76 -9.79
CA ASP C 95 3.00 -33.98 -8.56
C ASP C 95 1.81 -34.13 -7.61
N ASN C 96 0.61 -34.35 -8.13
CA ASN C 96 -0.57 -34.55 -7.31
C ASN C 96 -0.96 -36.03 -7.22
N GLY C 97 0.02 -36.93 -7.28
CA GLY C 97 -0.23 -38.35 -7.23
C GLY C 97 -0.84 -38.89 -8.52
N VAL C 98 -1.06 -40.21 -8.54
CA VAL C 98 -1.74 -40.81 -9.67
C VAL C 98 -3.17 -40.31 -9.77
N GLU C 99 -3.84 -40.14 -8.63
CA GLU C 99 -5.23 -39.67 -8.65
C GLU C 99 -5.32 -38.25 -9.22
N GLY C 100 -4.32 -37.41 -8.97
CA GLY C 100 -4.30 -36.09 -9.57
C GLY C 100 -4.08 -36.11 -11.07
N LEU C 101 -3.63 -37.24 -11.61
CA LEU C 101 -3.44 -37.45 -13.04
C LEU C 101 -4.60 -38.17 -13.70
N ILE C 102 -5.14 -39.20 -13.05
CA ILE C 102 -6.19 -40.03 -13.67
C ILE C 102 -7.47 -39.22 -13.85
N GLU C 103 -7.98 -38.63 -12.77
CA GLU C 103 -9.30 -38.00 -12.84
C GLU C 103 -9.30 -36.78 -13.77
N PRO C 104 -8.43 -35.80 -13.59
CA PRO C 104 -8.59 -34.54 -14.36
C PRO C 104 -8.09 -34.65 -15.79
N LEU C 105 -7.04 -35.42 -16.04
CA LEU C 105 -6.40 -35.45 -17.36
C LEU C 105 -6.70 -36.74 -18.11
N LEU C 106 -6.20 -37.89 -17.62
CA LEU C 106 -6.31 -39.12 -18.39
C LEU C 106 -7.75 -39.46 -18.76
N LYS C 107 -8.71 -39.15 -17.91
CA LYS C 107 -10.10 -39.53 -18.15
C LYS C 107 -10.85 -38.54 -19.00
N GLU C 108 -10.32 -37.34 -19.21
CA GLU C 108 -11.02 -36.30 -19.96
C GLU C 108 -10.27 -35.88 -21.21
N ALA C 109 -9.11 -36.47 -21.49
CA ALA C 109 -8.34 -36.10 -22.68
C ALA C 109 -8.91 -36.83 -23.88
N LYS C 110 -9.10 -36.10 -24.98
CA LYS C 110 -9.57 -36.67 -26.23
C LYS C 110 -8.41 -37.08 -27.15
N PHE C 111 -7.22 -37.25 -26.60
CA PHE C 111 -6.04 -37.68 -27.33
C PHE C 111 -5.29 -38.71 -26.49
N PRO C 112 -4.45 -39.54 -27.12
CA PRO C 112 -3.72 -40.57 -26.36
C PRO C 112 -2.59 -39.98 -25.53
N ILE C 113 -2.47 -40.47 -24.30
CA ILE C 113 -1.41 -40.06 -23.36
C ILE C 113 -0.49 -41.24 -23.17
N LEU C 114 0.77 -41.08 -23.57
CA LEU C 114 1.67 -42.20 -23.81
C LEU C 114 2.82 -42.24 -22.81
N SER C 115 3.30 -43.46 -22.53
CA SER C 115 4.53 -43.68 -21.79
C SER C 115 4.81 -45.18 -21.78
N ALA C 116 5.92 -45.61 -22.42
CA ALA C 116 6.22 -47.03 -22.56
C ALA C 116 6.95 -47.62 -21.36
N ASN C 117 7.62 -46.80 -20.55
CA ASN C 117 8.44 -47.27 -19.46
C ASN C 117 7.78 -47.12 -18.09
N ILE C 118 6.46 -46.94 -18.04
CA ILE C 118 5.69 -46.93 -16.80
C ILE C 118 4.78 -48.16 -16.80
N LYS C 119 4.93 -49.01 -15.78
CA LYS C 119 4.17 -50.26 -15.65
C LYS C 119 3.40 -50.23 -14.33
N ALA C 120 2.08 -50.38 -14.40
CA ALA C 120 1.20 -50.31 -13.23
C ALA C 120 0.90 -51.67 -12.61
N LYS C 121 0.69 -51.66 -11.28
CA LYS C 121 0.57 -52.86 -10.46
C LYS C 121 -0.55 -52.72 -9.42
N GLY C 122 -0.92 -53.86 -8.85
CA GLY C 122 -1.86 -53.88 -7.74
C GLY C 122 -3.21 -53.28 -8.04
N PRO C 123 -3.69 -52.42 -7.13
CA PRO C 123 -5.02 -51.83 -7.36
C PRO C 123 -5.04 -50.89 -8.55
N LEU C 124 -3.92 -50.20 -8.83
CA LEU C 124 -3.90 -49.25 -9.93
C LEU C 124 -3.91 -49.93 -11.30
N ALA C 125 -3.22 -51.08 -11.42
CA ALA C 125 -3.13 -51.73 -12.73
C ALA C 125 -4.50 -51.95 -13.37
N SER C 126 -5.49 -52.30 -12.55
CA SER C 126 -6.82 -52.58 -13.06
C SER C 126 -7.55 -51.30 -13.44
N GLN C 127 -7.38 -50.20 -12.68
CA GLN C 127 -8.10 -48.98 -12.99
C GLN C 127 -7.43 -48.15 -14.10
N ILE C 128 -6.09 -48.04 -14.10
CA ILE C 128 -5.43 -47.15 -15.06
C ILE C 128 -5.05 -47.83 -16.38
N SER C 129 -5.50 -49.07 -16.57
CA SER C 129 -5.20 -49.78 -17.82
C SER C 129 -5.92 -49.09 -18.98
N GLY C 130 -5.17 -48.80 -20.05
CA GLY C 130 -5.69 -48.13 -21.22
C GLY C 130 -5.90 -46.63 -21.05
N LEU C 131 -5.75 -46.10 -19.83
CA LEU C 131 -5.80 -44.67 -19.63
C LEU C 131 -4.51 -44.01 -20.09
N TYR C 132 -3.43 -44.79 -20.23
CA TYR C 132 -2.22 -44.38 -20.92
C TYR C 132 -1.69 -45.62 -21.66
N LEU C 133 -0.99 -45.39 -22.76
CA LEU C 133 -0.55 -46.47 -23.63
C LEU C 133 0.94 -46.35 -23.89
N PRO C 134 1.63 -47.48 -24.07
CA PRO C 134 3.07 -47.39 -24.39
C PRO C 134 3.32 -46.78 -25.75
N TYR C 135 2.39 -46.95 -26.69
CA TYR C 135 2.52 -46.38 -28.02
C TYR C 135 1.11 -46.14 -28.55
N LYS C 136 1.04 -45.48 -29.71
CA LYS C 136 -0.21 -45.31 -30.41
C LYS C 136 0.08 -45.23 -31.90
N VAL C 137 -0.73 -45.92 -32.70
CA VAL C 137 -0.65 -45.87 -34.16
C VAL C 137 -1.72 -44.91 -34.64
N LEU C 138 -1.30 -43.79 -35.23
CA LEU C 138 -2.22 -42.75 -35.65
C LEU C 138 -2.29 -42.72 -37.16
N PRO C 139 -3.48 -42.63 -37.76
CA PRO C 139 -3.55 -42.41 -39.21
C PRO C 139 -3.16 -40.98 -39.54
N VAL C 140 -2.24 -40.82 -40.48
CA VAL C 140 -1.79 -39.51 -40.96
C VAL C 140 -1.84 -39.52 -42.48
N GLY C 141 -2.84 -38.85 -43.05
CA GLY C 141 -3.02 -38.93 -44.49
C GLY C 141 -3.34 -40.35 -44.92
N ASP C 142 -2.71 -40.78 -46.01
CA ASP C 142 -2.88 -42.14 -46.47
C ASP C 142 -1.87 -43.07 -45.83
N GLU C 143 -1.18 -42.59 -44.80
CA GLU C 143 -0.14 -43.33 -44.12
C GLU C 143 -0.53 -43.44 -42.65
N VAL C 144 0.31 -44.15 -41.88
CA VAL C 144 0.12 -44.30 -40.45
C VAL C 144 1.46 -44.05 -39.79
N VAL C 145 1.44 -43.37 -38.65
CA VAL C 145 2.65 -43.02 -37.91
C VAL C 145 2.51 -43.54 -36.49
N GLY C 146 3.56 -44.20 -36.00
CA GLY C 146 3.59 -44.71 -34.64
C GLY C 146 4.34 -43.76 -33.74
N ILE C 147 3.86 -43.62 -32.51
CA ILE C 147 4.44 -42.73 -31.52
C ILE C 147 4.60 -43.55 -30.24
N VAL C 148 5.85 -43.69 -29.78
CA VAL C 148 6.16 -44.35 -28.52
C VAL C 148 6.50 -43.29 -27.50
N GLY C 149 6.03 -43.46 -26.27
CA GLY C 149 6.26 -42.49 -25.21
C GLY C 149 7.29 -42.94 -24.20
N TYR C 150 7.90 -41.99 -23.49
CA TYR C 150 8.80 -42.35 -22.41
C TYR C 150 8.87 -41.19 -21.42
N THR C 151 9.01 -41.54 -20.15
CA THR C 151 9.03 -40.59 -19.05
C THR C 151 10.25 -40.83 -18.18
N SER C 152 10.80 -39.73 -17.67
CA SER C 152 12.05 -39.78 -16.91
C SER C 152 12.03 -40.92 -15.89
N LYS C 153 13.09 -41.73 -15.90
CA LYS C 153 13.18 -42.84 -14.95
C LYS C 153 13.29 -42.34 -13.53
N GLU C 154 13.85 -41.14 -13.34
CA GLU C 154 14.02 -40.56 -12.02
C GLU C 154 12.78 -39.81 -11.55
N THR C 155 11.64 -40.09 -12.18
CA THR C 155 10.39 -39.46 -11.76
C THR C 155 9.99 -39.79 -10.33
N PRO C 156 10.25 -40.99 -9.79
CA PRO C 156 9.94 -41.23 -8.38
C PRO C 156 10.64 -40.27 -7.44
N PHE C 157 11.81 -39.72 -7.83
CA PHE C 157 12.54 -38.79 -7.00
C PHE C 157 12.18 -37.33 -7.24
N LEU C 158 11.60 -37.02 -8.40
CA LEU C 158 11.22 -35.66 -8.77
C LEU C 158 9.77 -35.34 -8.46
N SER C 159 8.92 -36.36 -8.28
CA SER C 159 7.49 -36.15 -8.11
C SER C 159 6.90 -37.10 -7.08
N ASN C 160 5.62 -37.44 -7.22
CA ASN C 160 4.91 -38.25 -6.23
C ASN C 160 4.08 -39.34 -6.92
N PRO C 161 4.70 -40.15 -7.78
CA PRO C 161 3.94 -41.10 -8.60
C PRO C 161 3.26 -42.23 -7.85
N GLY C 162 3.49 -42.39 -6.55
CA GLY C 162 2.78 -43.41 -5.81
C GLY C 162 3.48 -44.75 -5.74
N THR C 163 2.83 -45.69 -5.05
CA THR C 163 3.42 -46.99 -4.79
C THR C 163 3.18 -48.01 -5.90
N ASN C 164 2.19 -47.80 -6.75
CA ASN C 164 1.79 -48.78 -7.76
C ASN C 164 2.28 -48.45 -9.17
N LEU C 165 3.32 -47.63 -9.32
CA LEU C 165 3.87 -47.35 -10.64
C LEU C 165 5.36 -47.64 -10.68
N VAL C 166 5.77 -48.46 -11.66
CA VAL C 166 7.15 -48.84 -11.86
C VAL C 166 7.70 -48.06 -13.05
N PHE C 167 8.82 -47.37 -12.86
CA PHE C 167 9.47 -46.56 -13.90
C PHE C 167 10.75 -47.23 -14.36
N GLU C 168 10.73 -47.77 -15.58
CA GLU C 168 11.88 -48.48 -16.11
C GLU C 168 12.80 -47.56 -16.91
N ASP C 169 13.99 -48.06 -17.21
CA ASP C 169 14.91 -47.34 -18.07
C ASP C 169 14.26 -47.08 -19.42
N GLU C 170 14.45 -45.87 -19.95
CA GLU C 170 13.79 -45.51 -21.20
C GLU C 170 14.20 -46.42 -22.35
N ILE C 171 15.50 -46.58 -22.57
CA ILE C 171 15.94 -47.34 -23.74
C ILE C 171 15.49 -48.79 -23.64
N THR C 172 15.63 -49.39 -22.45
CA THR C 172 15.26 -50.79 -22.28
C THR C 172 13.79 -51.04 -22.60
N ALA C 173 12.92 -50.14 -22.18
CA ALA C 173 11.49 -50.34 -22.37
C ALA C 173 11.02 -49.92 -23.76
N LEU C 174 11.76 -49.04 -24.44
CA LEU C 174 11.31 -48.54 -25.73
C LEU C 174 11.57 -49.52 -26.87
N GLN C 175 12.70 -50.22 -26.83
CA GLN C 175 13.08 -51.10 -27.93
C GLN C 175 12.02 -52.15 -28.24
N PRO C 176 11.47 -52.88 -27.26
CA PRO C 176 10.43 -53.88 -27.60
C PRO C 176 9.18 -53.25 -28.21
N GLU C 177 8.80 -52.06 -27.76
CA GLU C 177 7.62 -51.41 -28.30
C GLU C 177 7.87 -50.92 -29.72
N VAL C 178 9.10 -50.47 -30.01
CA VAL C 178 9.45 -50.08 -31.36
C VAL C 178 9.51 -51.30 -32.28
N ASP C 179 10.02 -52.42 -31.76
CA ASP C 179 10.01 -53.65 -32.55
C ASP C 179 8.57 -54.09 -32.83
N LYS C 180 7.68 -53.91 -31.86
CA LYS C 180 6.30 -54.37 -32.03
C LYS C 180 5.57 -53.52 -33.07
N LEU C 181 5.96 -52.25 -33.21
CA LEU C 181 5.37 -51.42 -34.25
C LEU C 181 5.86 -51.86 -35.62
N LYS C 182 7.11 -52.27 -35.72
CA LYS C 182 7.65 -52.75 -36.99
C LYS C 182 7.02 -54.06 -37.41
N THR C 183 6.64 -54.91 -36.44
CA THR C 183 5.90 -56.13 -36.77
C THR C 183 4.48 -55.81 -37.23
N LEU C 184 3.94 -54.66 -36.79
CA LEU C 184 2.74 -54.10 -37.37
C LEU C 184 3.05 -53.31 -38.64
N ASN C 185 4.29 -53.40 -39.11
CA ASN C 185 4.70 -52.77 -40.37
C ASN C 185 4.34 -51.28 -40.38
N VAL C 186 4.63 -50.63 -39.26
CA VAL C 186 4.61 -49.18 -39.14
C VAL C 186 6.06 -48.75 -39.33
N ASN C 187 6.33 -48.10 -40.48
CA ASN C 187 7.69 -47.74 -40.84
C ASN C 187 8.05 -46.31 -40.45
N LYS C 188 7.12 -45.55 -39.88
CA LYS C 188 7.36 -44.19 -39.44
C LYS C 188 7.08 -44.12 -37.94
N ILE C 189 8.12 -43.88 -37.15
CA ILE C 189 8.03 -43.96 -35.69
C ILE C 189 8.68 -42.73 -35.07
N ILE C 190 7.92 -42.05 -34.22
CA ILE C 190 8.40 -40.89 -33.47
C ILE C 190 8.52 -41.30 -32.02
N ALA C 191 9.63 -40.96 -31.40
CA ALA C 191 9.85 -41.18 -29.97
C ALA C 191 9.56 -39.86 -29.27
N LEU C 192 8.45 -39.81 -28.54
CA LEU C 192 7.94 -38.61 -27.89
C LEU C 192 7.97 -38.85 -26.39
N GLY C 193 8.85 -38.15 -25.67
CA GLY C 193 8.98 -38.40 -24.24
C GLY C 193 9.62 -37.26 -23.48
N HIS C 194 9.75 -37.47 -22.16
CA HIS C 194 10.10 -36.42 -21.21
C HIS C 194 11.21 -36.92 -20.29
N SER C 195 12.45 -36.87 -20.77
CA SER C 195 13.58 -37.29 -19.96
C SER C 195 14.78 -36.36 -20.01
N GLY C 196 14.78 -35.34 -20.86
CA GLY C 196 15.89 -34.42 -20.95
C GLY C 196 16.63 -34.60 -22.28
N PHE C 197 17.22 -33.51 -22.75
CA PHE C 197 17.87 -33.55 -24.07
C PHE C 197 18.97 -34.61 -24.12
N GLU C 198 19.67 -34.84 -23.00
CA GLU C 198 20.77 -35.81 -23.02
C GLU C 198 20.26 -37.24 -23.16
N MET C 199 19.13 -37.56 -22.53
CA MET C 199 18.55 -38.88 -22.73
C MET C 199 17.92 -38.97 -24.11
N ASP C 200 17.36 -37.84 -24.60
CA ASP C 200 16.80 -37.83 -25.95
C ASP C 200 17.85 -38.22 -26.97
N LYS C 201 19.09 -37.77 -26.78
CA LYS C 201 20.15 -38.11 -27.71
C LYS C 201 20.55 -39.57 -27.63
N LEU C 202 20.48 -40.17 -26.43
CA LEU C 202 20.78 -41.59 -26.31
C LEU C 202 19.68 -42.43 -26.93
N ILE C 203 18.43 -41.99 -26.83
CA ILE C 203 17.33 -42.71 -27.47
C ILE C 203 17.48 -42.64 -28.99
N ALA C 204 17.88 -41.49 -29.52
CA ALA C 204 18.12 -41.38 -30.95
C ALA C 204 19.25 -42.31 -31.38
N GLN C 205 20.26 -42.51 -30.53
CA GLN C 205 21.43 -43.28 -30.93
C GLN C 205 21.19 -44.79 -30.81
N LYS C 206 20.54 -45.24 -29.72
CA LYS C 206 20.52 -46.67 -29.41
C LYS C 206 19.23 -47.39 -29.77
N VAL C 207 18.09 -46.72 -29.78
CA VAL C 207 16.84 -47.41 -30.09
C VAL C 207 16.72 -47.46 -31.61
N ARG C 208 16.95 -48.65 -32.15
CA ARG C 208 16.83 -48.88 -33.57
C ARG C 208 15.37 -48.81 -33.97
N GLY C 209 15.12 -48.07 -35.04
CA GLY C 209 13.77 -47.89 -35.54
C GLY C 209 13.12 -46.58 -35.24
N VAL C 210 13.70 -45.79 -34.37
CA VAL C 210 13.18 -44.46 -34.07
C VAL C 210 13.66 -43.49 -35.15
N ASP C 211 12.70 -42.82 -35.78
CA ASP C 211 13.02 -41.88 -36.85
C ASP C 211 13.20 -40.46 -36.33
N VAL C 212 12.43 -40.06 -35.32
CA VAL C 212 12.48 -38.72 -34.77
C VAL C 212 12.41 -38.82 -33.25
N VAL C 213 13.00 -37.85 -32.57
CA VAL C 213 12.90 -37.74 -31.11
C VAL C 213 12.37 -36.37 -30.78
N VAL C 214 11.23 -36.32 -30.11
CA VAL C 214 10.61 -35.09 -29.64
C VAL C 214 10.69 -35.15 -28.12
N GLY C 215 11.48 -34.24 -27.52
CA GLY C 215 11.81 -34.34 -26.12
C GLY C 215 11.46 -33.10 -25.33
N GLY C 216 11.80 -33.15 -24.04
CA GLY C 216 11.49 -32.06 -23.14
C GLY C 216 12.27 -32.21 -21.86
N HIS C 217 11.73 -31.61 -20.81
CA HIS C 217 12.28 -31.75 -19.46
C HIS C 217 13.50 -30.87 -19.22
N SER C 218 14.36 -30.74 -20.22
CA SER C 218 15.57 -29.96 -20.09
C SER C 218 15.41 -28.54 -20.60
N ASN C 219 14.19 -28.17 -21.02
CA ASN C 219 13.90 -26.81 -21.48
C ASN C 219 14.86 -26.38 -22.59
N THR C 220 15.30 -27.33 -23.42
CA THR C 220 16.34 -27.05 -24.40
C THR C 220 15.82 -26.18 -25.54
N PHE C 221 16.55 -25.10 -25.85
CA PHE C 221 16.25 -24.24 -26.98
C PHE C 221 17.24 -24.54 -28.10
N LEU C 222 16.71 -25.00 -29.23
CA LEU C 222 17.51 -25.29 -30.42
C LEU C 222 17.08 -24.34 -31.52
N TYR C 223 18.04 -23.78 -32.24
CA TYR C 223 17.72 -22.90 -33.34
C TYR C 223 18.78 -22.99 -34.41
N THR C 224 18.37 -22.93 -35.67
CA THR C 224 19.27 -22.87 -36.82
C THR C 224 19.13 -21.47 -37.41
N GLY C 225 20.19 -20.67 -37.26
CA GLY C 225 20.16 -19.30 -37.73
C GLY C 225 20.20 -18.31 -36.58
N ASN C 226 19.65 -17.12 -36.79
CA ASN C 226 19.66 -16.09 -35.77
C ASN C 226 18.41 -16.22 -34.91
N PRO C 227 18.53 -16.51 -33.61
CA PRO C 227 17.34 -16.70 -32.79
C PRO C 227 16.54 -15.41 -32.72
N PRO C 228 15.21 -15.52 -32.58
CA PRO C 228 14.36 -14.32 -32.58
C PRO C 228 14.17 -13.64 -31.23
N SER C 229 14.57 -14.26 -30.11
CA SER C 229 14.37 -13.65 -28.81
C SER C 229 15.57 -13.95 -27.92
N LYS C 230 15.39 -13.76 -26.61
CA LYS C 230 16.53 -13.79 -25.68
C LYS C 230 17.15 -15.17 -25.50
N GLU C 231 16.44 -16.25 -25.85
CA GLU C 231 16.93 -17.60 -25.59
C GLU C 231 18.17 -17.89 -26.47
N VAL C 232 19.21 -18.43 -25.86
CA VAL C 232 20.44 -18.77 -26.59
C VAL C 232 20.38 -20.21 -27.06
N PRO C 233 20.58 -20.49 -28.35
CA PRO C 233 20.51 -21.87 -28.81
C PRO C 233 21.62 -22.71 -28.19
N ALA C 234 21.27 -23.95 -27.87
CA ALA C 234 22.24 -24.95 -27.45
C ALA C 234 22.72 -25.81 -28.61
N GLY C 235 22.23 -25.55 -29.81
CA GLY C 235 22.58 -26.36 -30.97
C GLY C 235 21.59 -26.10 -32.10
N LYS C 236 21.90 -26.68 -33.24
CA LYS C 236 21.05 -26.48 -34.41
C LYS C 236 19.68 -27.11 -34.18
N TYR C 237 18.69 -26.65 -34.96
CA TYR C 237 17.37 -27.26 -34.99
C TYR C 237 17.13 -27.81 -36.39
N PRO C 238 16.95 -29.12 -36.56
CA PRO C 238 16.99 -30.18 -35.55
C PRO C 238 18.44 -30.55 -35.17
N PHE C 239 18.64 -31.10 -33.97
CA PHE C 239 19.94 -31.61 -33.58
C PHE C 239 20.08 -33.03 -34.09
N ILE C 240 21.01 -33.27 -34.99
CA ILE C 240 21.13 -34.55 -35.68
C ILE C 240 22.03 -35.49 -34.86
N VAL C 241 21.52 -36.67 -34.55
CA VAL C 241 22.26 -37.74 -33.91
C VAL C 241 22.43 -38.87 -34.91
N THR C 242 23.65 -39.40 -35.02
CA THR C 242 23.91 -40.55 -35.86
C THR C 242 23.71 -41.81 -35.03
N SER C 243 22.72 -42.63 -35.40
CA SER C 243 22.43 -43.82 -34.62
C SER C 243 23.54 -44.86 -34.77
N ASP C 244 23.53 -45.84 -33.87
CA ASP C 244 24.52 -46.92 -33.95
C ASP C 244 24.43 -47.66 -35.29
N ASP C 245 23.22 -47.81 -35.82
CA ASP C 245 23.03 -48.41 -37.14
C ASP C 245 23.13 -47.39 -38.27
N GLY C 246 23.79 -46.27 -38.03
CA GLY C 246 24.22 -45.36 -39.08
C GLY C 246 23.19 -44.37 -39.58
N ARG C 247 21.98 -44.40 -39.04
CA ARG C 247 20.90 -43.55 -39.54
C ARG C 247 21.00 -42.19 -38.86
N LYS C 248 20.77 -41.13 -39.66
CA LYS C 248 20.70 -39.77 -39.13
C LYS C 248 19.33 -39.56 -38.48
N VAL C 249 19.33 -39.24 -37.19
CA VAL C 249 18.10 -39.10 -36.41
C VAL C 249 17.96 -37.70 -35.86
N PRO C 250 17.01 -36.90 -36.32
CA PRO C 250 16.82 -35.56 -35.74
C PRO C 250 16.23 -35.63 -34.34
N VAL C 251 16.73 -34.77 -33.47
CA VAL C 251 16.25 -34.61 -32.10
C VAL C 251 15.83 -33.16 -31.94
N VAL C 252 14.61 -32.94 -31.45
CA VAL C 252 14.05 -31.60 -31.38
C VAL C 252 13.51 -31.32 -29.99
N GLN C 253 13.43 -30.04 -29.66
CA GLN C 253 12.89 -29.56 -28.41
C GLN C 253 12.63 -28.08 -28.61
N ALA C 254 11.69 -27.52 -27.84
CA ALA C 254 11.19 -26.16 -28.09
C ALA C 254 11.10 -25.37 -26.79
N TYR C 255 12.23 -25.24 -26.09
CA TYR C 255 12.30 -24.44 -24.89
C TYR C 255 11.19 -24.82 -23.90
N ALA C 256 10.32 -23.88 -23.57
CA ALA C 256 9.32 -24.13 -22.53
C ALA C 256 8.37 -22.95 -22.43
N PHE C 257 7.34 -23.08 -21.57
CA PHE C 257 6.43 -22.01 -21.21
C PHE C 257 5.57 -21.55 -22.39
N GLY C 258 5.42 -22.40 -23.39
CA GLY C 258 4.54 -22.10 -24.51
C GLY C 258 4.96 -20.89 -25.33
N LYS C 259 6.19 -20.43 -25.12
CA LYS C 259 6.67 -19.28 -25.88
C LYS C 259 6.84 -19.62 -27.35
N TYR C 260 7.36 -20.81 -27.65
CA TYR C 260 7.61 -21.25 -29.01
C TYR C 260 6.73 -22.44 -29.35
N LEU C 261 6.49 -22.61 -30.64
CA LEU C 261 5.87 -23.83 -31.17
C LEU C 261 6.90 -24.56 -32.02
N GLY C 262 7.32 -25.74 -31.57
CA GLY C 262 8.21 -26.55 -32.38
C GLY C 262 7.61 -26.82 -33.73
N TYR C 263 8.47 -26.93 -34.73
CA TYR C 263 8.03 -27.05 -36.11
C TYR C 263 9.12 -27.77 -36.88
N LEU C 264 8.82 -29.00 -37.32
CA LEU C 264 9.80 -29.83 -38.02
C LEU C 264 9.11 -30.50 -39.19
N LYS C 265 9.68 -30.36 -40.38
CA LYS C 265 9.19 -31.06 -41.57
C LYS C 265 10.17 -32.17 -41.89
N ILE C 266 9.68 -33.41 -41.92
CA ILE C 266 10.46 -34.58 -42.27
C ILE C 266 9.98 -35.08 -43.60
N GLU C 267 10.93 -35.33 -44.52
CA GLU C 267 10.65 -35.97 -45.79
C GLU C 267 11.01 -37.45 -45.64
N PHE C 268 9.99 -38.31 -45.62
CA PHE C 268 10.17 -39.76 -45.62
C PHE C 268 10.13 -40.28 -47.06
N ASP C 269 10.65 -41.49 -47.25
CA ASP C 269 10.44 -42.22 -48.48
C ASP C 269 9.38 -43.31 -48.23
N GLU C 270 9.13 -44.13 -49.26
CA GLU C 270 8.07 -45.11 -49.19
C GLU C 270 8.32 -46.19 -48.14
N ARG C 271 9.55 -46.32 -47.65
CA ARG C 271 9.93 -47.34 -46.67
C ARG C 271 10.09 -46.77 -45.27
N GLY C 272 9.67 -45.53 -45.03
CA GLY C 272 9.80 -44.94 -43.71
C GLY C 272 11.18 -44.42 -43.37
N ASN C 273 12.05 -44.29 -44.36
CA ASN C 273 13.37 -43.72 -44.14
C ASN C 273 13.28 -42.21 -44.18
N VAL C 274 14.01 -41.56 -43.27
CA VAL C 274 14.04 -40.10 -43.22
C VAL C 274 15.00 -39.60 -44.29
N ILE C 275 14.47 -38.96 -45.32
CA ILE C 275 15.31 -38.40 -46.37
C ILE C 275 16.00 -37.14 -45.88
N SER C 276 15.22 -36.20 -45.34
CA SER C 276 15.76 -34.94 -44.83
C SER C 276 14.80 -34.42 -43.77
N SER C 277 15.22 -33.36 -43.07
CA SER C 277 14.36 -32.68 -42.11
C SER C 277 14.90 -31.29 -41.84
N HIS C 278 13.99 -30.33 -41.75
CA HIS C 278 14.34 -28.93 -41.50
C HIS C 278 13.23 -28.30 -40.66
N GLY C 279 13.56 -27.18 -40.04
CA GLY C 279 12.59 -26.45 -39.27
C GLY C 279 13.26 -25.52 -38.29
N ASN C 280 12.44 -24.98 -37.38
CA ASN C 280 12.88 -24.03 -36.39
C ASN C 280 11.68 -23.70 -35.49
N PRO C 281 11.88 -23.49 -34.20
CA PRO C 281 10.74 -23.12 -33.35
C PRO C 281 10.17 -21.77 -33.78
N ILE C 282 8.84 -21.66 -33.68
CA ILE C 282 8.11 -20.47 -34.09
C ILE C 282 7.84 -19.63 -32.84
N LEU C 283 8.41 -18.42 -32.80
CA LEU C 283 8.16 -17.53 -31.69
C LEU C 283 6.71 -17.05 -31.76
N LEU C 284 5.91 -17.40 -30.75
CA LEU C 284 4.50 -17.03 -30.72
C LEU C 284 4.36 -15.66 -30.08
N ASP C 285 4.57 -14.63 -30.90
CA ASP C 285 4.59 -13.26 -30.43
C ASP C 285 3.35 -12.50 -30.91
N SER C 286 3.29 -11.22 -30.54
CA SER C 286 2.12 -10.40 -30.79
C SER C 286 1.69 -10.43 -32.25
N SER C 287 2.63 -10.60 -33.18
CA SER C 287 2.27 -10.59 -34.59
C SER C 287 1.23 -11.64 -34.90
N ILE C 288 1.22 -12.74 -34.14
CA ILE C 288 0.25 -13.82 -34.32
C ILE C 288 -0.96 -13.50 -33.43
N PRO C 289 -2.14 -13.31 -33.99
CA PRO C 289 -3.28 -12.93 -33.16
C PRO C 289 -3.85 -14.10 -32.39
N GLU C 290 -4.37 -13.78 -31.21
CA GLU C 290 -5.01 -14.79 -30.37
C GLU C 290 -6.34 -15.18 -31.00
N ASP C 291 -6.61 -16.48 -31.08
CA ASP C 291 -7.89 -16.92 -31.59
C ASP C 291 -8.98 -16.34 -30.69
N PRO C 292 -10.02 -15.72 -31.25
CA PRO C 292 -11.01 -15.07 -30.38
C PRO C 292 -11.89 -16.06 -29.65
N SER C 293 -12.14 -17.25 -30.19
CA SER C 293 -12.97 -18.22 -29.49
C SER C 293 -12.24 -18.76 -28.26
N ILE C 294 -10.99 -19.17 -28.44
CA ILE C 294 -10.20 -19.70 -27.33
C ILE C 294 -9.98 -18.61 -26.28
N LYS C 295 -9.77 -17.36 -26.72
CA LYS C 295 -9.50 -16.27 -25.80
C LYS C 295 -10.70 -15.93 -24.93
N ALA C 296 -11.89 -15.89 -25.52
CA ALA C 296 -13.09 -15.68 -24.72
C ALA C 296 -13.26 -16.79 -23.70
N ASP C 297 -13.01 -18.03 -24.11
CA ASP C 297 -13.14 -19.16 -23.20
C ASP C 297 -12.11 -19.08 -22.08
N ILE C 298 -10.88 -18.67 -22.39
CA ILE C 298 -9.81 -18.64 -21.37
C ILE C 298 -10.14 -17.64 -20.26
N ASN C 299 -10.52 -16.40 -20.63
CA ASN C 299 -10.79 -15.39 -19.61
C ASN C 299 -12.07 -15.66 -18.82
N LYS C 300 -12.96 -16.49 -19.36
CA LYS C 300 -14.18 -16.88 -18.66
C LYS C 300 -13.91 -17.93 -17.59
N TRP C 301 -12.70 -18.49 -17.56
CA TRP C 301 -12.24 -19.28 -16.41
C TRP C 301 -11.53 -18.43 -15.36
N ARG C 302 -11.04 -17.24 -15.73
CA ARG C 302 -10.42 -16.34 -14.76
C ARG C 302 -11.38 -16.06 -13.62
N ILE C 303 -12.66 -16.35 -13.85
CA ILE C 303 -13.75 -16.07 -12.92
C ILE C 303 -13.59 -16.87 -11.64
N LYS C 304 -12.53 -17.69 -11.55
CA LYS C 304 -12.23 -18.44 -10.32
C LYS C 304 -10.80 -18.20 -9.83
N LEU C 305 -9.90 -17.70 -10.67
CA LEU C 305 -8.52 -17.39 -10.34
C LEU C 305 -8.28 -15.95 -9.85
N ASP C 306 -9.17 -15.00 -10.17
CA ASP C 306 -8.95 -13.57 -10.02
C ASP C 306 -9.00 -13.14 -8.56
N ASP C 307 -9.39 -14.03 -7.62
CA ASP C 307 -9.38 -13.78 -6.20
C ASP C 307 -8.01 -14.04 -5.58
N TYR C 308 -7.01 -14.44 -6.38
CA TYR C 308 -5.62 -14.58 -5.95
C TYR C 308 -4.75 -13.38 -6.28
N SER C 309 -5.35 -12.34 -6.83
CA SER C 309 -4.70 -11.08 -7.15
C SER C 309 -5.43 -9.93 -6.48
N THR C 310 -6.38 -10.25 -5.59
CA THR C 310 -7.21 -9.21 -5.02
C THR C 310 -6.43 -8.41 -4.01
N GLN C 311 -5.50 -9.06 -3.32
CA GLN C 311 -4.72 -8.38 -2.30
C GLN C 311 -3.31 -8.08 -2.78
N GLU C 312 -2.83 -6.88 -2.46
CA GLU C 312 -1.44 -6.50 -2.70
C GLU C 312 -0.62 -6.86 -1.46
N LEU C 313 0.44 -7.63 -1.65
CA LEU C 313 1.31 -7.97 -0.53
C LEU C 313 2.34 -6.90 -0.24
N GLY C 314 2.75 -6.17 -1.27
CA GLY C 314 3.76 -5.15 -1.13
C GLY C 314 4.19 -4.69 -2.50
N LYS C 315 5.24 -3.90 -2.52
CA LYS C 315 5.75 -3.34 -3.77
C LYS C 315 7.22 -3.72 -3.97
N THR C 316 7.60 -3.79 -5.23
CA THR C 316 8.99 -3.91 -5.64
C THR C 316 9.29 -2.76 -6.60
N ILE C 317 10.37 -2.03 -6.34
CA ILE C 317 10.79 -0.97 -7.23
C ILE C 317 11.85 -1.43 -8.22
N VAL C 318 12.20 -2.72 -8.20
CA VAL C 318 13.18 -3.29 -9.11
C VAL C 318 12.58 -4.53 -9.76
N TYR C 319 13.09 -4.86 -10.95
CA TYR C 319 12.72 -6.11 -11.61
C TYR C 319 13.25 -7.28 -10.79
N LEU C 320 12.36 -8.19 -10.39
CA LEU C 320 12.74 -9.37 -9.61
C LEU C 320 13.09 -10.49 -10.59
N ASP C 321 14.37 -10.57 -10.94
CA ASP C 321 14.85 -11.49 -11.97
C ASP C 321 14.85 -12.95 -11.48
N GLY C 322 13.76 -13.65 -11.75
CA GLY C 322 13.66 -15.07 -11.44
C GLY C 322 13.67 -15.93 -12.67
N SER C 323 14.38 -15.47 -13.69
CA SER C 323 14.48 -16.17 -14.96
C SER C 323 15.58 -17.21 -14.88
N SER C 324 15.39 -18.31 -15.61
CA SER C 324 16.37 -19.40 -15.59
C SER C 324 17.70 -18.95 -16.16
N GLN C 325 17.69 -18.14 -17.21
CA GLN C 325 18.95 -17.69 -17.81
C GLN C 325 19.82 -16.93 -16.82
N SER C 326 19.22 -16.40 -15.74
CA SER C 326 19.98 -15.73 -14.68
C SER C 326 20.18 -16.62 -13.46
N CYS C 327 19.09 -17.05 -12.83
CA CYS C 327 19.18 -17.75 -11.56
C CYS C 327 19.82 -19.13 -11.67
N ARG C 328 20.08 -19.62 -12.87
CA ARG C 328 20.77 -20.89 -13.04
C ARG C 328 22.20 -20.72 -13.49
N PHE C 329 22.68 -19.48 -13.62
CA PHE C 329 24.03 -19.22 -14.12
C PHE C 329 24.82 -18.25 -13.27
N ARG C 330 24.13 -17.38 -12.53
CA ARG C 330 24.82 -16.37 -11.72
C ARG C 330 23.88 -15.90 -10.62
N GLU C 331 24.40 -15.02 -9.76
CA GLU C 331 23.57 -14.41 -8.73
C GLU C 331 22.41 -13.65 -9.36
N CYS C 332 21.21 -13.93 -8.89
CA CYS C 332 20.02 -13.24 -9.34
C CYS C 332 19.29 -12.67 -8.14
N ASN C 333 18.81 -11.43 -8.26
CA ASN C 333 18.25 -10.75 -7.12
C ASN C 333 16.96 -11.40 -6.63
N MET C 334 16.29 -12.18 -7.47
CA MET C 334 15.17 -12.96 -6.97
C MET C 334 15.65 -13.98 -5.94
N GLY C 335 16.77 -14.64 -6.19
CA GLY C 335 17.29 -15.59 -5.22
C GLY C 335 17.69 -14.92 -3.92
N ASN C 336 18.33 -13.74 -4.02
CA ASN C 336 18.74 -13.04 -2.81
C ASN C 336 17.54 -12.66 -1.97
N LEU C 337 16.45 -12.25 -2.61
CA LEU C 337 15.23 -11.90 -1.86
C LEU C 337 14.70 -13.09 -1.09
N ILE C 338 14.59 -14.25 -1.75
CA ILE C 338 14.02 -15.43 -1.13
C ILE C 338 14.88 -15.87 0.04
N CYS C 339 16.21 -15.90 -0.16
CA CYS C 339 17.09 -16.31 0.93
C CYS C 339 17.06 -15.33 2.10
N ASP C 340 16.93 -14.03 1.81
CA ASP C 340 16.77 -13.05 2.87
C ASP C 340 15.47 -13.26 3.63
N ALA C 341 14.41 -13.65 2.92
CA ALA C 341 13.16 -13.99 3.59
C ALA C 341 13.33 -15.25 4.44
N MET C 342 14.02 -16.25 3.92
CA MET C 342 14.26 -17.49 4.67
C MET C 342 14.97 -17.20 5.98
N ILE C 343 15.97 -16.31 5.97
CA ILE C 343 16.72 -16.08 7.21
C ILE C 343 15.85 -15.38 8.25
N ASN C 344 14.98 -14.48 7.81
CA ASN C 344 14.18 -13.70 8.75
C ASN C 344 13.21 -14.57 9.54
N ASN C 345 12.62 -15.56 8.86
CA ASN C 345 11.65 -16.47 9.44
C ASN C 345 12.27 -17.37 10.50
N ASN C 346 13.58 -17.55 10.45
CA ASN C 346 14.25 -18.41 11.40
C ASN C 346 14.89 -17.61 12.52
N LEU C 347 15.30 -16.36 12.24
CA LEU C 347 15.79 -15.50 13.32
C LEU C 347 14.92 -15.73 14.55
N ARG C 348 13.61 -15.65 14.32
CA ARG C 348 12.60 -15.81 15.36
C ARG C 348 13.09 -16.61 16.56
N HIS C 349 13.18 -17.91 16.37
CA HIS C 349 13.64 -18.81 17.43
C HIS C 349 15.15 -18.72 17.61
N THR C 350 15.68 -17.51 17.81
CA THR C 350 17.09 -17.32 18.12
C THR C 350 17.30 -17.53 19.63
N ASP C 351 17.97 -18.63 19.98
CA ASP C 351 18.27 -18.98 21.36
C ASP C 351 19.75 -19.29 21.48
N GLU C 352 20.26 -19.25 22.72
CA GLU C 352 21.70 -19.27 23.00
C GLU C 352 22.31 -17.94 22.55
N MET C 353 23.61 -17.75 22.78
CA MET C 353 24.28 -16.49 22.47
C MET C 353 25.01 -16.59 21.14
N PHE C 354 24.24 -16.44 20.05
CA PHE C 354 24.75 -16.45 18.69
C PHE C 354 24.24 -15.30 17.86
N TRP C 355 23.74 -14.22 18.47
CA TRP C 355 23.07 -13.14 17.73
C TRP C 355 21.83 -13.70 17.03
N ASN C 356 21.99 -14.84 16.35
CA ASN C 356 20.89 -15.63 15.82
C ASN C 356 21.34 -17.06 15.57
N HIS C 357 20.38 -18.00 15.58
CA HIS C 357 20.79 -19.40 15.50
C HIS C 357 21.18 -19.82 14.09
N VAL C 358 20.58 -19.23 13.04
CA VAL C 358 20.94 -19.54 11.65
C VAL C 358 21.37 -18.26 10.96
N SER C 359 22.37 -18.38 10.09
CA SER C 359 22.85 -17.24 9.31
C SER C 359 22.96 -17.53 7.82
N MET C 360 22.83 -18.78 7.38
CA MET C 360 23.13 -19.15 6.00
C MET C 360 21.91 -19.72 5.29
N CYS C 361 21.95 -19.67 3.98
CA CYS C 361 20.83 -20.07 3.13
C CYS C 361 21.39 -20.53 1.80
N ILE C 362 20.84 -21.62 1.27
CA ILE C 362 21.13 -22.04 -0.09
C ILE C 362 19.80 -22.39 -0.74
N LEU C 363 19.71 -22.16 -2.04
CA LEU C 363 18.46 -22.25 -2.77
C LEU C 363 18.74 -22.63 -4.21
N ASN C 364 18.20 -23.77 -4.66
CA ASN C 364 18.47 -24.25 -6.00
C ASN C 364 17.85 -23.29 -7.01
N GLY C 365 18.67 -22.80 -7.94
CA GLY C 365 18.18 -21.89 -8.96
C GLY C 365 17.03 -22.47 -9.75
N GLY C 366 17.03 -23.79 -9.94
CA GLY C 366 15.92 -24.45 -10.59
C GLY C 366 14.64 -24.46 -9.81
N GLY C 367 14.67 -24.03 -8.56
CA GLY C 367 13.50 -23.90 -7.75
C GLY C 367 12.80 -22.56 -7.86
N ILE C 368 13.38 -21.63 -8.62
CA ILE C 368 12.79 -20.32 -8.89
C ILE C 368 12.16 -20.37 -10.28
N ARG C 369 10.84 -20.34 -10.35
CA ARG C 369 10.14 -20.71 -11.56
C ARG C 369 9.59 -19.53 -12.37
N SER C 370 9.83 -18.30 -11.94
CA SER C 370 9.33 -17.16 -12.70
C SER C 370 9.96 -15.87 -12.15
N PRO C 371 10.01 -14.81 -12.96
CA PRO C 371 10.30 -13.47 -12.44
C PRO C 371 9.03 -12.73 -12.07
N ILE C 372 9.22 -11.54 -11.49
CA ILE C 372 8.12 -10.61 -11.23
C ILE C 372 8.50 -9.24 -11.78
N ASP C 373 7.62 -8.65 -12.61
CA ASP C 373 7.86 -7.37 -13.26
C ASP C 373 7.42 -6.23 -12.33
N GLU C 374 8.22 -5.16 -12.30
CA GLU C 374 8.00 -4.04 -11.40
C GLU C 374 7.20 -2.91 -12.05
N ARG C 375 6.86 -3.03 -13.33
CA ARG C 375 6.14 -1.98 -14.06
C ARG C 375 4.63 -2.07 -13.86
N ASN C 376 4.15 -3.14 -13.23
CA ASN C 376 2.74 -3.27 -12.86
C ASN C 376 2.46 -2.42 -11.62
N ASP C 377 2.86 -1.15 -11.66
CA ASP C 377 2.76 -0.26 -10.50
C ASP C 377 3.53 -0.82 -9.30
N GLY C 378 4.42 -1.78 -9.52
CA GLY C 378 5.16 -2.41 -8.46
C GLY C 378 4.42 -3.46 -7.67
N THR C 379 3.14 -3.68 -7.95
CA THR C 379 2.30 -4.52 -7.11
C THR C 379 2.73 -5.98 -7.14
N ILE C 380 2.88 -6.57 -5.96
CA ILE C 380 3.22 -7.98 -5.79
C ILE C 380 2.02 -8.66 -5.14
N THR C 381 1.38 -9.56 -5.88
CA THR C 381 0.21 -10.29 -5.39
C THR C 381 0.56 -11.75 -5.11
N TRP C 382 -0.36 -12.43 -4.43
N TRP C 382 -0.36 -12.44 -4.42
CA TRP C 382 -0.20 -13.86 -4.16
CA TRP C 382 -0.17 -13.86 -4.18
C TRP C 382 -0.08 -14.66 -5.46
C TRP C 382 -0.02 -14.64 -5.48
N GLU C 383 -0.60 -14.13 -6.56
CA GLU C 383 -0.51 -14.83 -7.85
C GLU C 383 0.88 -14.69 -8.45
N ASN C 384 1.41 -13.46 -8.48
CA ASN C 384 2.78 -13.26 -8.94
C ASN C 384 3.73 -14.21 -8.20
N LEU C 385 3.60 -14.28 -6.88
CA LEU C 385 4.44 -15.17 -6.10
C LEU C 385 4.15 -16.62 -6.41
N ALA C 386 2.90 -16.95 -6.74
CA ALA C 386 2.52 -18.34 -6.99
C ALA C 386 3.25 -18.92 -8.18
N ALA C 387 3.65 -18.08 -9.14
CA ALA C 387 4.41 -18.55 -10.29
C ALA C 387 5.90 -18.72 -9.97
N VAL C 388 6.40 -17.96 -8.99
CA VAL C 388 7.82 -18.10 -8.59
C VAL C 388 8.02 -19.37 -7.77
N LEU C 389 7.10 -19.65 -6.84
CA LEU C 389 7.19 -20.79 -5.94
C LEU C 389 5.89 -21.59 -6.03
N PRO C 390 5.71 -22.35 -7.10
CA PRO C 390 4.41 -23.02 -7.32
C PRO C 390 4.25 -24.39 -6.68
N PHE C 391 5.32 -24.96 -6.10
CA PHE C 391 5.30 -26.36 -5.69
C PHE C 391 4.70 -26.59 -4.31
N GLY C 392 4.65 -25.56 -3.47
CA GLY C 392 4.14 -25.74 -2.12
C GLY C 392 5.07 -26.49 -1.18
N GLY C 393 6.37 -26.22 -1.26
CA GLY C 393 7.35 -26.80 -0.37
C GLY C 393 7.63 -25.92 0.84
N THR C 394 8.56 -26.38 1.66
CA THR C 394 8.93 -25.68 2.89
C THR C 394 10.38 -25.25 2.87
N PHE C 395 10.68 -24.23 3.67
CA PHE C 395 12.06 -23.77 3.88
C PHE C 395 12.52 -24.32 5.22
N ASP C 396 13.26 -25.43 5.15
CA ASP C 396 13.61 -26.23 6.32
C ASP C 396 14.98 -25.83 6.84
N LEU C 397 15.25 -26.25 8.07
CA LEU C 397 16.50 -25.99 8.77
C LEU C 397 17.31 -27.26 8.85
N VAL C 398 18.56 -27.17 8.43
CA VAL C 398 19.43 -28.33 8.28
C VAL C 398 20.79 -28.02 8.91
N GLN C 399 21.42 -29.07 9.44
CA GLN C 399 22.76 -29.01 10.01
C GLN C 399 23.71 -29.71 9.05
N LEU C 400 24.79 -29.03 8.68
CA LEU C 400 25.74 -29.60 7.73
C LEU C 400 27.16 -29.37 8.21
N LYS C 401 27.98 -30.40 8.08
CA LYS C 401 29.42 -30.26 8.23
C LYS C 401 29.97 -29.34 7.14
N GLY C 402 31.04 -28.64 7.46
CA GLY C 402 31.66 -27.82 6.44
C GLY C 402 31.98 -28.61 5.19
N SER C 403 32.40 -29.86 5.38
CA SER C 403 32.71 -30.74 4.26
C SER C 403 31.50 -30.92 3.36
N THR C 404 30.34 -31.21 3.96
CA THR C 404 29.13 -31.38 3.15
C THR C 404 28.79 -30.12 2.37
N LEU C 405 28.90 -28.95 3.01
CA LEU C 405 28.55 -27.69 2.33
C LEU C 405 29.49 -27.43 1.15
N LYS C 406 30.79 -27.67 1.34
CA LYS C 406 31.72 -27.50 0.24
C LYS C 406 31.36 -28.46 -0.90
N LYS C 407 30.97 -29.69 -0.57
CA LYS C 407 30.59 -30.61 -1.63
C LYS C 407 29.32 -30.14 -2.34
N ALA C 408 28.39 -29.54 -1.60
CA ALA C 408 27.17 -29.04 -2.23
C ALA C 408 27.48 -27.90 -3.20
N PHE C 409 28.44 -27.04 -2.84
CA PHE C 409 28.77 -25.94 -3.75
C PHE C 409 29.61 -26.41 -4.92
N GLU C 410 30.40 -27.47 -4.74
CA GLU C 410 31.07 -28.09 -5.89
C GLU C 410 30.06 -28.67 -6.86
N HIS C 411 29.05 -29.38 -6.35
CA HIS C 411 27.99 -29.91 -7.20
C HIS C 411 27.25 -28.79 -7.91
N SER C 412 27.17 -27.62 -7.29
CA SER C 412 26.42 -26.50 -7.87
C SER C 412 26.92 -26.14 -9.27
N VAL C 413 28.19 -26.40 -9.56
CA VAL C 413 28.77 -25.98 -10.83
C VAL C 413 29.57 -27.10 -11.46
N HIS C 414 29.31 -28.34 -11.04
CA HIS C 414 30.10 -29.46 -11.58
C HIS C 414 29.86 -29.64 -13.08
N ARG C 415 28.66 -29.31 -13.55
CA ARG C 415 28.31 -29.32 -14.97
C ARG C 415 27.79 -27.94 -15.39
N TYR C 416 28.48 -26.89 -14.91
CA TYR C 416 28.05 -25.53 -15.21
C TYR C 416 27.99 -25.31 -16.71
N GLY C 417 26.94 -24.62 -17.15
CA GLY C 417 26.79 -24.24 -18.55
C GLY C 417 25.64 -24.91 -19.26
N GLN C 418 24.91 -25.81 -18.60
CA GLN C 418 23.83 -26.60 -19.23
C GLN C 418 22.45 -26.16 -18.76
N SER C 419 22.34 -24.96 -18.19
CA SER C 419 21.06 -24.46 -17.66
C SER C 419 20.46 -25.43 -16.65
N THR C 420 21.31 -26.16 -15.93
CA THR C 420 20.85 -27.10 -14.91
C THR C 420 20.41 -26.35 -13.67
N GLY C 421 19.38 -26.87 -13.01
CA GLY C 421 18.76 -26.19 -11.89
C GLY C 421 19.46 -26.31 -10.54
N GLU C 422 20.62 -26.94 -10.48
CA GLU C 422 21.33 -27.11 -9.22
C GLU C 422 22.22 -25.93 -8.85
N PHE C 423 22.31 -24.92 -9.71
CA PHE C 423 23.10 -23.73 -9.38
C PHE C 423 22.49 -23.02 -8.18
N LEU C 424 23.30 -22.82 -7.13
CA LEU C 424 22.80 -22.38 -5.83
C LEU C 424 22.78 -20.86 -5.73
N GLN C 425 21.60 -20.33 -5.37
CA GLN C 425 21.44 -18.99 -4.82
C GLN C 425 21.61 -19.06 -3.31
N VAL C 426 22.20 -18.01 -2.74
CA VAL C 426 22.70 -18.08 -1.37
C VAL C 426 22.33 -16.85 -0.57
N GLY C 427 22.39 -17.00 0.75
CA GLY C 427 22.26 -15.92 1.70
C GLY C 427 23.16 -16.15 2.89
N GLY C 428 23.84 -15.10 3.37
CA GLY C 428 24.83 -15.27 4.40
C GLY C 428 26.04 -16.06 3.97
N ILE C 429 26.29 -16.15 2.67
CA ILE C 429 27.40 -16.92 2.11
C ILE C 429 28.03 -16.12 0.98
N HIS C 430 29.36 -16.12 0.94
CA HIS C 430 30.14 -15.52 -0.13
C HIS C 430 30.96 -16.62 -0.81
N VAL C 431 30.59 -16.99 -2.03
CA VAL C 431 31.26 -18.06 -2.77
C VAL C 431 31.89 -17.49 -4.03
N VAL C 432 33.09 -17.96 -4.36
CA VAL C 432 33.79 -17.61 -5.60
C VAL C 432 34.15 -18.89 -6.34
N TYR C 433 33.81 -18.96 -7.63
CA TYR C 433 34.09 -20.12 -8.47
C TYR C 433 35.21 -19.81 -9.46
N ASP C 434 35.95 -20.85 -9.84
CA ASP C 434 36.92 -20.79 -10.93
C ASP C 434 36.57 -21.95 -11.88
N LEU C 435 35.84 -21.66 -12.96
CA LEU C 435 35.35 -22.72 -13.83
C LEU C 435 36.44 -23.37 -14.67
N SER C 436 37.60 -22.74 -14.79
CA SER C 436 38.71 -23.38 -15.48
C SER C 436 39.25 -24.58 -14.72
N ARG C 437 38.90 -24.72 -13.43
CA ARG C 437 39.40 -25.80 -12.59
C ARG C 437 38.61 -27.08 -12.85
N LYS C 438 39.09 -28.18 -12.28
CA LYS C 438 38.49 -29.48 -12.48
C LYS C 438 37.11 -29.48 -11.84
N PRO C 439 36.15 -30.22 -12.38
CA PRO C 439 34.89 -30.42 -11.66
C PRO C 439 35.17 -31.09 -10.32
N GLY C 440 34.58 -30.54 -9.25
CA GLY C 440 34.87 -30.98 -7.90
C GLY C 440 35.94 -30.19 -7.18
N ASP C 441 36.59 -29.24 -7.87
CA ASP C 441 37.62 -28.37 -7.30
C ASP C 441 37.46 -26.96 -7.84
N ARG C 442 36.21 -26.51 -7.98
CA ARG C 442 35.95 -25.21 -8.58
C ARG C 442 35.63 -24.14 -7.55
N VAL C 443 35.28 -24.51 -6.32
CA VAL C 443 35.05 -23.53 -5.27
C VAL C 443 36.43 -23.09 -4.76
N VAL C 444 36.77 -21.81 -5.01
CA VAL C 444 38.08 -21.28 -4.65
C VAL C 444 37.99 -20.47 -3.36
N LYS C 445 36.83 -19.88 -3.10
CA LYS C 445 36.57 -19.15 -1.86
C LYS C 445 35.15 -19.45 -1.39
N LEU C 446 35.00 -19.63 -0.07
CA LEU C 446 33.69 -19.91 0.51
C LEU C 446 33.68 -19.35 1.93
N ASP C 447 33.32 -18.07 2.05
CA ASP C 447 33.20 -17.41 3.34
C ASP C 447 31.73 -17.41 3.75
N VAL C 448 31.48 -17.62 5.04
CA VAL C 448 30.12 -17.71 5.56
C VAL C 448 29.97 -16.76 6.73
N LEU C 449 28.72 -16.39 6.99
CA LEU C 449 28.41 -15.43 8.05
C LEU C 449 28.38 -16.13 9.40
N CYS C 450 29.15 -15.60 10.36
CA CYS C 450 29.28 -16.26 11.64
C CYS C 450 28.00 -16.16 12.44
N THR C 451 27.75 -17.20 13.23
CA THR C 451 26.70 -17.21 14.24
C THR C 451 27.27 -17.04 15.64
N LYS C 452 28.34 -17.76 15.93
CA LYS C 452 29.00 -17.68 17.23
C LYS C 452 29.86 -16.40 17.27
N CYS C 453 29.18 -15.26 17.27
CA CYS C 453 29.85 -13.96 17.20
C CYS C 453 28.84 -12.88 17.56
N ARG C 454 29.32 -11.84 18.24
CA ARG C 454 28.42 -10.77 18.65
C ARG C 454 28.11 -9.84 17.50
N VAL C 455 29.08 -9.60 16.62
CA VAL C 455 28.89 -8.83 15.40
C VAL C 455 29.04 -9.78 14.22
N PRO C 456 28.02 -9.93 13.37
CA PRO C 456 28.13 -10.89 12.27
C PRO C 456 29.16 -10.43 11.25
N SER C 457 30.06 -11.33 10.87
CA SER C 457 31.05 -11.05 9.86
C SER C 457 31.37 -12.33 9.10
N TYR C 458 32.00 -12.18 7.94
CA TYR C 458 32.30 -13.31 7.07
C TYR C 458 33.68 -13.87 7.35
N ASP C 459 33.74 -15.18 7.54
CA ASP C 459 34.96 -15.92 7.82
C ASP C 459 35.02 -17.16 6.94
N PRO C 460 36.21 -17.67 6.66
CA PRO C 460 36.31 -18.84 5.78
C PRO C 460 35.56 -20.02 6.35
N LEU C 461 34.95 -20.81 5.46
CA LEU C 461 34.28 -22.02 5.87
C LEU C 461 35.31 -22.99 6.41
N LYS C 462 34.97 -23.63 7.53
CA LYS C 462 35.80 -24.65 8.15
C LYS C 462 35.14 -26.01 7.94
N MET C 463 35.89 -26.95 7.37
CA MET C 463 35.31 -28.23 6.98
C MET C 463 34.99 -29.10 8.19
N ASP C 464 35.61 -28.85 9.33
CA ASP C 464 35.45 -29.71 10.49
C ASP C 464 34.32 -29.28 11.41
N GLU C 465 33.83 -28.05 11.24
CA GLU C 465 32.72 -27.51 12.01
C GLU C 465 31.38 -27.85 11.36
N VAL C 466 30.30 -27.53 12.08
CA VAL C 466 28.94 -27.84 11.69
C VAL C 466 28.17 -26.53 11.60
N TYR C 467 27.43 -26.36 10.50
CA TYR C 467 26.71 -25.13 10.23
C TYR C 467 25.23 -25.40 10.01
N LYS C 468 24.40 -24.45 10.45
CA LYS C 468 22.96 -24.47 10.23
C LYS C 468 22.62 -23.73 8.94
N VAL C 469 21.82 -24.37 8.09
CA VAL C 469 21.46 -23.84 6.79
C VAL C 469 19.96 -23.90 6.63
N ILE C 470 19.38 -22.89 5.98
CA ILE C 470 17.98 -22.90 5.57
C ILE C 470 17.93 -23.22 4.08
N LEU C 471 17.23 -24.28 3.71
CA LEU C 471 17.13 -24.70 2.32
C LEU C 471 15.76 -25.31 2.08
N PRO C 472 15.35 -25.46 0.82
CA PRO C 472 14.06 -26.08 0.54
C PRO C 472 14.02 -27.55 0.93
N ASN C 473 12.83 -28.01 1.29
CA ASN C 473 12.64 -29.43 1.56
C ASN C 473 13.05 -30.28 0.36
N PHE C 474 12.96 -29.71 -0.84
CA PHE C 474 13.38 -30.44 -2.05
C PHE C 474 14.88 -30.73 -1.99
N LEU C 475 15.67 -29.81 -1.43
CA LEU C 475 17.10 -30.05 -1.32
C LEU C 475 17.44 -30.94 -0.14
N ALA C 476 16.71 -30.84 0.97
CA ALA C 476 17.01 -31.67 2.13
C ALA C 476 16.86 -33.16 1.81
N ASN C 477 15.97 -33.50 0.87
CA ASN C 477 15.75 -34.86 0.44
C ASN C 477 16.57 -35.23 -0.80
N GLY C 478 17.68 -34.55 -1.02
CA GLY C 478 18.57 -34.93 -2.09
C GLY C 478 18.12 -34.51 -3.46
N GLY C 479 17.21 -33.55 -3.55
CA GLY C 479 16.73 -33.12 -4.85
C GLY C 479 17.83 -32.44 -5.66
N ASP C 480 17.66 -32.48 -6.98
CA ASP C 480 18.57 -31.84 -7.92
C ASP C 480 19.98 -32.42 -7.80
N GLY C 481 20.09 -33.68 -7.37
CA GLY C 481 21.37 -34.33 -7.26
C GLY C 481 22.17 -33.99 -6.02
N PHE C 482 21.57 -33.26 -5.08
CA PHE C 482 22.27 -32.94 -3.82
C PHE C 482 22.19 -34.11 -2.85
N GLN C 483 22.64 -35.27 -3.30
CA GLN C 483 22.61 -36.45 -2.44
C GLN C 483 23.44 -36.26 -1.19
N MET C 484 24.53 -35.49 -1.28
CA MET C 484 25.40 -35.33 -0.11
C MET C 484 24.67 -34.67 1.05
N ILE C 485 23.70 -33.80 0.77
CA ILE C 485 22.92 -33.16 1.82
C ILE C 485 22.05 -34.19 2.53
N LYS C 486 21.32 -35.00 1.75
CA LYS C 486 20.44 -36.01 2.34
C LYS C 486 21.24 -37.06 3.10
N ASP C 487 22.40 -37.45 2.56
CA ASP C 487 23.17 -38.53 3.17
C ASP C 487 23.99 -38.06 4.36
N GLU C 488 24.48 -36.81 4.34
CA GLU C 488 25.45 -36.34 5.34
C GLU C 488 24.89 -35.33 6.34
N LEU C 489 23.65 -34.88 6.19
CA LEU C 489 23.13 -33.91 7.13
C LEU C 489 22.97 -34.56 8.50
N LEU C 490 23.20 -33.76 9.55
CA LEU C 490 23.20 -34.26 10.93
C LEU C 490 21.90 -33.97 11.68
N ARG C 491 20.97 -33.23 11.09
CA ARG C 491 19.73 -32.80 11.72
C ARG C 491 18.85 -32.17 10.66
N HIS C 492 17.53 -32.37 10.78
CA HIS C 492 16.57 -31.78 9.85
C HIS C 492 15.28 -31.48 10.58
N ASP C 493 14.82 -30.23 10.46
CA ASP C 493 13.56 -29.78 11.03
C ASP C 493 12.75 -29.08 9.95
N SER C 494 11.46 -29.39 9.89
CA SER C 494 10.59 -28.85 8.85
C SER C 494 10.13 -27.44 9.19
N GLY C 495 10.07 -26.59 8.16
CA GLY C 495 9.76 -25.19 8.33
C GLY C 495 8.45 -24.79 7.70
N ASP C 496 8.28 -23.49 7.52
CA ASP C 496 7.06 -22.89 7.00
C ASP C 496 6.98 -23.03 5.48
N GLN C 497 5.80 -22.71 4.93
CA GLN C 497 5.60 -22.75 3.49
C GLN C 497 6.53 -21.78 2.78
N ASP C 498 6.99 -22.17 1.58
CA ASP C 498 7.86 -21.30 0.80
C ASP C 498 7.16 -19.98 0.51
N ILE C 499 5.96 -20.04 -0.08
CA ILE C 499 5.24 -18.83 -0.47
C ILE C 499 4.79 -18.03 0.75
N ASN C 500 4.56 -18.69 1.89
CA ASN C 500 4.16 -17.96 3.09
C ASN C 500 5.35 -17.26 3.74
N VAL C 501 6.53 -17.87 3.66
CA VAL C 501 7.73 -17.23 4.18
C VAL C 501 8.05 -15.97 3.39
N VAL C 502 8.03 -16.06 2.06
CA VAL C 502 8.36 -14.91 1.23
C VAL C 502 7.25 -13.86 1.31
N SER C 503 6.01 -14.28 1.55
CA SER C 503 4.93 -13.33 1.58
C SER C 503 4.98 -12.48 2.85
N THR C 504 5.28 -13.11 3.99
CA THR C 504 5.42 -12.37 5.23
C THR C 504 6.55 -11.35 5.14
N TYR C 505 7.63 -11.71 4.45
CA TYR C 505 8.77 -10.82 4.34
C TYR C 505 8.45 -9.60 3.49
N ILE C 506 7.83 -9.81 2.32
CA ILE C 506 7.45 -8.69 1.45
C ILE C 506 6.49 -7.76 2.17
N SER C 507 5.55 -8.31 2.92
CA SER C 507 4.60 -7.45 3.66
C SER C 507 5.31 -6.68 4.75
N LYS C 508 6.29 -7.30 5.41
CA LYS C 508 7.03 -6.60 6.45
C LYS C 508 7.82 -5.43 5.87
N MET C 509 8.47 -5.66 4.72
CA MET C 509 9.32 -4.65 4.12
C MET C 509 8.53 -3.62 3.32
N LYS C 510 7.29 -3.92 2.96
CA LYS C 510 6.43 -2.96 2.26
C LYS C 510 6.94 -2.63 0.87
N VAL C 511 8.17 -2.10 0.78
CA VAL C 511 8.84 -1.83 -0.49
C VAL C 511 10.18 -2.53 -0.47
N ILE C 512 10.44 -3.35 -1.48
CA ILE C 512 11.67 -4.12 -1.55
C ILE C 512 12.48 -3.69 -2.76
N TYR C 513 13.79 -3.89 -2.69
CA TYR C 513 14.67 -3.55 -3.80
C TYR C 513 15.95 -4.38 -3.75
N PRO C 514 15.84 -5.72 -3.80
CA PRO C 514 17.04 -6.55 -3.75
C PRO C 514 17.97 -6.28 -4.91
N ALA C 515 19.26 -6.48 -4.67
CA ALA C 515 20.26 -6.21 -5.70
C ALA C 515 21.19 -7.40 -5.85
N VAL C 516 21.93 -7.40 -6.96
CA VAL C 516 23.04 -8.32 -7.16
C VAL C 516 24.25 -7.70 -6.46
N GLU C 517 24.69 -8.31 -5.37
CA GLU C 517 25.65 -7.69 -4.47
C GLU C 517 27.02 -8.32 -4.56
N GLY C 518 27.16 -9.45 -5.23
CA GLY C 518 28.40 -10.17 -5.25
C GLY C 518 28.45 -11.42 -4.39
N ARG C 519 27.30 -11.91 -3.93
CA ARG C 519 27.30 -13.15 -3.15
C ARG C 519 27.94 -14.28 -3.94
N ILE C 520 27.84 -14.25 -5.26
CA ILE C 520 28.42 -15.27 -6.14
C ILE C 520 29.30 -14.57 -7.15
N LYS C 521 30.57 -14.99 -7.23
CA LYS C 521 31.56 -14.40 -8.12
C LYS C 521 32.24 -15.50 -8.91
N PHE C 522 32.82 -15.13 -10.04
CA PHE C 522 33.51 -16.07 -10.91
C PHE C 522 34.93 -15.59 -11.21
N SER C 523 35.90 -16.46 -10.96
CA SER C 523 37.29 -16.12 -11.15
C SER C 523 37.77 -16.56 -12.52
N TRP D 1 57.10 20.61 48.15
CA TRP D 1 55.66 20.84 48.08
C TRP D 1 55.04 19.94 47.00
N GLU D 2 54.22 18.99 47.44
CA GLU D 2 53.64 18.01 46.54
C GLU D 2 52.21 18.42 46.18
N LEU D 3 51.93 18.44 44.88
CA LEU D 3 50.61 18.74 44.35
C LEU D 3 50.01 17.48 43.74
N THR D 4 48.72 17.26 43.98
CA THR D 4 47.97 16.16 43.38
C THR D 4 46.98 16.75 42.38
N ILE D 5 47.16 16.41 41.10
CA ILE D 5 46.30 16.89 40.03
C ILE D 5 45.35 15.77 39.65
N LEU D 6 44.05 16.03 39.74
CA LEU D 6 43.03 15.12 39.24
C LEU D 6 42.46 15.76 37.98
N HIS D 7 42.41 15.00 36.90
CA HIS D 7 41.98 15.57 35.63
C HIS D 7 41.07 14.61 34.87
N THR D 8 40.09 15.21 34.19
CA THR D 8 39.18 14.50 33.30
C THR D 8 39.21 15.18 31.94
N ASN D 9 38.85 14.45 30.90
CA ASN D 9 38.79 15.05 29.58
C ASN D 9 37.86 14.23 28.71
N ASP D 10 37.23 14.92 27.76
CA ASP D 10 36.34 14.28 26.80
C ASP D 10 35.32 13.39 27.51
N VAL D 11 34.71 13.94 28.55
CA VAL D 11 33.66 13.21 29.27
C VAL D 11 32.46 13.00 28.37
N HIS D 12 32.04 14.04 27.65
CA HIS D 12 30.98 13.96 26.65
C HIS D 12 29.66 13.46 27.26
N SER D 13 29.13 14.23 28.20
CA SER D 13 27.80 14.03 28.73
C SER D 13 27.61 12.64 29.33
N ARG D 14 28.70 11.99 29.73
CA ARG D 14 28.63 10.72 30.45
C ARG D 14 28.41 10.98 31.95
N LEU D 15 27.29 11.65 32.24
CA LEU D 15 26.99 12.01 33.62
C LEU D 15 26.62 10.79 34.45
N GLU D 16 25.85 9.87 33.88
CA GLU D 16 25.50 8.63 34.55
C GLU D 16 26.54 7.55 34.27
N GLN D 17 26.66 6.62 35.21
CA GLN D 17 27.53 5.46 34.99
C GLN D 17 27.13 4.74 33.70
N THR D 18 28.14 4.21 33.01
CA THR D 18 27.97 3.65 31.68
C THR D 18 28.39 2.18 31.63
N SER D 19 28.09 1.56 30.49
CA SER D 19 28.64 0.25 30.19
C SER D 19 30.15 0.35 30.07
N GLU D 20 30.80 -0.81 29.93
CA GLU D 20 32.25 -0.78 29.83
C GLU D 20 32.70 -0.21 28.50
N ASP D 21 31.80 -0.18 27.49
CA ASP D 21 32.06 0.48 26.22
C ASP D 21 31.59 1.93 26.21
N SER D 22 31.14 2.44 27.36
CA SER D 22 30.66 3.81 27.53
C SER D 22 29.30 4.08 26.92
N SER D 23 28.50 3.04 26.67
CA SER D 23 27.12 3.16 26.25
C SER D 23 26.20 3.06 27.47
N LYS D 24 24.90 3.09 27.24
CA LYS D 24 23.95 3.05 28.34
C LYS D 24 24.25 1.91 29.31
N CYS D 25 24.22 2.23 30.60
CA CYS D 25 24.42 1.21 31.62
C CYS D 25 23.18 0.32 31.74
N VAL D 26 23.38 -0.99 31.66
CA VAL D 26 22.28 -1.94 31.84
C VAL D 26 22.55 -2.76 33.10
N ASP D 27 23.55 -3.65 33.03
CA ASP D 27 23.94 -4.42 34.20
C ASP D 27 24.65 -3.48 35.16
N ALA D 28 23.90 -2.83 36.06
CA ALA D 28 24.47 -1.79 36.91
C ALA D 28 25.62 -2.32 37.76
N SER D 29 25.69 -3.63 37.97
CA SER D 29 26.76 -4.20 38.78
C SER D 29 28.11 -4.11 38.08
N ARG D 30 28.12 -3.98 36.76
CA ARG D 30 29.35 -3.98 35.98
C ARG D 30 29.54 -2.69 35.19
N CYS D 31 28.91 -1.60 35.63
CA CYS D 31 29.04 -0.31 34.98
C CYS D 31 30.17 0.50 35.63
N MET D 32 30.54 1.59 34.96
CA MET D 32 31.71 2.37 35.31
C MET D 32 31.43 3.85 35.12
N GLY D 33 32.35 4.67 35.60
CA GLY D 33 32.26 6.10 35.43
C GLY D 33 31.06 6.76 36.12
N GLY D 34 30.72 7.93 35.60
CA GLY D 34 29.68 8.76 36.17
C GLY D 34 30.24 9.76 37.16
N VAL D 35 29.55 10.89 37.28
CA VAL D 35 29.99 11.92 38.21
C VAL D 35 29.80 11.45 39.65
N ALA D 36 28.75 10.69 39.93
CA ALA D 36 28.50 10.23 41.28
C ALA D 36 29.66 9.39 41.78
N ARG D 37 30.13 8.47 40.95
CA ARG D 37 31.29 7.67 41.34
C ARG D 37 32.53 8.53 41.40
N LEU D 38 32.66 9.51 40.49
CA LEU D 38 33.81 10.40 40.49
C LEU D 38 33.88 11.25 41.75
N PHE D 39 32.72 11.73 42.21
CA PHE D 39 32.70 12.56 43.42
C PHE D 39 33.23 11.79 44.61
N THR D 40 32.92 10.50 44.69
CA THR D 40 33.42 9.69 45.80
C THR D 40 34.95 9.68 45.77
N LYS D 41 35.53 9.36 44.61
CA LYS D 41 36.98 9.24 44.52
C LYS D 41 37.66 10.59 44.72
N VAL D 42 37.09 11.66 44.22
CA VAL D 42 37.68 12.97 44.40
C VAL D 42 37.66 13.37 45.86
N GLN D 43 36.49 13.21 46.52
CA GLN D 43 36.39 13.51 47.95
CA GLN D 43 36.39 13.52 47.94
C GLN D 43 37.39 12.70 48.75
N GLN D 44 37.46 11.39 48.49
CA GLN D 44 38.39 10.54 49.22
C GLN D 44 39.82 11.09 49.13
N ILE D 45 40.23 11.52 47.94
CA ILE D 45 41.59 12.03 47.78
C ILE D 45 41.73 13.36 48.50
N ARG D 46 40.69 14.19 48.49
CA ARG D 46 40.79 15.48 49.14
C ARG D 46 40.96 15.33 50.64
N ARG D 47 40.40 14.25 51.22
CA ARG D 47 40.58 13.97 52.64
C ARG D 47 41.95 13.39 52.95
N ALA D 48 42.67 12.90 51.95
CA ALA D 48 43.98 12.28 52.17
C ALA D 48 45.16 13.19 51.80
N GLU D 49 45.02 14.02 50.74
CA GLU D 49 46.10 14.86 50.26
C GLU D 49 45.86 16.33 50.58
N PRO D 50 46.91 17.08 50.97
CA PRO D 50 46.71 18.49 51.35
C PRO D 50 46.46 19.41 50.17
N ASN D 51 47.17 19.24 49.07
CA ASN D 51 47.12 20.16 47.92
C ASN D 51 46.53 19.44 46.73
N VAL D 52 45.27 19.75 46.40
CA VAL D 52 44.52 19.04 45.37
C VAL D 52 43.95 20.04 44.37
N LEU D 53 44.07 19.70 43.09
CA LEU D 53 43.41 20.42 42.02
C LEU D 53 42.63 19.42 41.18
N LEU D 54 41.38 19.74 40.88
CA LEU D 54 40.53 18.95 40.00
C LEU D 54 40.35 19.76 38.73
N LEU D 55 40.82 19.24 37.60
CA LEU D 55 40.82 19.96 36.34
C LEU D 55 40.09 19.17 35.27
N ASP D 56 39.55 19.89 34.28
CA ASP D 56 38.92 19.25 33.12
C ASP D 56 39.57 19.83 31.87
N ALA D 57 39.93 18.95 30.92
CA ALA D 57 40.66 19.36 29.74
C ALA D 57 39.76 19.50 28.53
N GLY D 58 38.46 19.66 28.75
CA GLY D 58 37.56 20.06 27.68
C GLY D 58 36.66 18.91 27.22
N ASP D 59 35.76 19.27 26.31
CA ASP D 59 34.82 18.34 25.69
C ASP D 59 33.91 17.69 26.72
N GLN D 60 33.28 18.54 27.56
CA GLN D 60 32.17 18.05 28.37
C GLN D 60 30.87 18.05 27.57
N TYR D 61 30.79 18.91 26.56
CA TYR D 61 29.57 18.99 25.75
C TYR D 61 29.44 17.79 24.82
N GLN D 62 28.18 17.42 24.56
CA GLN D 62 27.84 16.54 23.44
C GLN D 62 28.19 15.09 23.71
N GLY D 63 27.19 14.21 23.64
CA GLY D 63 27.47 12.81 23.81
C GLY D 63 26.31 11.93 24.18
N THR D 64 25.35 12.47 24.94
CA THR D 64 24.23 11.68 25.39
C THR D 64 22.95 12.51 25.40
N ILE D 65 21.85 11.87 25.82
CA ILE D 65 20.58 12.56 25.99
C ILE D 65 20.67 13.62 27.07
N TRP D 66 21.71 13.57 27.91
CA TRP D 66 21.89 14.58 28.94
C TRP D 66 22.16 15.95 28.31
N PHE D 67 23.03 16.00 27.31
CA PHE D 67 23.31 17.26 26.65
C PHE D 67 22.20 17.63 25.67
N THR D 68 21.58 16.62 25.06
CA THR D 68 20.47 16.88 24.14
C THR D 68 19.37 17.68 24.83
N VAL D 69 19.05 17.32 26.08
CA VAL D 69 17.97 18.00 26.79
C VAL D 69 18.48 19.27 27.47
N TYR D 70 19.52 19.16 28.29
CA TYR D 70 19.94 20.28 29.14
C TYR D 70 20.93 21.21 28.46
N LYS D 71 21.53 20.82 27.34
CA LYS D 71 22.29 21.73 26.50
C LYS D 71 23.41 22.42 27.27
N GLY D 72 23.96 21.78 28.30
CA GLY D 72 25.09 22.34 29.02
C GLY D 72 24.77 22.78 30.43
N ALA D 73 23.49 22.90 30.80
CA ALA D 73 23.14 23.22 32.17
C ALA D 73 23.49 22.07 33.12
N GLU D 74 23.48 20.83 32.62
CA GLU D 74 23.90 19.71 33.45
C GLU D 74 25.40 19.77 33.68
N VAL D 75 26.14 20.33 32.72
CA VAL D 75 27.59 20.46 32.87
C VAL D 75 27.92 21.46 33.97
N ALA D 76 27.32 22.66 33.91
CA ALA D 76 27.58 23.67 34.92
C ALA D 76 27.17 23.19 36.30
N HIS D 77 26.02 22.53 36.40
CA HIS D 77 25.49 22.16 37.72
C HIS D 77 26.36 21.13 38.42
N PHE D 78 26.72 20.06 37.72
CA PHE D 78 27.47 18.98 38.36
C PHE D 78 28.97 19.21 38.36
N MET D 79 29.50 20.03 37.45
CA MET D 79 30.90 20.45 37.59
C MET D 79 31.03 21.35 38.79
N ASN D 80 30.00 22.15 39.09
CA ASN D 80 29.98 22.90 40.35
C ASN D 80 29.85 21.95 41.54
N ALA D 81 28.98 20.95 41.44
CA ALA D 81 28.80 20.01 42.53
C ALA D 81 30.10 19.29 42.88
N LEU D 82 30.85 18.83 41.87
CA LEU D 82 32.14 18.21 42.09
C LEU D 82 33.22 19.23 42.43
N ARG D 83 32.92 20.52 42.29
CA ARG D 83 33.83 21.58 42.71
C ARG D 83 35.11 21.54 41.89
N TYR D 84 34.95 21.51 40.56
CA TYR D 84 36.09 21.63 39.67
C TYR D 84 36.79 22.95 39.93
N ASP D 85 38.12 22.93 39.93
CA ASP D 85 38.87 24.15 40.18
C ASP D 85 39.13 24.96 38.93
N ALA D 86 39.13 24.32 37.75
CA ALA D 86 39.29 25.02 36.48
C ALA D 86 38.92 24.07 35.34
N MET D 87 38.52 24.66 34.21
CA MET D 87 38.22 23.91 33.00
C MET D 87 38.82 24.65 31.80
N ALA D 88 39.26 23.87 30.81
CA ALA D 88 39.69 24.41 29.53
C ALA D 88 38.58 24.20 28.50
N LEU D 89 38.43 25.16 27.60
CA LEU D 89 37.41 25.05 26.56
C LEU D 89 37.85 24.06 25.50
N GLY D 90 36.94 23.14 25.15
CA GLY D 90 37.18 22.21 24.07
C GLY D 90 36.47 22.64 22.80
N ASN D 91 36.68 21.86 21.73
CA ASN D 91 36.06 22.18 20.44
C ASN D 91 34.55 21.94 20.48
N HIS D 92 34.09 20.93 21.24
CA HIS D 92 32.67 20.63 21.33
C HIS D 92 31.91 21.60 22.22
N GLU D 93 32.60 22.38 23.05
CA GLU D 93 31.90 23.44 23.77
C GLU D 93 31.35 24.51 22.83
N PHE D 94 31.70 24.47 21.54
CA PHE D 94 31.18 25.40 20.56
C PHE D 94 30.19 24.77 19.59
N ASP D 95 29.82 23.50 19.79
CA ASP D 95 28.93 22.84 18.85
C ASP D 95 27.61 23.60 18.68
N ASN D 96 27.16 24.26 19.75
CA ASN D 96 25.95 25.06 19.73
C ASN D 96 26.26 26.55 19.62
N GLY D 97 27.36 26.90 18.95
CA GLY D 97 27.76 28.28 18.79
C GLY D 97 28.26 28.89 20.08
N VAL D 98 28.64 30.18 19.99
CA VAL D 98 28.96 30.91 21.20
C VAL D 98 27.74 31.00 22.10
N GLU D 99 26.56 31.15 21.50
CA GLU D 99 25.33 31.22 22.28
C GLU D 99 25.13 29.95 23.09
N GLY D 100 25.44 28.79 22.48
CA GLY D 100 25.35 27.52 23.17
C GLY D 100 26.41 27.31 24.22
N LEU D 101 27.45 28.15 24.23
CA LEU D 101 28.46 28.14 25.25
C LEU D 101 28.21 29.18 26.33
N ILE D 102 27.88 30.40 25.93
CA ILE D 102 27.62 31.45 26.91
C ILE D 102 26.36 31.16 27.70
N GLU D 103 25.25 30.85 27.01
CA GLU D 103 23.97 30.79 27.70
C GLU D 103 23.97 29.72 28.78
N PRO D 104 24.28 28.46 28.48
CA PRO D 104 24.16 27.44 29.53
C PRO D 104 25.38 27.35 30.44
N LEU D 105 26.60 27.49 29.89
CA LEU D 105 27.78 27.14 30.67
C LEU D 105 28.55 28.34 31.23
N LEU D 106 29.19 29.14 30.37
CA LEU D 106 30.04 30.21 30.87
C LEU D 106 29.30 31.07 31.89
N LYS D 107 27.99 31.18 31.75
CA LYS D 107 27.16 31.98 32.61
C LYS D 107 26.77 31.28 33.90
N GLU D 108 26.95 29.96 33.96
CA GLU D 108 26.55 29.20 35.14
C GLU D 108 27.69 28.45 35.82
N ALA D 109 28.91 28.55 35.35
CA ALA D 109 30.02 27.85 36.00
C ALA D 109 30.51 28.69 37.17
N LYS D 110 30.72 28.04 38.32
CA LYS D 110 31.29 28.65 39.50
C LYS D 110 32.81 28.48 39.57
N PHE D 111 33.44 28.15 38.44
CA PHE D 111 34.86 27.92 38.33
C PHE D 111 35.36 28.59 37.07
N PRO D 112 36.68 28.84 36.98
CA PRO D 112 37.21 29.52 35.79
C PRO D 112 37.24 28.57 34.59
N ILE D 113 36.79 29.08 33.45
CA ILE D 113 36.80 28.35 32.19
C ILE D 113 37.80 29.05 31.28
N LEU D 114 38.85 28.34 30.90
CA LEU D 114 40.04 28.98 30.38
C LEU D 114 40.28 28.65 28.91
N SER D 115 40.92 29.60 28.23
CA SER D 115 41.48 29.38 26.90
C SER D 115 42.23 30.64 26.48
N ALA D 116 43.55 30.53 26.34
CA ALA D 116 44.37 31.70 26.06
C ALA D 116 44.43 32.05 24.58
N ASN D 117 44.17 31.08 23.70
CA ASN D 117 44.34 31.27 22.26
C ASN D 117 43.04 31.49 21.52
N ILE D 118 41.96 31.79 22.24
CA ILE D 118 40.69 32.19 21.62
C ILE D 118 40.52 33.67 21.87
N LYS D 119 40.49 34.45 20.81
CA LYS D 119 40.38 35.89 20.91
C LYS D 119 39.10 36.34 20.21
N ALA D 120 38.25 37.03 20.94
CA ALA D 120 37.04 37.60 20.40
C ALA D 120 37.36 39.01 19.94
N LYS D 121 36.63 39.48 18.94
CA LYS D 121 36.94 40.77 18.31
C LYS D 121 35.63 41.50 18.03
N GLY D 122 35.75 42.81 17.79
CA GLY D 122 34.59 43.58 17.45
C GLY D 122 33.55 43.52 18.54
N PRO D 123 32.32 43.14 18.15
CA PRO D 123 31.20 43.17 19.13
C PRO D 123 31.18 42.05 20.16
N LEU D 124 31.53 40.80 19.79
CA LEU D 124 31.46 39.74 20.79
C LEU D 124 32.41 40.06 21.93
N ALA D 125 33.49 40.77 21.61
CA ALA D 125 34.44 41.22 22.61
C ALA D 125 33.75 41.81 23.82
N SER D 126 32.61 42.46 23.61
CA SER D 126 31.95 43.17 24.71
C SER D 126 31.25 42.21 25.68
N GLN D 127 30.43 41.30 25.17
CA GLN D 127 29.66 40.42 26.05
C GLN D 127 30.50 39.26 26.57
N ILE D 128 31.35 38.66 25.74
CA ILE D 128 32.07 37.45 26.14
C ILE D 128 33.35 37.88 26.84
N SER D 129 33.50 39.18 27.10
CA SER D 129 34.66 39.67 27.83
C SER D 129 34.60 39.18 29.27
N GLY D 130 35.68 38.56 29.74
CA GLY D 130 35.74 38.09 31.10
C GLY D 130 34.91 36.87 31.40
N LEU D 131 34.08 36.38 30.47
CA LEU D 131 33.33 35.15 30.69
C LEU D 131 34.22 33.92 30.54
N TYR D 132 35.36 34.07 29.89
CA TYR D 132 36.42 33.06 29.89
C TYR D 132 37.74 33.82 29.94
N LEU D 133 38.74 33.21 30.56
CA LEU D 133 39.98 33.89 30.84
C LEU D 133 41.16 33.11 30.27
N PRO D 134 42.21 33.82 29.84
CA PRO D 134 43.37 33.08 29.31
C PRO D 134 44.09 32.27 30.37
N TYR D 135 44.09 32.71 31.62
CA TYR D 135 44.76 31.98 32.71
C TYR D 135 44.03 32.26 34.02
N LYS D 136 44.42 31.51 35.05
CA LYS D 136 43.92 31.75 36.39
C LYS D 136 44.96 31.35 37.41
N VAL D 137 45.13 32.20 38.42
CA VAL D 137 46.01 31.95 39.55
C VAL D 137 45.12 31.44 40.67
N LEU D 138 45.32 30.19 41.07
CA LEU D 138 44.51 29.56 42.09
C LEU D 138 45.31 29.35 43.37
N PRO D 139 44.77 29.71 44.53
CA PRO D 139 45.44 29.34 45.79
C PRO D 139 45.26 27.86 46.10
N VAL D 140 46.39 27.21 46.37
CA VAL D 140 46.42 25.80 46.74
C VAL D 140 47.26 25.68 48.01
N GLY D 141 46.60 25.46 49.14
CA GLY D 141 47.33 25.46 50.38
C GLY D 141 47.94 26.83 50.63
N ASP D 142 49.18 26.84 51.08
CA ASP D 142 49.91 28.07 51.34
C ASP D 142 50.71 28.54 50.13
N GLU D 143 50.43 27.99 48.95
CA GLU D 143 51.12 28.32 47.72
C GLU D 143 50.11 28.80 46.68
N VAL D 144 50.62 29.13 45.49
CA VAL D 144 49.79 29.56 44.37
C VAL D 144 50.25 28.81 43.13
N VAL D 145 49.28 28.39 42.32
CA VAL D 145 49.53 27.65 41.08
C VAL D 145 48.83 28.37 39.94
N GLY D 146 49.53 28.55 38.82
CA GLY D 146 48.97 29.20 37.66
C GLY D 146 48.47 28.18 36.63
N ILE D 147 47.37 28.51 35.97
CA ILE D 147 46.77 27.63 34.97
C ILE D 147 46.49 28.45 33.72
N VAL D 148 47.13 28.08 32.61
CA VAL D 148 46.87 28.68 31.31
C VAL D 148 46.05 27.71 30.47
N GLY D 149 45.05 28.23 29.77
CA GLY D 149 44.19 27.38 28.97
C GLY D 149 44.46 27.50 27.49
N TYR D 150 44.10 26.46 26.73
CA TYR D 150 44.20 26.52 25.29
C TYR D 150 43.19 25.58 24.66
N THR D 151 42.69 25.99 23.48
CA THR D 151 41.69 25.25 22.74
C THR D 151 42.15 25.02 21.31
N SER D 152 41.75 23.89 20.73
CA SER D 152 42.26 23.41 19.45
C SER D 152 42.29 24.50 18.39
N LYS D 153 43.42 24.61 17.68
CA LYS D 153 43.57 25.59 16.62
C LYS D 153 42.61 25.30 15.48
N GLU D 154 42.21 24.03 15.32
CA GLU D 154 41.32 23.60 14.24
C GLU D 154 39.85 23.60 14.66
N THR D 155 39.49 24.32 15.74
CA THR D 155 38.10 24.31 16.18
C THR D 155 37.12 24.88 15.17
N PRO D 156 37.44 25.92 14.40
CA PRO D 156 36.49 26.40 13.38
C PRO D 156 36.09 25.33 12.38
N PHE D 157 36.93 24.30 12.16
CA PHE D 157 36.61 23.21 11.25
C PHE D 157 35.91 22.03 11.93
N LEU D 158 36.00 21.92 13.25
CA LEU D 158 35.38 20.82 13.97
C LEU D 158 34.02 21.17 14.57
N SER D 159 33.68 22.45 14.70
CA SER D 159 32.46 22.83 15.41
C SER D 159 31.83 24.03 14.72
N ASN D 160 31.12 24.86 15.49
CA ASN D 160 30.41 26.02 14.94
C ASN D 160 30.64 27.26 15.81
N PRO D 161 31.91 27.62 16.05
CA PRO D 161 32.17 28.73 16.97
C PRO D 161 31.76 30.10 16.44
N GLY D 162 31.38 30.21 15.18
CA GLY D 162 30.99 31.50 14.63
C GLY D 162 32.13 32.21 13.93
N THR D 163 31.80 33.40 13.41
CA THR D 163 32.73 34.17 12.60
C THR D 163 33.61 35.12 13.40
N ASN D 164 33.22 35.48 14.63
CA ASN D 164 33.88 36.53 15.39
C ASN D 164 34.83 35.98 16.45
N LEU D 165 35.28 34.74 16.30
CA LEU D 165 36.26 34.18 17.21
C LEU D 165 37.49 33.74 16.42
N VAL D 166 38.64 34.24 16.83
CA VAL D 166 39.91 33.90 16.21
C VAL D 166 40.61 32.88 17.09
N PHE D 167 41.03 31.78 16.49
CA PHE D 167 41.74 30.71 17.20
C PHE D 167 43.21 30.79 16.79
N GLU D 168 44.04 31.26 17.69
CA GLU D 168 45.45 31.47 17.40
C GLU D 168 46.25 30.21 17.70
N ASP D 169 47.51 30.22 17.26
CA ASP D 169 48.40 29.11 17.58
C ASP D 169 48.52 29.00 19.09
N GLU D 170 48.42 27.78 19.61
CA GLU D 170 48.46 27.56 21.06
C GLU D 170 49.78 28.06 21.66
N ILE D 171 50.90 27.63 21.08
CA ILE D 171 52.19 27.99 21.66
C ILE D 171 52.40 29.49 21.61
N THR D 172 52.10 30.10 20.46
CA THR D 172 52.30 31.53 20.32
C THR D 172 51.49 32.30 21.35
N ALA D 173 50.24 31.89 21.56
CA ALA D 173 49.37 32.60 22.48
C ALA D 173 49.62 32.22 23.93
N LEU D 174 50.22 31.05 24.18
CA LEU D 174 50.44 30.60 25.56
C LEU D 174 51.68 31.25 26.15
N GLN D 175 52.74 31.40 25.36
CA GLN D 175 53.99 31.95 25.90
C GLN D 175 53.77 33.30 26.57
N PRO D 176 53.04 34.25 25.97
CA PRO D 176 52.86 35.54 26.66
C PRO D 176 52.09 35.41 27.97
N GLU D 177 51.12 34.50 28.05
CA GLU D 177 50.36 34.35 29.29
C GLU D 177 51.21 33.69 30.39
N VAL D 178 52.08 32.76 30.01
CA VAL D 178 53.01 32.16 30.97
C VAL D 178 54.06 33.17 31.43
N ASP D 179 54.53 34.03 30.52
CA ASP D 179 55.46 35.08 30.92
C ASP D 179 54.82 36.03 31.93
N LYS D 180 53.52 36.31 31.76
CA LYS D 180 52.84 37.22 32.69
C LYS D 180 52.70 36.61 34.07
N LEU D 181 52.56 35.29 34.15
CA LEU D 181 52.45 34.66 35.46
C LEU D 181 53.79 34.68 36.18
N LYS D 182 54.89 34.57 35.43
CA LYS D 182 56.19 34.62 36.07
C LYS D 182 56.46 35.99 36.66
N THR D 183 55.96 37.06 36.01
CA THR D 183 56.05 38.40 36.58
C THR D 183 55.11 38.59 37.78
N LEU D 184 54.02 37.83 37.85
CA LEU D 184 53.18 37.76 39.03
C LEU D 184 53.72 36.84 40.11
N ASN D 185 54.97 36.40 39.99
CA ASN D 185 55.60 35.56 40.99
C ASN D 185 54.80 34.29 41.25
N VAL D 186 54.28 33.69 40.18
CA VAL D 186 53.72 32.34 40.19
C VAL D 186 54.75 31.42 39.57
N ASN D 187 55.38 30.56 40.39
CA ASN D 187 56.47 29.72 39.90
C ASN D 187 56.01 28.31 39.50
N LYS D 188 54.74 27.99 39.68
CA LYS D 188 54.18 26.68 39.34
C LYS D 188 53.06 26.90 38.34
N ILE D 189 53.22 26.37 37.13
CA ILE D 189 52.32 26.67 36.03
C ILE D 189 51.90 25.40 35.33
N ILE D 190 50.59 25.21 35.20
CA ILE D 190 49.99 24.08 34.50
C ILE D 190 49.36 24.56 33.20
N ALA D 191 49.63 23.84 32.11
CA ALA D 191 49.02 24.12 30.81
C ALA D 191 47.86 23.14 30.63
N LEU D 192 46.64 23.64 30.69
CA LEU D 192 45.44 22.81 30.65
C LEU D 192 44.64 23.18 29.40
N GLY D 193 44.57 22.26 28.44
CA GLY D 193 43.93 22.62 27.19
C GLY D 193 43.49 21.41 26.39
N HIS D 194 42.95 21.72 25.20
CA HIS D 194 42.25 20.73 24.36
C HIS D 194 42.67 20.84 22.89
N SER D 195 43.84 20.28 22.59
CA SER D 195 44.36 20.29 21.23
C SER D 195 44.89 18.95 20.75
N GLY D 196 45.02 17.96 21.63
CA GLY D 196 45.51 16.65 21.25
C GLY D 196 46.87 16.36 21.84
N PHE D 197 47.14 15.07 22.05
CA PHE D 197 48.38 14.63 22.67
C PHE D 197 49.59 15.13 21.89
N GLU D 198 49.50 15.18 20.56
CA GLU D 198 50.65 15.58 19.76
C GLU D 198 50.95 17.06 19.96
N MET D 199 49.92 17.88 20.11
CA MET D 199 50.13 19.30 20.43
C MET D 199 50.54 19.48 21.89
N ASP D 200 50.00 18.65 22.79
CA ASP D 200 50.39 18.73 24.19
C ASP D 200 51.90 18.52 24.34
N LYS D 201 52.47 17.62 23.53
CA LYS D 201 53.90 17.38 23.60
C LYS D 201 54.70 18.56 23.03
N LEU D 202 54.15 19.26 22.03
CA LEU D 202 54.82 20.46 21.50
C LEU D 202 54.75 21.61 22.49
N ILE D 203 53.63 21.72 23.21
CA ILE D 203 53.51 22.74 24.24
C ILE D 203 54.49 22.47 25.37
N ALA D 204 54.63 21.21 25.77
CA ALA D 204 55.61 20.89 26.81
C ALA D 204 57.02 21.22 26.35
N GLN D 205 57.30 21.04 25.06
CA GLN D 205 58.64 21.26 24.54
C GLN D 205 58.91 22.73 24.28
N LYS D 206 57.93 23.45 23.73
CA LYS D 206 58.17 24.77 23.14
C LYS D 206 57.86 25.94 24.06
N VAL D 207 56.94 25.77 25.01
CA VAL D 207 56.51 26.85 25.88
C VAL D 207 57.38 26.86 27.13
N ARG D 208 58.24 27.88 27.22
CA ARG D 208 59.14 28.04 28.37
C ARG D 208 58.34 28.43 29.61
N GLY D 209 58.53 27.68 30.70
CA GLY D 209 57.87 28.00 31.95
C GLY D 209 56.73 27.07 32.34
N VAL D 210 56.26 26.21 31.43
CA VAL D 210 55.22 25.25 31.76
C VAL D 210 55.83 24.04 32.45
N ASP D 211 55.32 23.71 33.63
CA ASP D 211 55.81 22.56 34.39
C ASP D 211 55.05 21.29 34.10
N VAL D 212 53.73 21.38 33.84
CA VAL D 212 52.89 20.21 33.55
C VAL D 212 51.94 20.57 32.43
N VAL D 213 51.55 19.55 31.65
CA VAL D 213 50.57 19.69 30.58
C VAL D 213 49.47 18.67 30.80
N VAL D 214 48.23 19.14 30.92
CA VAL D 214 47.05 18.29 31.07
C VAL D 214 46.21 18.52 29.82
N GLY D 215 46.05 17.47 29.01
CA GLY D 215 45.48 17.60 27.68
C GLY D 215 44.28 16.70 27.45
N GLY D 216 43.77 16.75 26.23
CA GLY D 216 42.63 15.96 25.82
C GLY D 216 42.49 15.93 24.31
N HIS D 217 41.25 15.68 23.85
CA HIS D 217 40.89 15.70 22.44
C HIS D 217 41.27 14.44 21.67
N SER D 218 42.40 13.82 22.03
CA SER D 218 42.84 12.61 21.35
C SER D 218 42.42 11.33 22.07
N ASN D 219 41.67 11.44 23.18
CA ASN D 219 41.23 10.27 23.93
C ASN D 219 42.43 9.38 24.30
N THR D 220 43.56 10.00 24.57
CA THR D 220 44.79 9.26 24.79
C THR D 220 44.77 8.59 26.15
N PHE D 221 45.11 7.30 26.17
CA PHE D 221 45.25 6.54 27.41
C PHE D 221 46.72 6.35 27.72
N LEU D 222 47.17 6.87 28.85
CA LEU D 222 48.54 6.70 29.32
C LEU D 222 48.51 5.90 30.61
N TYR D 223 49.40 4.92 30.71
CA TYR D 223 49.46 4.08 31.89
C TYR D 223 50.88 3.59 32.12
N THR D 224 51.25 3.48 33.40
CA THR D 224 52.51 2.90 33.81
C THR D 224 52.21 1.58 34.50
N GLY D 225 52.60 0.47 33.86
CA GLY D 225 52.33 -0.86 34.38
C GLY D 225 51.33 -1.60 33.53
N ASN D 226 50.62 -2.56 34.12
CA ASN D 226 49.63 -3.33 33.39
C ASN D 226 48.28 -2.65 33.50
N PRO D 227 47.70 -2.20 32.38
CA PRO D 227 46.44 -1.45 32.48
C PRO D 227 45.34 -2.31 33.07
N PRO D 228 44.39 -1.69 33.77
CA PRO D 228 43.33 -2.48 34.44
C PRO D 228 42.11 -2.82 33.61
N SER D 229 41.93 -2.23 32.43
CA SER D 229 40.73 -2.48 31.64
C SER D 229 41.15 -2.63 30.18
N LYS D 230 40.18 -2.48 29.28
CA LYS D 230 40.40 -2.83 27.88
C LYS D 230 41.36 -1.87 27.17
N GLU D 231 41.52 -0.65 27.67
CA GLU D 231 42.29 0.35 26.95
C GLU D 231 43.77 0.00 26.92
N VAL D 232 44.38 0.12 25.74
CA VAL D 232 45.79 -0.14 25.54
C VAL D 232 46.58 1.15 25.69
N PRO D 233 47.59 1.21 26.54
CA PRO D 233 48.34 2.47 26.71
C PRO D 233 49.07 2.87 25.45
N ALA D 234 49.06 4.17 25.18
CA ALA D 234 49.86 4.76 24.11
C ALA D 234 51.21 5.25 24.60
N GLY D 235 51.50 5.05 25.88
CA GLY D 235 52.75 5.51 26.45
C GLY D 235 52.63 5.51 27.96
N LYS D 236 53.76 5.77 28.61
CA LYS D 236 53.80 5.77 30.05
C LYS D 236 52.95 6.92 30.62
N TYR D 237 52.57 6.79 31.89
CA TYR D 237 51.92 7.87 32.62
C TYR D 237 52.80 8.27 33.79
N PRO D 238 53.29 9.51 33.84
CA PRO D 238 53.13 10.60 32.86
C PRO D 238 54.07 10.40 31.68
N PHE D 239 53.73 10.95 30.51
CA PHE D 239 54.63 10.93 29.37
C PHE D 239 55.60 12.07 29.50
N ILE D 240 56.89 11.75 29.65
CA ILE D 240 57.90 12.76 29.91
C ILE D 240 58.40 13.31 28.59
N VAL D 241 58.31 14.63 28.42
CA VAL D 241 58.83 15.33 27.26
C VAL D 241 60.02 16.16 27.72
N THR D 242 61.12 16.10 26.97
CA THR D 242 62.29 16.93 27.26
C THR D 242 62.14 18.24 26.50
N SER D 243 61.99 19.33 27.24
CA SER D 243 61.76 20.63 26.64
C SER D 243 63.03 21.14 25.94
N ASP D 244 62.83 22.14 25.08
CA ASP D 244 63.94 22.76 24.39
C ASP D 244 64.94 23.36 25.38
N ASP D 245 64.44 23.90 26.50
CA ASP D 245 65.31 24.39 27.56
C ASP D 245 65.66 23.31 28.59
N GLY D 246 65.59 22.04 28.20
CA GLY D 246 66.19 20.95 28.96
C GLY D 246 65.41 20.40 30.12
N ARG D 247 64.22 20.92 30.40
CA ARG D 247 63.42 20.50 31.55
C ARG D 247 62.59 19.28 31.19
N LYS D 248 62.49 18.34 32.12
CA LYS D 248 61.60 17.20 31.98
C LYS D 248 60.18 17.65 32.31
N VAL D 249 59.28 17.50 31.35
CA VAL D 249 57.92 18.02 31.47
C VAL D 249 56.92 16.87 31.38
N PRO D 250 56.21 16.53 32.45
CA PRO D 250 55.19 15.49 32.33
C PRO D 250 53.97 15.99 31.56
N VAL D 251 53.46 15.11 30.70
CA VAL D 251 52.26 15.33 29.90
C VAL D 251 51.30 14.21 30.24
N VAL D 252 50.05 14.55 30.58
CA VAL D 252 49.08 13.58 31.04
C VAL D 252 47.78 13.74 30.29
N GLN D 253 47.01 12.65 30.26
CA GLN D 253 45.70 12.60 29.63
C GLN D 253 45.05 11.33 30.19
N ALA D 254 43.73 11.30 30.18
CA ALA D 254 42.98 10.26 30.87
C ALA D 254 41.84 9.70 30.02
N TYR D 255 42.18 9.15 28.86
CA TYR D 255 41.22 8.49 27.98
C TYR D 255 40.00 9.37 27.75
N ALA D 256 38.81 8.94 28.18
CA ALA D 256 37.60 9.69 27.89
C ALA D 256 36.39 9.06 28.55
N PHE D 257 35.23 9.70 28.41
CA PHE D 257 33.94 9.16 28.80
C PHE D 257 33.81 8.94 30.30
N GLY D 258 34.61 9.63 31.09
CA GLY D 258 34.54 9.55 32.53
C GLY D 258 34.85 8.17 33.07
N LYS D 259 35.42 7.31 32.23
CA LYS D 259 35.77 5.97 32.69
C LYS D 259 36.92 6.02 33.71
N TYR D 260 37.91 6.88 33.47
CA TYR D 260 39.07 7.00 34.33
C TYR D 260 39.12 8.38 34.96
N LEU D 261 39.78 8.47 36.12
CA LEU D 261 40.12 9.74 36.74
C LEU D 261 41.64 9.90 36.71
N GLY D 262 42.11 10.89 35.96
CA GLY D 262 43.54 11.19 35.98
C GLY D 262 44.01 11.50 37.39
N TYR D 263 45.26 11.14 37.65
CA TYR D 263 45.81 11.24 39.01
C TYR D 263 47.33 11.36 38.90
N LEU D 264 47.86 12.53 39.23
CA LEU D 264 49.29 12.77 39.13
C LEU D 264 49.74 13.54 40.36
N LYS D 265 50.79 13.03 41.00
CA LYS D 265 51.42 13.71 42.13
C LYS D 265 52.75 14.29 41.65
N ILE D 266 52.89 15.61 41.75
CA ILE D 266 54.11 16.32 41.37
C ILE D 266 54.75 16.82 42.65
N GLU D 267 56.05 16.55 42.80
CA GLU D 267 56.84 17.11 43.89
C GLU D 267 57.63 18.30 43.35
N PHE D 268 57.23 19.51 43.77
CA PHE D 268 57.94 20.73 43.42
C PHE D 268 58.95 21.09 44.50
N ASP D 269 59.91 21.94 44.14
CA ASP D 269 60.78 22.56 45.14
C ASP D 269 60.36 24.02 45.36
N GLU D 270 61.10 24.72 46.21
CA GLU D 270 60.71 26.06 46.63
C GLU D 270 60.71 27.05 45.47
N ARG D 271 61.35 26.71 44.35
CA ARG D 271 61.41 27.60 43.20
C ARG D 271 60.49 27.18 42.06
N GLY D 272 59.55 26.27 42.31
CA GLY D 272 58.64 25.85 41.27
C GLY D 272 59.20 24.86 40.26
N ASN D 273 60.36 24.27 40.54
CA ASN D 273 60.92 23.25 39.68
C ASN D 273 60.31 21.90 40.03
N VAL D 274 60.03 21.11 38.99
CA VAL D 274 59.47 19.77 39.15
C VAL D 274 60.58 18.79 39.53
N ILE D 275 60.54 18.29 40.76
CA ILE D 275 61.54 17.31 41.19
C ILE D 275 61.23 15.93 40.60
N SER D 276 59.99 15.48 40.75
CA SER D 276 59.56 14.18 40.26
C SER D 276 58.06 14.24 40.07
N SER D 277 57.52 13.20 39.47
CA SER D 277 56.08 13.06 39.33
C SER D 277 55.77 11.59 39.06
N HIS D 278 54.67 11.11 39.64
CA HIS D 278 54.24 9.74 39.44
C HIS D 278 52.71 9.73 39.50
N GLY D 279 52.13 8.66 38.98
CA GLY D 279 50.70 8.50 39.05
C GLY D 279 50.22 7.50 38.01
N ASN D 280 48.89 7.45 37.87
CA ASN D 280 48.23 6.55 36.94
C ASN D 280 46.74 6.86 36.98
N PRO D 281 46.05 6.78 35.84
CA PRO D 281 44.60 7.04 35.84
C PRO D 281 43.88 5.99 36.68
N ILE D 282 42.86 6.43 37.40
CA ILE D 282 42.10 5.58 38.29
C ILE D 282 40.87 5.08 37.55
N LEU D 283 40.76 3.77 37.37
CA LEU D 283 39.59 3.20 36.74
C LEU D 283 38.40 3.30 37.71
N LEU D 284 37.37 4.05 37.32
CA LEU D 284 36.20 4.25 38.15
C LEU D 284 35.20 3.12 37.87
N ASP D 285 35.44 1.98 38.52
CA ASP D 285 34.62 0.80 38.35
C ASP D 285 33.79 0.55 39.60
N SER D 286 33.04 -0.55 39.59
CA SER D 286 32.07 -0.82 40.64
C SER D 286 32.68 -0.75 42.04
N SER D 287 33.96 -1.04 42.17
CA SER D 287 34.59 -1.03 43.49
C SER D 287 34.45 0.32 44.20
N ILE D 288 34.36 1.39 43.43
CA ILE D 288 34.14 2.73 43.97
C ILE D 288 32.64 2.98 44.02
N PRO D 289 32.04 3.20 45.19
CA PRO D 289 30.60 3.40 45.22
C PRO D 289 30.23 4.79 44.73
N GLU D 290 29.05 4.88 44.12
CA GLU D 290 28.56 6.17 43.62
C GLU D 290 28.14 7.05 44.79
N ASP D 291 28.61 8.29 44.78
CA ASP D 291 28.22 9.21 45.85
C ASP D 291 26.69 9.35 45.84
N PRO D 292 26.05 9.17 46.98
CA PRO D 292 24.57 9.14 47.00
C PRO D 292 23.89 10.49 46.88
N SER D 293 24.56 11.54 47.36
CA SER D 293 23.98 12.86 47.24
C SER D 293 23.97 13.28 45.77
N ILE D 294 25.11 13.10 45.09
CA ILE D 294 25.19 13.39 43.67
C ILE D 294 24.29 12.46 42.87
N LYS D 295 24.19 11.19 43.29
CA LYS D 295 23.36 10.23 42.58
C LYS D 295 21.88 10.58 42.71
N ALA D 296 21.45 10.97 43.92
CA ALA D 296 20.08 11.43 44.09
C ALA D 296 19.83 12.70 43.27
N ASP D 297 20.80 13.60 43.24
CA ASP D 297 20.67 14.79 42.40
C ASP D 297 20.65 14.43 40.92
N ILE D 298 21.43 13.43 40.53
CA ILE D 298 21.39 12.92 39.16
C ILE D 298 20.01 12.35 38.86
N ASN D 299 19.44 11.60 39.80
CA ASN D 299 18.14 10.98 39.55
C ASN D 299 17.04 12.02 39.43
N LYS D 300 17.24 13.21 40.02
CA LYS D 300 16.25 14.27 39.94
C LYS D 300 16.34 15.04 38.63
N TRP D 301 17.48 14.99 37.97
CA TRP D 301 17.59 15.49 36.61
C TRP D 301 17.20 14.44 35.59
N ARG D 302 17.30 13.15 35.93
CA ARG D 302 16.95 12.08 35.01
C ARG D 302 15.46 12.07 34.65
N ILE D 303 14.61 12.64 35.51
CA ILE D 303 13.19 12.55 35.27
C ILE D 303 12.75 13.35 34.04
N LYS D 304 13.57 14.29 33.58
CA LYS D 304 13.22 15.07 32.41
C LYS D 304 13.72 14.40 31.14
N LEU D 305 14.70 13.50 31.25
CA LEU D 305 15.19 12.82 30.07
C LEU D 305 14.26 11.67 29.70
N ASP D 306 13.58 11.14 30.71
CA ASP D 306 12.65 10.02 30.54
C ASP D 306 11.31 10.46 29.97
N ASP D 307 11.04 11.77 29.95
CA ASP D 307 9.78 12.29 29.41
C ASP D 307 9.83 12.72 27.95
N TYR D 308 10.98 12.62 27.28
CA TYR D 308 11.06 13.00 25.87
C TYR D 308 11.09 11.77 24.97
N SER D 309 10.97 10.59 25.56
CA SER D 309 10.96 9.32 24.83
C SER D 309 10.97 8.25 25.92
N THR D 310 11.09 6.99 25.52
CA THR D 310 11.03 5.86 26.44
C THR D 310 10.57 4.67 25.64
N GLN D 311 9.82 4.96 24.59
CA GLN D 311 9.24 3.93 23.74
C GLN D 311 10.35 3.14 23.08
N GLU D 312 10.10 1.87 22.87
CA GLU D 312 11.03 1.04 22.13
C GLU D 312 10.82 1.30 20.65
N LEU D 313 11.88 1.73 19.97
CA LEU D 313 11.83 2.00 18.54
C LEU D 313 11.99 0.72 17.74
N GLY D 314 12.64 -0.28 18.33
CA GLY D 314 12.83 -1.55 17.67
C GLY D 314 13.80 -2.40 18.49
N LYS D 315 14.16 -3.54 17.91
CA LYS D 315 15.10 -4.45 18.55
C LYS D 315 16.30 -4.70 17.65
N THR D 316 17.43 -4.99 18.28
CA THR D 316 18.62 -5.44 17.58
C THR D 316 19.10 -6.74 18.22
N ILE D 317 19.32 -7.76 17.39
CA ILE D 317 19.85 -9.03 17.88
C ILE D 317 21.36 -9.11 17.71
N VAL D 318 21.99 -8.06 17.23
CA VAL D 318 23.44 -8.03 17.07
C VAL D 318 23.98 -6.80 17.76
N TYR D 319 25.24 -6.89 18.19
CA TYR D 319 25.93 -5.73 18.75
C TYR D 319 26.10 -4.69 17.65
N LEU D 320 25.61 -3.47 17.90
CA LEU D 320 25.72 -2.38 16.94
C LEU D 320 27.04 -1.66 17.21
N ASP D 321 28.06 -2.07 16.47
CA ASP D 321 29.43 -1.58 16.66
C ASP D 321 29.54 -0.14 16.12
N GLY D 322 29.40 0.83 17.00
CA GLY D 322 29.62 2.21 16.63
C GLY D 322 30.87 2.77 17.30
N SER D 323 31.84 1.90 17.55
CA SER D 323 33.06 2.28 18.24
C SER D 323 34.09 2.84 17.28
N SER D 324 34.88 3.80 17.78
CA SER D 324 35.87 4.45 16.91
C SER D 324 36.92 3.45 16.46
N GLN D 325 37.35 2.55 17.35
CA GLN D 325 38.36 1.58 16.97
C GLN D 325 37.91 0.72 15.79
N SER D 326 36.60 0.66 15.55
CA SER D 326 36.05 -0.06 14.40
C SER D 326 35.66 0.89 13.27
N CYS D 327 34.76 1.82 13.54
CA CYS D 327 34.20 2.63 12.47
C CYS D 327 35.22 3.56 11.86
N ARG D 328 36.37 3.76 12.48
CA ARG D 328 37.38 4.68 11.95
C ARG D 328 38.53 3.94 11.31
N PHE D 329 38.46 2.60 11.25
CA PHE D 329 39.55 1.79 10.72
C PHE D 329 39.06 0.76 9.71
N ARG D 330 37.80 0.36 9.80
CA ARG D 330 37.26 -0.64 8.88
C ARG D 330 35.74 -0.54 8.89
N GLU D 331 35.13 -1.31 7.99
CA GLU D 331 33.67 -1.38 7.94
C GLU D 331 33.12 -1.80 9.30
N CYS D 332 32.16 -1.05 9.79
CA CYS D 332 31.48 -1.35 11.05
C CYS D 332 29.99 -1.43 10.81
N ASN D 333 29.34 -2.41 11.43
CA ASN D 333 27.94 -2.67 11.10
C ASN D 333 27.02 -1.56 11.58
N MET D 334 27.45 -0.72 12.52
CA MET D 334 26.66 0.47 12.83
C MET D 334 26.62 1.40 11.63
N GLY D 335 27.75 1.55 10.93
CA GLY D 335 27.78 2.38 9.74
C GLY D 335 26.92 1.84 8.62
N ASN D 336 26.95 0.52 8.42
CA ASN D 336 26.11 -0.08 7.38
C ASN D 336 24.64 0.16 7.68
N LEU D 337 24.24 0.07 8.96
CA LEU D 337 22.86 0.34 9.34
C LEU D 337 22.45 1.77 9.03
N ILE D 338 23.27 2.75 9.44
CA ILE D 338 22.90 4.15 9.23
C ILE D 338 22.77 4.43 7.74
N CYS D 339 23.74 3.96 6.94
CA CYS D 339 23.68 4.17 5.51
C CYS D 339 22.51 3.43 4.87
N ASP D 340 22.17 2.25 5.38
CA ASP D 340 21.00 1.56 4.86
C ASP D 340 19.74 2.37 5.14
N ALA D 341 19.67 3.01 6.31
CA ALA D 341 18.53 3.86 6.64
C ALA D 341 18.49 5.09 5.75
N MET D 342 19.64 5.73 5.53
CA MET D 342 19.70 6.92 4.70
C MET D 342 19.18 6.63 3.31
N ILE D 343 19.55 5.49 2.73
CA ILE D 343 19.09 5.14 1.39
C ILE D 343 17.60 4.82 1.39
N ASN D 344 17.12 4.16 2.45
CA ASN D 344 15.69 3.82 2.50
C ASN D 344 14.83 5.06 2.68
N ASN D 345 15.31 6.04 3.40
CA ASN D 345 14.56 7.28 3.60
C ASN D 345 14.41 8.06 2.30
N ASN D 346 15.35 7.92 1.38
CA ASN D 346 15.38 8.70 0.13
C ASN D 346 14.91 7.94 -1.11
N LEU D 347 13.85 7.13 -1.01
CA LEU D 347 13.29 6.44 -2.16
C LEU D 347 12.09 7.22 -2.72
N ARG D 348 12.25 7.79 -3.91
CA ARG D 348 11.14 8.51 -4.54
C ARG D 348 10.78 7.86 -5.89
N GLU D 352 9.55 6.55 -14.12
CA GLU D 352 10.75 6.26 -14.89
C GLU D 352 11.19 4.82 -14.79
N MET D 353 11.95 4.37 -15.78
CA MET D 353 12.50 3.02 -15.78
C MET D 353 13.80 2.89 -15.00
N PHE D 354 14.39 3.97 -14.49
CA PHE D 354 15.49 3.84 -13.53
C PHE D 354 14.93 3.42 -12.16
N TRP D 355 15.66 2.52 -11.48
CA TRP D 355 15.12 1.90 -10.26
C TRP D 355 14.94 2.91 -9.13
N ASN D 356 15.89 3.82 -8.93
CA ASN D 356 15.68 4.91 -8.00
C ASN D 356 16.73 5.96 -8.28
N HIS D 357 16.47 7.20 -7.81
CA HIS D 357 17.39 8.30 -8.13
C HIS D 357 18.68 8.22 -7.32
N VAL D 358 18.65 7.73 -6.08
CA VAL D 358 19.85 7.59 -5.28
C VAL D 358 20.04 6.14 -4.89
N SER D 359 21.30 5.69 -4.92
CA SER D 359 21.67 4.33 -4.54
C SER D 359 22.85 4.29 -3.58
N MET D 360 23.58 5.39 -3.41
CA MET D 360 24.85 5.39 -2.70
C MET D 360 24.76 6.24 -1.45
N CYS D 361 25.67 5.96 -0.51
CA CYS D 361 25.71 6.61 0.78
C CYS D 361 27.15 6.61 1.29
N ILE D 362 27.57 7.72 1.89
CA ILE D 362 28.82 7.81 2.61
C ILE D 362 28.57 8.51 3.93
N LEU D 363 29.37 8.18 4.93
CA LEU D 363 29.15 8.63 6.31
C LEU D 363 30.48 8.65 7.02
N ASN D 364 30.90 9.80 7.52
CA ASN D 364 32.19 9.90 8.20
C ASN D 364 32.18 9.10 9.50
N GLY D 365 33.14 8.18 9.65
CA GLY D 365 33.18 7.35 10.84
C GLY D 365 33.23 8.16 12.12
N GLY D 366 33.87 9.33 12.09
CA GLY D 366 33.93 10.19 13.26
C GLY D 366 32.60 10.78 13.66
N GLY D 367 31.57 10.63 12.83
CA GLY D 367 30.22 11.06 13.17
C GLY D 367 29.41 10.04 13.91
N ILE D 368 29.93 8.83 14.07
CA ILE D 368 29.28 7.77 14.83
C ILE D 368 29.94 7.75 16.20
N ARG D 369 29.20 8.18 17.22
CA ARG D 369 29.82 8.53 18.49
C ARG D 369 29.62 7.51 19.60
N SER D 370 28.95 6.39 19.34
CA SER D 370 28.77 5.39 20.38
C SER D 370 28.25 4.09 19.76
N PRO D 371 28.46 2.97 20.43
CA PRO D 371 27.77 1.73 20.08
C PRO D 371 26.46 1.58 20.83
N ILE D 372 25.72 0.53 20.47
CA ILE D 372 24.50 0.14 21.16
C ILE D 372 24.60 -1.34 21.49
N ASP D 373 24.36 -1.69 22.75
CA ASP D 373 24.46 -3.06 23.21
C ASP D 373 23.15 -3.80 22.95
N GLU D 374 23.27 -5.07 22.52
CA GLU D 374 22.12 -5.89 22.17
C GLU D 374 21.63 -6.76 23.34
N ARG D 375 22.35 -6.75 24.47
CA ARG D 375 22.03 -7.58 25.64
C ARG D 375 20.98 -6.96 26.54
N ASN D 376 20.58 -5.73 26.26
CA ASN D 376 19.42 -5.08 26.87
C ASN D 376 18.10 -5.61 26.32
N ASP D 377 18.01 -6.93 26.09
CA ASP D 377 16.92 -7.54 25.33
C ASP D 377 16.84 -6.98 23.90
N GLY D 378 17.93 -6.40 23.40
CA GLY D 378 17.96 -5.78 22.10
C GLY D 378 17.21 -4.47 22.01
N THR D 379 16.49 -4.08 23.04
CA THR D 379 15.68 -2.87 23.00
C THR D 379 16.52 -1.66 22.60
N ILE D 380 16.06 -0.95 21.58
CA ILE D 380 16.70 0.26 21.11
C ILE D 380 15.76 1.40 21.45
N THR D 381 16.19 2.26 22.36
CA THR D 381 15.43 3.42 22.80
C THR D 381 16.02 4.67 22.16
N TRP D 382 15.24 5.74 22.18
CA TRP D 382 15.75 6.96 21.60
C TRP D 382 16.95 7.52 22.35
N GLU D 383 17.22 7.04 23.57
CA GLU D 383 18.45 7.45 24.27
C GLU D 383 19.68 6.81 23.63
N ASN D 384 19.67 5.48 23.47
CA ASN D 384 20.77 4.81 22.81
C ASN D 384 21.09 5.45 21.48
N LEU D 385 20.06 5.74 20.69
CA LEU D 385 20.27 6.40 19.40
C LEU D 385 20.83 7.80 19.56
N ALA D 386 20.42 8.52 20.60
CA ALA D 386 20.85 9.90 20.77
C ALA D 386 22.36 9.99 20.96
N ALA D 387 22.97 8.97 21.56
CA ALA D 387 24.40 8.95 21.75
C ALA D 387 25.15 8.58 20.47
N VAL D 388 24.49 7.86 19.55
CA VAL D 388 25.10 7.53 18.27
C VAL D 388 25.11 8.76 17.36
N LEU D 389 24.01 9.53 17.32
CA LEU D 389 23.88 10.68 16.43
C LEU D 389 23.49 11.92 17.23
N PRO D 390 24.43 12.47 18.01
CA PRO D 390 24.07 13.52 18.96
C PRO D 390 24.08 14.93 18.44
N PHE D 391 24.54 15.17 17.20
CA PHE D 391 24.79 16.52 16.75
C PHE D 391 23.54 17.21 16.22
N GLY D 392 22.52 16.46 15.83
CA GLY D 392 21.33 17.08 15.26
C GLY D 392 21.50 17.59 13.85
N GLY D 393 22.23 16.85 13.02
CA GLY D 393 22.38 17.20 11.63
C GLY D 393 21.35 16.51 10.76
N THR D 394 21.46 16.76 9.46
CA THR D 394 20.54 16.21 8.47
C THR D 394 21.31 15.30 7.53
N PHE D 395 20.59 14.40 6.88
CA PHE D 395 21.14 13.51 5.86
C PHE D 395 20.72 14.07 4.49
N ASP D 396 21.63 14.76 3.83
CA ASP D 396 21.36 15.51 2.61
C ASP D 396 21.70 14.71 1.36
N LEU D 397 21.20 15.19 0.24
CA LEU D 397 21.42 14.61 -1.08
C LEU D 397 22.32 15.51 -1.91
N VAL D 398 23.38 14.92 -2.48
CA VAL D 398 24.43 15.64 -3.18
C VAL D 398 24.73 14.96 -4.51
N GLN D 399 25.11 15.76 -5.50
CA GLN D 399 25.56 15.26 -6.79
C GLN D 399 27.06 15.46 -6.94
N LEU D 400 27.76 14.38 -7.28
CA LEU D 400 29.22 14.40 -7.37
C LEU D 400 29.70 13.75 -8.65
N LYS D 401 30.69 14.38 -9.29
CA LYS D 401 31.40 13.72 -10.37
C LYS D 401 32.14 12.51 -9.82
N GLY D 402 32.31 11.49 -10.66
CA GLY D 402 33.03 10.32 -10.22
C GLY D 402 34.40 10.68 -9.67
N SER D 403 35.05 11.67 -10.29
CA SER D 403 36.36 12.13 -9.83
C SER D 403 36.28 12.65 -8.40
N THR D 404 35.27 13.47 -8.11
CA THR D 404 35.12 14.00 -6.76
C THR D 404 34.96 12.87 -5.75
N LEU D 405 34.17 11.85 -6.09
CA LEU D 405 33.98 10.72 -5.18
C LEU D 405 35.27 9.94 -4.99
N LYS D 406 36.02 9.72 -6.07
CA LYS D 406 37.29 9.02 -5.95
C LYS D 406 38.23 9.77 -5.03
N LYS D 407 38.26 11.11 -5.15
CA LYS D 407 39.09 11.92 -4.27
C LYS D 407 38.61 11.83 -2.83
N ALA D 408 37.29 11.75 -2.63
CA ALA D 408 36.75 11.65 -1.28
C ALA D 408 37.17 10.36 -0.62
N PHE D 409 37.21 9.26 -1.38
CA PHE D 409 37.61 7.99 -0.79
C PHE D 409 39.12 7.91 -0.63
N GLU D 410 39.88 8.59 -1.48
CA GLU D 410 41.31 8.70 -1.25
C GLU D 410 41.59 9.44 0.04
N HIS D 411 40.87 10.55 0.26
CA HIS D 411 40.97 11.30 1.51
C HIS D 411 40.55 10.45 2.70
N SER D 412 39.61 9.53 2.49
CA SER D 412 39.13 8.68 3.57
C SER D 412 40.26 7.90 4.24
N VAL D 413 41.35 7.64 3.52
CA VAL D 413 42.46 6.87 4.06
C VAL D 413 43.81 7.53 3.76
N HIS D 414 43.81 8.83 3.49
CA HIS D 414 45.07 9.52 3.14
C HIS D 414 46.03 9.53 4.32
N ARG D 415 45.52 9.54 5.55
CA ARG D 415 46.35 9.43 6.75
C ARG D 415 45.90 8.27 7.63
N TYR D 416 45.56 7.13 7.02
CA TYR D 416 45.03 6.01 7.77
C TYR D 416 46.00 5.58 8.85
N GLY D 417 45.46 5.25 10.02
CA GLY D 417 46.23 4.76 11.14
C GLY D 417 46.28 5.66 12.35
N GLN D 418 45.65 6.83 12.31
CA GLN D 418 45.70 7.80 13.39
C GLN D 418 44.35 7.95 14.10
N SER D 419 43.46 6.98 13.92
CA SER D 419 42.12 7.03 14.49
C SER D 419 41.36 8.29 14.07
N THR D 420 41.64 8.79 12.87
CA THR D 420 40.97 9.97 12.35
C THR D 420 39.56 9.63 11.87
N GLY D 421 38.66 10.60 12.04
CA GLY D 421 37.24 10.42 11.79
C GLY D 421 36.77 10.58 10.37
N GLU D 422 37.66 10.76 9.41
CA GLU D 422 37.24 10.93 8.02
C GLU D 422 37.05 9.61 7.29
N PHE D 423 37.36 8.48 7.91
CA PHE D 423 37.17 7.17 7.29
C PHE D 423 35.70 6.95 7.01
N LEU D 424 35.37 6.66 5.75
CA LEU D 424 33.99 6.64 5.29
C LEU D 424 33.34 5.27 5.44
N GLN D 425 32.19 5.23 6.12
CA GLN D 425 31.26 4.12 6.04
C GLN D 425 30.32 4.35 4.87
N VAL D 426 29.92 3.26 4.22
CA VAL D 426 29.27 3.37 2.92
C VAL D 426 28.03 2.48 2.85
N GLY D 427 27.18 2.83 1.87
CA GLY D 427 26.05 2.00 1.48
C GLY D 427 25.91 2.11 -0.02
N GLY D 428 25.68 0.99 -0.69
CA GLY D 428 25.67 1.02 -2.14
C GLY D 428 27.00 1.29 -2.79
N ILE D 429 28.10 1.04 -2.08
CA ILE D 429 29.46 1.26 -2.60
C ILE D 429 30.35 0.11 -2.15
N HIS D 430 31.16 -0.40 -3.07
CA HIS D 430 32.15 -1.44 -2.76
C HIS D 430 33.53 -0.88 -3.05
N VAL D 431 34.28 -0.58 -1.99
CA VAL D 431 35.59 0.05 -2.09
C VAL D 431 36.64 -0.90 -1.54
N VAL D 432 37.78 -0.96 -2.23
CA VAL D 432 38.93 -1.76 -1.83
C VAL D 432 40.12 -0.82 -1.70
N TYR D 433 40.80 -0.87 -0.56
CA TYR D 433 41.97 -0.04 -0.34
C TYR D 433 43.23 -0.90 -0.38
N ASP D 434 44.35 -0.30 -0.80
CA ASP D 434 45.67 -0.91 -0.70
C ASP D 434 46.55 0.09 0.05
N LEU D 435 46.71 -0.10 1.35
CA LEU D 435 47.38 0.89 2.17
C LEU D 435 48.88 0.91 1.94
N SER D 436 49.44 -0.12 1.30
CA SER D 436 50.86 -0.10 0.95
C SER D 436 51.15 0.96 -0.11
N ARG D 437 50.13 1.46 -0.81
CA ARG D 437 50.36 2.46 -1.84
C ARG D 437 50.44 3.85 -1.22
N LYS D 438 50.84 4.82 -2.02
CA LYS D 438 51.01 6.19 -1.55
C LYS D 438 49.66 6.84 -1.27
N PRO D 439 49.61 7.79 -0.35
CA PRO D 439 48.37 8.54 -0.12
C PRO D 439 47.91 9.23 -1.39
N GLY D 440 46.62 9.13 -1.66
CA GLY D 440 46.04 9.63 -2.88
C GLY D 440 45.94 8.60 -3.98
N ASP D 441 46.50 7.41 -3.75
CA ASP D 441 46.50 6.34 -4.73
C ASP D 441 46.26 5.01 -4.05
N ARG D 442 45.41 5.01 -3.01
CA ARG D 442 45.15 3.83 -2.20
C ARG D 442 43.84 3.12 -2.55
N VAL D 443 42.93 3.80 -3.24
CA VAL D 443 41.70 3.18 -3.72
C VAL D 443 42.06 2.40 -4.98
N VAL D 444 41.92 1.07 -4.94
CA VAL D 444 42.30 0.22 -6.06
C VAL D 444 41.06 -0.23 -6.84
N LYS D 445 39.92 -0.31 -6.16
CA LYS D 445 38.65 -0.66 -6.77
C LYS D 445 37.56 0.18 -6.11
N LEU D 446 36.60 0.60 -6.90
CA LEU D 446 35.49 1.43 -6.40
C LEU D 446 34.30 1.16 -7.31
N ASP D 447 33.52 0.15 -6.94
CA ASP D 447 32.30 -0.20 -7.65
C ASP D 447 31.10 0.38 -6.90
N VAL D 448 30.11 0.86 -7.65
CA VAL D 448 28.94 1.52 -7.08
C VAL D 448 27.68 0.88 -7.63
N LEU D 449 26.59 1.05 -6.90
CA LEU D 449 25.30 0.49 -7.28
C LEU D 449 24.60 1.37 -8.30
N CYS D 450 24.18 0.76 -9.41
CA CYS D 450 23.61 1.52 -10.52
C CYS D 450 22.23 2.06 -10.15
N THR D 451 21.90 3.24 -10.72
CA THR D 451 20.58 3.84 -10.67
C THR D 451 19.88 3.78 -12.02
N LYS D 452 20.60 4.06 -13.10
CA LYS D 452 20.09 3.93 -14.46
C LYS D 452 20.08 2.45 -14.86
N CYS D 453 19.23 1.69 -14.18
CA CYS D 453 19.17 0.26 -14.39
C CYS D 453 17.94 -0.32 -13.71
N ARG D 454 17.35 -1.35 -14.33
CA ARG D 454 16.14 -1.96 -13.78
C ARG D 454 16.45 -2.96 -12.66
N VAL D 455 17.53 -3.71 -12.76
CA VAL D 455 17.99 -4.61 -11.70
C VAL D 455 19.28 -4.01 -11.14
N PRO D 456 19.32 -3.63 -9.87
CA PRO D 456 20.51 -2.95 -9.33
C PRO D 456 21.70 -3.89 -9.22
N SER D 457 22.83 -3.45 -9.78
CA SER D 457 24.07 -4.22 -9.74
C SER D 457 25.24 -3.25 -9.67
N TYR D 458 26.39 -3.78 -9.27
CA TYR D 458 27.58 -2.96 -9.04
C TYR D 458 28.43 -2.87 -10.30
N ASP D 459 28.79 -1.65 -10.66
CA ASP D 459 29.62 -1.35 -11.82
C ASP D 459 30.71 -0.38 -11.41
N PRO D 460 31.83 -0.37 -12.12
CA PRO D 460 32.95 0.50 -11.73
C PRO D 460 32.57 1.98 -11.77
N LEU D 461 33.14 2.74 -10.84
CA LEU D 461 32.95 4.17 -10.83
C LEU D 461 33.58 4.79 -12.07
N LYS D 462 32.87 5.74 -12.69
CA LYS D 462 33.34 6.46 -13.87
C LYS D 462 33.66 7.90 -13.50
N MET D 463 34.86 8.34 -13.87
CA MET D 463 35.37 9.62 -13.38
C MET D 463 34.61 10.84 -13.90
N ASP D 464 34.09 10.78 -15.12
CA ASP D 464 33.38 11.90 -15.70
C ASP D 464 31.86 11.84 -15.54
N GLU D 465 31.32 10.73 -15.03
CA GLU D 465 29.88 10.63 -14.83
C GLU D 465 29.52 11.30 -13.50
N VAL D 466 28.21 11.44 -13.26
CA VAL D 466 27.71 12.14 -12.08
C VAL D 466 26.79 11.22 -11.28
N TYR D 467 27.00 11.20 -9.97
CA TYR D 467 26.28 10.31 -9.07
C TYR D 467 25.60 11.11 -7.97
N LYS D 468 24.42 10.67 -7.56
CA LYS D 468 23.74 11.23 -6.40
C LYS D 468 24.11 10.44 -5.17
N VAL D 469 24.53 11.15 -4.12
CA VAL D 469 24.99 10.54 -2.89
C VAL D 469 24.23 11.17 -1.73
N ILE D 470 23.87 10.35 -0.75
CA ILE D 470 23.28 10.80 0.49
C ILE D 470 24.38 10.81 1.54
N LEU D 471 24.65 11.96 2.14
CA LEU D 471 25.71 12.08 3.13
C LEU D 471 25.30 13.08 4.18
N PRO D 472 25.97 13.11 5.33
CA PRO D 472 25.61 14.10 6.37
C PRO D 472 25.85 15.52 5.88
N ASN D 473 25.06 16.46 6.43
CA ASN D 473 25.32 17.86 6.12
C ASN D 473 26.73 18.25 6.51
N PHE D 474 27.30 17.57 7.52
CA PHE D 474 28.66 17.91 7.94
C PHE D 474 29.65 17.70 6.81
N LEU D 475 29.45 16.65 6.01
CA LEU D 475 30.35 16.38 4.91
C LEU D 475 30.09 17.26 3.70
N ALA D 476 28.83 17.65 3.47
CA ALA D 476 28.51 18.51 2.33
C ALA D 476 29.19 19.87 2.44
N ASN D 477 29.40 20.37 3.66
CA ASN D 477 30.06 21.65 3.87
C ASN D 477 31.57 21.51 4.07
N GLY D 478 32.15 20.40 3.60
CA GLY D 478 33.58 20.23 3.66
C GLY D 478 34.10 19.81 5.01
N GLY D 479 33.25 19.35 5.91
CA GLY D 479 33.74 18.91 7.20
C GLY D 479 34.65 17.70 7.08
N ASP D 480 35.49 17.53 8.09
CA ASP D 480 36.42 16.40 8.15
C ASP D 480 37.41 16.41 6.99
N GLY D 481 37.72 17.60 6.48
CA GLY D 481 38.69 17.73 5.42
C GLY D 481 38.18 17.38 4.04
N PHE D 482 36.88 17.15 3.90
CA PHE D 482 36.29 16.80 2.61
C PHE D 482 36.03 18.07 1.80
N GLN D 483 37.10 18.84 1.60
CA GLN D 483 37.00 20.08 0.82
C GLN D 483 36.53 19.82 -0.61
N MET D 484 36.92 18.67 -1.19
CA MET D 484 36.54 18.40 -2.57
C MET D 484 35.04 18.25 -2.73
N ILE D 485 34.34 17.80 -1.69
CA ILE D 485 32.89 17.65 -1.76
C ILE D 485 32.21 19.02 -1.81
N LYS D 486 32.59 19.92 -0.91
CA LYS D 486 31.98 21.25 -0.89
C LYS D 486 32.34 22.04 -2.13
N ASP D 487 33.57 21.89 -2.62
CA ASP D 487 34.04 22.72 -3.72
C ASP D 487 33.58 22.22 -5.07
N GLU D 488 33.40 20.92 -5.24
CA GLU D 488 33.12 20.33 -6.55
C GLU D 488 31.71 19.80 -6.71
N LEU D 489 30.90 19.76 -5.65
CA LEU D 489 29.56 19.21 -5.78
C LEU D 489 28.72 20.07 -6.72
N LEU D 490 27.87 19.42 -7.51
CA LEU D 490 27.06 20.08 -8.52
C LEU D 490 25.64 20.34 -8.05
N ARG D 491 25.27 19.87 -6.86
CA ARG D 491 23.92 20.05 -6.34
C ARG D 491 23.90 19.66 -4.88
N HIS D 492 23.11 20.39 -4.11
CA HIS D 492 23.00 20.13 -2.67
C HIS D 492 21.58 20.48 -2.23
N ASP D 493 20.91 19.50 -1.62
CA ASP D 493 19.56 19.66 -1.08
C ASP D 493 19.56 19.18 0.37
N SER D 494 18.87 19.91 1.23
CA SER D 494 18.80 19.54 2.63
C SER D 494 17.75 18.47 2.86
N GLY D 495 18.07 17.50 3.74
CA GLY D 495 17.21 16.38 4.00
C GLY D 495 16.66 16.36 5.41
N ASP D 496 16.15 15.19 5.81
CA ASP D 496 15.50 15.03 7.10
C ASP D 496 16.55 14.94 8.21
N GLN D 497 16.10 15.08 9.45
CA GLN D 497 17.03 15.00 10.58
C GLN D 497 17.68 13.62 10.63
N ASP D 498 18.95 13.61 11.06
CA ASP D 498 19.71 12.36 11.09
C ASP D 498 19.07 11.32 12.00
N ILE D 499 18.82 11.67 13.26
CA ILE D 499 18.36 10.67 14.21
C ILE D 499 16.93 10.21 13.90
N ASN D 500 16.12 11.06 13.25
CA ASN D 500 14.77 10.62 12.89
C ASN D 500 14.79 9.65 11.71
N VAL D 501 15.72 9.85 10.78
CA VAL D 501 15.84 8.91 9.67
C VAL D 501 16.19 7.52 10.21
N VAL D 502 17.18 7.46 11.09
CA VAL D 502 17.55 6.17 11.64
C VAL D 502 16.44 5.65 12.56
N SER D 503 15.68 6.55 13.19
CA SER D 503 14.65 6.10 14.11
C SER D 503 13.46 5.51 13.38
N THR D 504 13.03 6.14 12.28
CA THR D 504 11.94 5.58 11.47
C THR D 504 12.33 4.25 10.83
N TYR D 505 13.61 4.09 10.47
CA TYR D 505 14.05 2.85 9.83
C TYR D 505 13.98 1.69 10.81
N ILE D 506 14.51 1.86 12.02
CA ILE D 506 14.49 0.77 13.00
C ILE D 506 13.05 0.35 13.28
N SER D 507 12.13 1.31 13.34
CA SER D 507 10.74 0.97 13.62
C SER D 507 10.13 0.17 12.48
N LYS D 508 10.48 0.48 11.24
CA LYS D 508 9.95 -0.29 10.11
C LYS D 508 10.49 -1.71 10.11
N MET D 509 11.77 -1.89 10.42
CA MET D 509 12.36 -3.22 10.39
C MET D 509 12.03 -4.03 11.63
N LYS D 510 11.62 -3.38 12.73
CA LYS D 510 11.22 -4.05 13.96
C LYS D 510 12.40 -4.76 14.60
N VAL D 511 13.03 -5.68 13.88
CA VAL D 511 14.23 -6.39 14.34
C VAL D 511 15.33 -6.21 13.31
N ILE D 512 16.48 -5.71 13.74
CA ILE D 512 17.59 -5.42 12.84
C ILE D 512 18.77 -6.30 13.21
N TYR D 513 19.64 -6.51 12.22
CA TYR D 513 20.83 -7.34 12.40
C TYR D 513 21.87 -6.98 11.34
N PRO D 514 22.33 -5.73 11.29
CA PRO D 514 23.33 -5.35 10.29
C PRO D 514 24.63 -6.11 10.47
N ALA D 515 25.29 -6.41 9.35
CA ALA D 515 26.51 -7.20 9.36
C ALA D 515 27.60 -6.50 8.58
N VAL D 516 28.83 -6.93 8.80
CA VAL D 516 29.98 -6.50 8.01
C VAL D 516 30.05 -7.39 6.78
N GLU D 517 29.73 -6.80 5.62
CA GLU D 517 29.42 -7.59 4.43
C GLU D 517 30.52 -7.57 3.37
N GLY D 518 31.53 -6.74 3.52
CA GLY D 518 32.54 -6.57 2.50
C GLY D 518 32.43 -5.29 1.72
N ARG D 519 31.61 -4.34 2.19
CA ARG D 519 31.51 -3.05 1.51
C ARG D 519 32.86 -2.34 1.46
N ILE D 520 33.72 -2.60 2.44
CA ILE D 520 35.06 -2.01 2.53
C ILE D 520 36.05 -3.15 2.70
N LYS D 521 37.03 -3.23 1.81
CA LYS D 521 38.05 -4.27 1.86
C LYS D 521 39.44 -3.64 1.77
N PHE D 522 40.42 -4.37 2.27
CA PHE D 522 41.81 -3.91 2.30
C PHE D 522 42.67 -4.89 1.54
N SER D 523 43.44 -4.38 0.58
CA SER D 523 44.33 -5.19 -0.26
C SER D 523 45.77 -5.13 0.26
ZN ZN E . -36.90 -13.18 -23.70
ZN ZN F . -36.51 -11.60 -27.08
N3 A1IVH G . -25.26 -7.17 -23.57
C4 A1IVH G . -25.65 -8.02 -24.54
C5 A1IVH G . -24.85 -8.99 -25.12
C6 A1IVH G . -23.50 -9.06 -24.70
C8 A1IVH G . -21.46 -9.21 -26.05
C10 A1IVH G . -21.31 -7.73 -28.07
C13 A1IVH G . -23.66 -8.74 -29.10
C15 A1IVH G . -22.41 -11.30 -25.15
C20 A1IVH G . -27.97 -7.14 -25.02
C21 A1IVH G . -29.32 -7.81 -24.71
C22 A1IVH G . -30.50 -6.87 -24.94
C24 A1IVH G . -33.03 -6.87 -25.36
C11 A1IVH G . -21.80 -7.24 -29.27
C12 A1IVH G . -22.98 -7.76 -29.78
C14 A1IVH G . -23.15 -9.22 -27.90
C18 A1IVH G . -26.75 -9.09 -26.07
C2 A1IVH G . -23.99 -7.35 -23.26
C23 A1IVH G . -31.85 -7.53 -24.68
C27 A1IVH G . -36.08 -8.92 -23.66
C9 A1IVH G . -21.98 -8.72 -27.37
N16 A1IVH G . -23.10 -8.21 -23.73
N17 A1IVH G . -25.58 -9.68 -26.10
N19 A1IVH G . -26.86 -8.09 -25.15
N7 A1IVH G . -22.53 -9.85 -25.25
O25 A1IVH G . -34.23 -7.62 -25.03
O29 A1IVH G . -37.39 -11.11 -24.46
O30 A1IVH G . -35.06 -11.42 -23.52
O31 A1IVH G . -35.37 -10.36 -25.79
O32 A1IVH G . -34.14 -7.43 -22.47
O33 A1IVH G . -35.94 -6.25 -23.93
P26 A1IVH G . -35.06 -7.43 -23.66
P28 A1IVH G . -35.96 -10.57 -24.41
CL1 A1IVH G . -23.37 -6.25 -22.04
H8B A1IVH G . -20.72 -9.81 -26.25
H8A A1IVH G . -21.06 -8.44 -25.60
H10 A1IVH G . -20.47 -7.36 -27.71
H13 A1IVH G . -24.50 -9.11 -29.46
H15A A1IVH G . -23.28 -11.72 -25.07
H15C A1IVH G . -21.88 -11.56 -24.37
H15B A1IVH G . -21.96 -11.67 -25.95
H20B A1IVH G . -28.03 -6.63 -25.85
H20A A1IVH G . -27.74 -6.51 -24.32
H21B A1IVH G . -29.32 -8.12 -23.79
H21A A1IVH G . -29.43 -8.60 -25.27
H22B A1IVH G . -30.50 -6.52 -25.85
H22A A1IVH G . -30.43 -6.08 -24.35
H24B A1IVH G . -32.91 -6.88 -26.33
H24A A1IVH G . -33.13 -5.95 -25.03
H11 A1IVH G . -21.32 -6.54 -29.75
H12 A1IVH G . -23.33 -7.41 -30.63
H14 A1IVH G . -23.65 -9.92 -27.43
H18 A1IVH G . -27.52 -9.33 -26.63
H23A A1IVH G . -32.00 -7.54 -23.72
H23B A1IVH G . -31.78 -8.46 -24.99
H27B A1IVH G . -36.96 -8.61 -23.98
H27A A1IVH G . -36.21 -9.14 -22.71
CL CL H . -42.55 -36.43 -24.52
ZN ZN I . -10.40 26.93 19.38
ZN ZN J . -12.60 27.72 22.55
N3 A1IVH K . -16.50 16.43 21.48
C4 A1IVH K . -16.05 17.20 22.48
C5 A1IVH K . -15.39 16.77 23.62
C6 A1IVH K . -15.20 15.38 23.72
C8 A1IVH K . -15.18 13.54 25.44
C10 A1IVH K . -17.28 12.63 26.45
C13 A1IVH K . -18.46 15.12 26.49
C15 A1IVH K . -13.46 15.34 25.44
C20 A1IVH K . -16.72 19.48 21.59
C21 A1IVH K . -15.76 20.46 20.93
C22 A1IVH K . -16.34 20.92 19.59
C24 A1IVH K . -16.89 23.36 19.97
C11 A1IVH K . -18.57 12.78 26.91
C12 A1IVH K . -19.17 14.02 26.93
C14 A1IVH K . -17.17 14.98 26.04
C18 A1IVH K . -15.46 18.89 23.72
C2 A1IVH K . -16.23 15.16 21.70
C23 A1IVH K . -16.08 22.36 19.20
C27 A1IVH K . -14.62 26.27 19.27
C9 A1IVH K . -16.56 13.74 26.01
N16 A1IVH K . -15.62 14.59 22.73
N17 A1IVH K . -15.03 17.85 24.40
N19 A1IVH K . -16.09 18.57 22.56
N7 A1IVH K . -14.63 14.75 24.79
O25 A1IVH K . -16.63 24.71 19.51
O29 A1IVH K . -13.57 26.45 21.72
O30 A1IVH K . -12.00 26.67 19.75
O31 A1IVH K . -12.99 24.41 20.32
O32 A1IVH K . -14.83 24.11 17.65
O33 A1IVH K . -16.50 26.03 17.33
P26 A1IVH K . -15.65 25.21 18.25
P28 A1IVH K . -13.19 25.91 20.35
CL1 A1IVH K . -16.72 14.07 20.44
H8B A1IVH K . -14.63 13.23 26.19
H8A A1IVH K . -15.25 12.79 24.83
H10 A1IVH K . -16.87 11.74 26.44
H13 A1IVH K . -18.88 16.01 26.50
H15A A1IVH K . -13.05 16.02 24.88
H15C A1IVH K . -12.78 14.65 25.62
H15B A1IVH K . -13.70 15.75 26.30
H20B A1IVH K . -17.43 19.96 22.07
H20A A1IVH K . -17.16 18.91 20.92
H21B A1IVH K . -14.88 20.04 20.78
H21A A1IVH K . -15.59 21.22 21.51
H22B A1IVH K . -17.31 20.80 19.59
H22A A1IVH K . -15.99 20.36 18.86
H24B A1IVH K . -16.65 23.32 20.92
H24A A1IVH K . -17.85 23.17 19.86
H11 A1IVH K . -19.06 11.98 27.21
H12 A1IVH K . -20.08 14.11 27.25
H14 A1IVH K . -16.68 15.78 25.74
H18 A1IVH K . -15.36 19.82 24.00
H23A A1IVH K . -16.27 22.47 18.24
H23B A1IVH K . -15.13 22.56 19.33
H27B A1IVH K . -15.24 26.72 19.88
H27A A1IVH K . -14.27 26.96 18.67
ZN ZN L . 9.53 -28.57 -17.22
ZN ZN M . 10.22 -32.40 -16.23
N3 A1IVH N . 10.45 -28.66 -5.41
C4 A1IVH N . 10.01 -29.56 -6.32
C5 A1IVH N . 8.91 -30.41 -6.14
C6 A1IVH N . 8.23 -30.30 -4.92
C8 A1IVH N . 7.13 -31.54 -3.09
C10 A1IVH N . 8.57 -32.47 -1.27
C13 A1IVH N . 10.27 -33.68 -3.07
C15 A1IVH N . 6.27 -31.70 -5.47
C20 A1IVH N . 11.71 -29.20 -8.14
C21 A1IVH N . 11.42 -28.44 -9.42
C22 A1IVH N . 12.66 -27.68 -9.93
C24 A1IVH N . 13.91 -29.32 -11.40
C11 A1IVH N . 9.67 -33.18 -0.82
C12 A1IVH N . 10.51 -33.78 -1.72
C14 A1IVH N . 9.16 -32.97 -3.52
C18 A1IVH N . 9.71 -30.80 -8.08
C2 A1IVH N . 9.72 -28.67 -4.31
C23 A1IVH N . 13.12 -28.03 -11.33
C27 A1IVH N . 12.97 -29.69 -14.97
C9 A1IVH N . 8.30 -32.36 -2.62
N16 A1IVH N . 8.65 -29.41 -4.00
N17 A1IVH N . 8.75 -31.17 -7.28
N19 A1IVH N . 10.51 -29.82 -7.54
N7 A1IVH N . 7.23 -31.14 -4.51
O25 A1IVH N . 14.35 -29.53 -12.76
O29 A1IVH N . 11.04 -31.53 -14.66
O30 A1IVH N . 10.58 -29.55 -16.17
O31 A1IVH N . 10.70 -29.23 -13.66
O32 A1IVH N . 13.34 -27.28 -13.79
O33 A1IVH N . 15.38 -28.49 -14.80
P26 A1IVH N . 14.07 -28.57 -14.09
P28 A1IVH N . 11.19 -30.02 -14.85
CL1 A1IVH N . 10.19 -27.52 -3.10
H8B A1IVH N . 6.34 -32.08 -2.89
H8A A1IVH N . 7.09 -30.77 -2.48
H10 A1IVH N . 7.96 -32.05 -0.62
H13 A1IVH N . 10.86 -34.10 -3.71
H15A A1IVH N . 6.24 -31.18 -6.29
H15C A1IVH N . 5.36 -31.71 -5.09
H15B A1IVH N . 6.49 -32.62 -5.70
H20B A1IVH N . 12.36 -29.92 -8.30
H20A A1IVH N . 12.09 -28.62 -7.47
H21B A1IVH N . 10.69 -27.80 -9.29
H21A A1IVH N . 11.11 -29.06 -10.12
H22B A1IVH N . 13.41 -27.84 -9.32
H22A A1IVH N . 12.48 -26.73 -9.92
H24B A1IVH N . 13.35 -30.07 -11.14
H24A A1IVH N . 14.70 -29.27 -10.82
H11 A1IVH N . 9.84 -33.25 0.15
H12 A1IVH N . 11.29 -34.28 -1.40
H14 A1IVH N . 9.00 -32.91 -4.48
H18 A1IVH N . 9.88 -31.15 -8.98
H23A A1IVH N . 13.67 -27.30 -11.66
H23B A1IVH N . 12.34 -28.11 -11.91
H27B A1IVH N . 13.37 -30.59 -14.86
H27A A1IVH N . 13.09 -29.48 -15.92
CA CA O . 11.14 -45.33 -40.53
CL CL P . -6.99 -26.32 -34.40
ZN ZN Q . 36.34 14.36 22.64
ZN ZN R . 37.76 17.50 21.06
N3 A1IVH S . 29.87 15.35 12.71
C4 A1IVH S . 29.97 16.59 13.21
C5 A1IVH S . 28.99 17.57 13.17
C6 A1IVH S . 27.78 17.21 12.50
C8 A1IVH S . 26.93 19.17 11.27
C10 A1IVH S . 28.47 21.15 11.04
C13 A1IVH S . 28.13 21.84 13.70
C15 A1IVH S . 25.39 17.90 12.76
C20 A1IVH S . 32.40 16.64 13.97
C21 A1IVH S . 32.97 16.79 15.38
C22 A1IVH S . 34.45 16.43 15.45
C24 A1IVH S . 36.16 14.67 15.89
C11 A1IVH S . 29.10 22.27 11.56
C12 A1IVH S . 28.93 22.61 12.88
C14 A1IVH S . 27.50 20.72 13.18
C18 A1IVH S . 30.66 18.43 14.15
C2 A1IVH S . 28.70 15.15 12.13
C23 A1IVH S . 34.71 15.04 15.96
C27 A1IVH S . 36.79 13.55 19.10
C9 A1IVH S . 27.67 20.36 11.85
N16 A1IVH S . 27.67 15.98 12.00
N17 A1IVH S . 29.44 18.74 13.77
N19 A1IVH S . 31.03 17.16 13.84
N7 A1IVH S . 26.74 18.07 12.24
O25 A1IVH S . 36.26 13.33 16.37
O29 A1IVH S . 37.30 15.13 21.19
O30 A1IVH S . 35.01 15.22 20.13
O31 A1IVH S . 36.99 16.21 18.92
O32 A1IVH S . 38.49 14.08 17.17
O33 A1IVH S . 37.73 11.65 17.44
P26 A1IVH S . 37.40 13.11 17.46
P28 A1IVH S . 36.51 15.15 19.89
CL1 A1IVH S . 28.46 13.56 11.48
H8B A1IVH S . 26.09 19.53 10.93
H8A A1IVH S . 27.45 18.91 10.49
H10 A1IVH S . 28.60 20.91 10.10
H13 A1IVH S . 28.00 22.08 14.64
H15A A1IVH S . 24.72 18.29 12.17
H15C A1IVH S . 25.17 16.95 12.86
H15B A1IVH S . 25.30 18.32 13.63
H20B A1IVH S . 32.96 17.10 13.31
H20A A1IVH S . 32.38 15.69 13.70
H21B A1IVH S . 32.47 16.22 16.00
H21A A1IVH S . 32.85 17.70 15.70
H22B A1IVH S . 34.92 17.06 16.03
H22A A1IVH S . 34.86 16.51 14.57
H24B A1IVH S . 36.69 15.27 16.47
H24A A1IVH S . 36.48 14.71 14.97
H11 A1IVH S . 29.67 22.82 10.97
H12 A1IVH S . 29.38 23.41 13.24
H14 A1IVH S . 26.94 20.18 13.77
H18 A1IVH S . 31.26 19.04 14.61
H23A A1IVH S . 34.19 14.42 15.42
H23B A1IVH S . 34.39 14.99 16.88
H27B A1IVH S . 37.38 13.09 19.74
H27A A1IVH S . 35.92 13.10 19.18
#